data_5ML4
# 
_entry.id   5ML4 
# 
_audit_conform.dict_name       mmcif_pdbx.dic 
_audit_conform.dict_version    5.383 
_audit_conform.dict_location   http://mmcif.pdb.org/dictionaries/ascii/mmcif_pdbx.dic 
# 
loop_
_database_2.database_id 
_database_2.database_code 
_database_2.pdbx_database_accession 
_database_2.pdbx_DOI 
PDB   5ML4         pdb_00005ml4 10.2210/pdb5ml4/pdb 
WWPDB D_1200002635 ?            ?                   
# 
loop_
_pdbx_audit_revision_history.ordinal 
_pdbx_audit_revision_history.data_content_type 
_pdbx_audit_revision_history.major_revision 
_pdbx_audit_revision_history.minor_revision 
_pdbx_audit_revision_history.revision_date 
1 'Structure model' 1 0 2017-02-01 
2 'Structure model' 1 1 2017-02-22 
3 'Structure model' 1 2 2024-01-17 
# 
_pdbx_audit_revision_details.ordinal             1 
_pdbx_audit_revision_details.revision_ordinal    1 
_pdbx_audit_revision_details.data_content_type   'Structure model' 
_pdbx_audit_revision_details.provider            repository 
_pdbx_audit_revision_details.type                'Initial release' 
_pdbx_audit_revision_details.description         ? 
_pdbx_audit_revision_details.details             ? 
# 
loop_
_pdbx_audit_revision_group.ordinal 
_pdbx_audit_revision_group.revision_ordinal 
_pdbx_audit_revision_group.data_content_type 
_pdbx_audit_revision_group.group 
1 2 'Structure model' 'Database references'        
2 3 'Structure model' 'Author supporting evidence' 
3 3 'Structure model' 'Data collection'            
4 3 'Structure model' 'Database references'        
5 3 'Structure model' 'Refinement description'     
# 
loop_
_pdbx_audit_revision_category.ordinal 
_pdbx_audit_revision_category.revision_ordinal 
_pdbx_audit_revision_category.data_content_type 
_pdbx_audit_revision_category.category 
1 3 'Structure model' chem_comp_atom                
2 3 'Structure model' chem_comp_bond                
3 3 'Structure model' database_2                    
4 3 'Structure model' pdbx_audit_support            
5 3 'Structure model' pdbx_initial_refinement_model 
# 
loop_
_pdbx_audit_revision_item.ordinal 
_pdbx_audit_revision_item.revision_ordinal 
_pdbx_audit_revision_item.data_content_type 
_pdbx_audit_revision_item.item 
1 3 'Structure model' '_database_2.pdbx_DOI'                     
2 3 'Structure model' '_database_2.pdbx_database_accession'      
3 3 'Structure model' '_pdbx_audit_support.funding_organization' 
# 
_pdbx_database_status.status_code                     REL 
_pdbx_database_status.status_code_sf                  REL 
_pdbx_database_status.status_code_mr                  ? 
_pdbx_database_status.entry_id                        5ML4 
_pdbx_database_status.recvd_initial_deposition_date   2016-12-06 
_pdbx_database_status.SG_entry                        N 
_pdbx_database_status.deposit_site                    PDBE 
_pdbx_database_status.process_site                    PDBE 
_pdbx_database_status.status_code_cs                  ? 
_pdbx_database_status.methods_development_category    ? 
_pdbx_database_status.pdb_format_compatible           Y 
_pdbx_database_status.status_code_nmr_data            ? 
# 
loop_
_audit_author.name 
_audit_author.pdbx_ordinal 
_audit_author.identifier_ORCID 
'Fansa, E.K.'      1 ? 
'Martin-Gago, P.'  2 ? 
'waldmann, H.'     3 ? 
'Wittinghofer, A.' 4 ? 
# 
_citation.abstract                  ? 
_citation.abstract_id_CAS           ? 
_citation.book_id_ISBN              ? 
_citation.book_publisher            ? 
_citation.book_publisher_city       ? 
_citation.book_title                ? 
_citation.coordinate_linkage        ? 
_citation.country                   GE 
_citation.database_id_Medline       ? 
_citation.details                   ? 
_citation.id                        primary 
_citation.journal_abbrev            'Angew. Chem. Int. Ed. Engl.' 
_citation.journal_id_ASTM           ACIEAY 
_citation.journal_id_CSD            0179 
_citation.journal_id_ISSN           1521-3773 
_citation.journal_full              ? 
_citation.journal_issue             ? 
_citation.journal_volume            56 
_citation.language                  ? 
_citation.page_first                2423 
_citation.page_last                 2428 
_citation.title                     
;A PDE6 delta-KRas Inhibitor Chemotype with up to Seven H-Bonds and Picomolar Affinity that Prevents Efficient Inhibitor Release by Arl2.
;
_citation.year                      2017 
_citation.database_id_CSD           ? 
_citation.pdbx_database_id_DOI      10.1002/anie.201610957 
_citation.pdbx_database_id_PubMed   28106325 
_citation.unpublished_flag          ? 
# 
loop_
_citation_author.citation_id 
_citation_author.name 
_citation_author.ordinal 
_citation_author.identifier_ORCID 
primary 'Martin-Gago, P.'        1  ? 
primary 'Fansa, E.K.'            2  ? 
primary 'Klein, C.H.'            3  ? 
primary 'Murarka, S.'            4  ? 
primary 'Janning, P.'            5  ? 
primary 'Schurmann, M.'          6  ? 
primary 'Metz, M.'               7  ? 
primary 'Ismail, S.'             8  ? 
primary 'Schultz-Fademrecht, C.' 9  ? 
primary 'Baumann, M.'            10 ? 
primary 'Bastiaens, P.I.'        11 ? 
primary 'Wittinghofer, A.'       12 ? 
primary 'Waldmann, H.'           13 ? 
# 
loop_
_entity.id 
_entity.type 
_entity.src_method 
_entity.pdbx_description 
_entity.formula_weight 
_entity.pdbx_number_of_molecules 
_entity.pdbx_ec 
_entity.pdbx_mutation 
_entity.pdbx_fragment 
_entity.details 
1 polymer     man 
;Retinal rod rhodopsin-sensitive cGMP 3',5'-cyclic phosphodiesterase subunit delta
;
17309.793 1  ? ? ? ? 
2 non-polymer syn 
;4-[[[4-[(4-chlorophenyl)methyl-cyclopentyl-sulfamoyl]phenyl]sulfonyl-(piperidin-4-ylmethyl)amino]methyl]-2-(methylamino)benzoic acid
;
689.285   1  ? ? ? ? 
3 water       nat water 18.015    63 ? ? ? ? 
# 
_entity_name_com.entity_id   1 
_entity_name_com.name        'GMP-PDE delta,Protein p17' 
# 
_entity_poly.entity_id                      1 
_entity_poly.type                           'polypeptide(L)' 
_entity_poly.nstd_linkage                   no 
_entity_poly.nstd_monomer                   no 
_entity_poly.pdbx_seq_one_letter_code       
;SAKDERAREILRGFKLNWMNLRDAETGKILWQGTEDLSVPGVEHEARVPKKILKCKAVSRELNFSSTEQMEKFRLEQKVY
FKGQCLEEWFFEFGFVIPNSTNTWQSLIEAAPESQMMPASVLTGNVIIETKFFDDDLLVSTSRVRLFYV
;
_entity_poly.pdbx_seq_one_letter_code_can   
;SAKDERAREILRGFKLNWMNLRDAETGKILWQGTEDLSVPGVEHEARVPKKILKCKAVSRELNFSSTEQMEKFRLEQKVY
FKGQCLEEWFFEFGFVIPNSTNTWQSLIEAAPESQMMPASVLTGNVIIETKFFDDDLLVSTSRVRLFYV
;
_entity_poly.pdbx_strand_id                 B 
_entity_poly.pdbx_target_identifier         ? 
# 
loop_
_pdbx_entity_nonpoly.entity_id 
_pdbx_entity_nonpoly.name 
_pdbx_entity_nonpoly.comp_id 
2 
;4-[[[4-[(4-chlorophenyl)methyl-cyclopentyl-sulfamoyl]phenyl]sulfonyl-(piperidin-4-ylmethyl)amino]methyl]-2-(methylamino)benzoic acid
;
RRQ 
3 water HOH 
# 
loop_
_entity_poly_seq.entity_id 
_entity_poly_seq.num 
_entity_poly_seq.mon_id 
_entity_poly_seq.hetero 
1 1   SER n 
1 2   ALA n 
1 3   LYS n 
1 4   ASP n 
1 5   GLU n 
1 6   ARG n 
1 7   ALA n 
1 8   ARG n 
1 9   GLU n 
1 10  ILE n 
1 11  LEU n 
1 12  ARG n 
1 13  GLY n 
1 14  PHE n 
1 15  LYS n 
1 16  LEU n 
1 17  ASN n 
1 18  TRP n 
1 19  MET n 
1 20  ASN n 
1 21  LEU n 
1 22  ARG n 
1 23  ASP n 
1 24  ALA n 
1 25  GLU n 
1 26  THR n 
1 27  GLY n 
1 28  LYS n 
1 29  ILE n 
1 30  LEU n 
1 31  TRP n 
1 32  GLN n 
1 33  GLY n 
1 34  THR n 
1 35  GLU n 
1 36  ASP n 
1 37  LEU n 
1 38  SER n 
1 39  VAL n 
1 40  PRO n 
1 41  GLY n 
1 42  VAL n 
1 43  GLU n 
1 44  HIS n 
1 45  GLU n 
1 46  ALA n 
1 47  ARG n 
1 48  VAL n 
1 49  PRO n 
1 50  LYS n 
1 51  LYS n 
1 52  ILE n 
1 53  LEU n 
1 54  LYS n 
1 55  CYS n 
1 56  LYS n 
1 57  ALA n 
1 58  VAL n 
1 59  SER n 
1 60  ARG n 
1 61  GLU n 
1 62  LEU n 
1 63  ASN n 
1 64  PHE n 
1 65  SER n 
1 66  SER n 
1 67  THR n 
1 68  GLU n 
1 69  GLN n 
1 70  MET n 
1 71  GLU n 
1 72  LYS n 
1 73  PHE n 
1 74  ARG n 
1 75  LEU n 
1 76  GLU n 
1 77  GLN n 
1 78  LYS n 
1 79  VAL n 
1 80  TYR n 
1 81  PHE n 
1 82  LYS n 
1 83  GLY n 
1 84  GLN n 
1 85  CYS n 
1 86  LEU n 
1 87  GLU n 
1 88  GLU n 
1 89  TRP n 
1 90  PHE n 
1 91  PHE n 
1 92  GLU n 
1 93  PHE n 
1 94  GLY n 
1 95  PHE n 
1 96  VAL n 
1 97  ILE n 
1 98  PRO n 
1 99  ASN n 
1 100 SER n 
1 101 THR n 
1 102 ASN n 
1 103 THR n 
1 104 TRP n 
1 105 GLN n 
1 106 SER n 
1 107 LEU n 
1 108 ILE n 
1 109 GLU n 
1 110 ALA n 
1 111 ALA n 
1 112 PRO n 
1 113 GLU n 
1 114 SER n 
1 115 GLN n 
1 116 MET n 
1 117 MET n 
1 118 PRO n 
1 119 ALA n 
1 120 SER n 
1 121 VAL n 
1 122 LEU n 
1 123 THR n 
1 124 GLY n 
1 125 ASN n 
1 126 VAL n 
1 127 ILE n 
1 128 ILE n 
1 129 GLU n 
1 130 THR n 
1 131 LYS n 
1 132 PHE n 
1 133 PHE n 
1 134 ASP n 
1 135 ASP n 
1 136 ASP n 
1 137 LEU n 
1 138 LEU n 
1 139 VAL n 
1 140 SER n 
1 141 THR n 
1 142 SER n 
1 143 ARG n 
1 144 VAL n 
1 145 ARG n 
1 146 LEU n 
1 147 PHE n 
1 148 TYR n 
1 149 VAL n 
# 
_entity_src_gen.entity_id                          1 
_entity_src_gen.pdbx_src_id                        1 
_entity_src_gen.pdbx_alt_source_flag               sample 
_entity_src_gen.pdbx_seq_type                      'Biological sequence' 
_entity_src_gen.pdbx_beg_seq_num                   1 
_entity_src_gen.pdbx_end_seq_num                   149 
_entity_src_gen.gene_src_common_name               Human 
_entity_src_gen.gene_src_genus                     ? 
_entity_src_gen.pdbx_gene_src_gene                 'PDE6D, PDED' 
_entity_src_gen.gene_src_species                   ? 
_entity_src_gen.gene_src_strain                    ? 
_entity_src_gen.gene_src_tissue                    ? 
_entity_src_gen.gene_src_tissue_fraction           ? 
_entity_src_gen.gene_src_details                   ? 
_entity_src_gen.pdbx_gene_src_fragment             ? 
_entity_src_gen.pdbx_gene_src_scientific_name      'Homo sapiens' 
_entity_src_gen.pdbx_gene_src_ncbi_taxonomy_id     9606 
_entity_src_gen.pdbx_gene_src_variant              ? 
_entity_src_gen.pdbx_gene_src_cell_line            ? 
_entity_src_gen.pdbx_gene_src_atcc                 ? 
_entity_src_gen.pdbx_gene_src_organ                ? 
_entity_src_gen.pdbx_gene_src_organelle            ? 
_entity_src_gen.pdbx_gene_src_cell                 ? 
_entity_src_gen.pdbx_gene_src_cellular_location    ? 
_entity_src_gen.host_org_common_name               ? 
_entity_src_gen.pdbx_host_org_scientific_name      'Escherichia coli' 
_entity_src_gen.pdbx_host_org_ncbi_taxonomy_id     562 
_entity_src_gen.host_org_genus                     ? 
_entity_src_gen.pdbx_host_org_gene                 ? 
_entity_src_gen.pdbx_host_org_organ                ? 
_entity_src_gen.host_org_species                   ? 
_entity_src_gen.pdbx_host_org_tissue               ? 
_entity_src_gen.pdbx_host_org_tissue_fraction      ? 
_entity_src_gen.pdbx_host_org_strain               ? 
_entity_src_gen.pdbx_host_org_variant              ? 
_entity_src_gen.pdbx_host_org_cell_line            ? 
_entity_src_gen.pdbx_host_org_atcc                 ? 
_entity_src_gen.pdbx_host_org_culture_collection   ? 
_entity_src_gen.pdbx_host_org_cell                 ? 
_entity_src_gen.pdbx_host_org_organelle            ? 
_entity_src_gen.pdbx_host_org_cellular_location    ? 
_entity_src_gen.pdbx_host_org_vector_type          ? 
_entity_src_gen.pdbx_host_org_vector               ? 
_entity_src_gen.host_org_details                   ? 
_entity_src_gen.expression_system_id               ? 
_entity_src_gen.plasmid_name                       ? 
_entity_src_gen.plasmid_details                    ? 
_entity_src_gen.pdbx_description                   ? 
# 
loop_
_chem_comp.id 
_chem_comp.type 
_chem_comp.mon_nstd_flag 
_chem_comp.name 
_chem_comp.pdbx_synonyms 
_chem_comp.formula 
_chem_comp.formula_weight 
ALA 'L-peptide linking' y ALANINE ? 'C3 H7 N O2'          89.093  
ARG 'L-peptide linking' y ARGININE ? 'C6 H15 N4 O2 1'      175.209 
ASN 'L-peptide linking' y ASPARAGINE ? 'C4 H8 N2 O3'         132.118 
ASP 'L-peptide linking' y 'ASPARTIC ACID' ? 'C4 H7 N O4'          133.103 
CYS 'L-peptide linking' y CYSTEINE ? 'C3 H7 N O2 S'        121.158 
GLN 'L-peptide linking' y GLUTAMINE ? 'C5 H10 N2 O3'        146.144 
GLU 'L-peptide linking' y 'GLUTAMIC ACID' ? 'C5 H9 N O4'          147.129 
GLY 'peptide linking'   y GLYCINE ? 'C2 H5 N O2'          75.067  
HIS 'L-peptide linking' y HISTIDINE ? 'C6 H10 N3 O2 1'      156.162 
HOH non-polymer         . WATER ? 'H2 O'                18.015  
ILE 'L-peptide linking' y ISOLEUCINE ? 'C6 H13 N O2'         131.173 
LEU 'L-peptide linking' y LEUCINE ? 'C6 H13 N O2'         131.173 
LYS 'L-peptide linking' y LYSINE ? 'C6 H15 N2 O2 1'      147.195 
MET 'L-peptide linking' y METHIONINE ? 'C5 H11 N O2 S'       149.211 
PHE 'L-peptide linking' y PHENYLALANINE ? 'C9 H11 N O2'         165.189 
PRO 'L-peptide linking' y PROLINE ? 'C5 H9 N O2'          115.130 
RRQ non-polymer         . 
;4-[[[4-[(4-chlorophenyl)methyl-cyclopentyl-sulfamoyl]phenyl]sulfonyl-(piperidin-4-ylmethyl)amino]methyl]-2-(methylamino)benzoic acid
;
? 'C33 H41 Cl N4 O6 S2' 689.285 
SER 'L-peptide linking' y SERINE ? 'C3 H7 N O3'          105.093 
THR 'L-peptide linking' y THREONINE ? 'C4 H9 N O3'          119.119 
TRP 'L-peptide linking' y TRYPTOPHAN ? 'C11 H12 N2 O2'       204.225 
TYR 'L-peptide linking' y TYROSINE ? 'C9 H11 N O3'         181.189 
VAL 'L-peptide linking' y VALINE ? 'C5 H11 N O2'         117.146 
# 
loop_
_pdbx_poly_seq_scheme.asym_id 
_pdbx_poly_seq_scheme.entity_id 
_pdbx_poly_seq_scheme.seq_id 
_pdbx_poly_seq_scheme.mon_id 
_pdbx_poly_seq_scheme.ndb_seq_num 
_pdbx_poly_seq_scheme.pdb_seq_num 
_pdbx_poly_seq_scheme.auth_seq_num 
_pdbx_poly_seq_scheme.pdb_mon_id 
_pdbx_poly_seq_scheme.auth_mon_id 
_pdbx_poly_seq_scheme.pdb_strand_id 
_pdbx_poly_seq_scheme.pdb_ins_code 
_pdbx_poly_seq_scheme.hetero 
A 1 1   SER 1   2   2   SER SER B . n 
A 1 2   ALA 2   3   3   ALA ALA B . n 
A 1 3   LYS 3   4   4   LYS LYS B . n 
A 1 4   ASP 4   5   5   ASP ASP B . n 
A 1 5   GLU 5   6   6   GLU GLU B . n 
A 1 6   ARG 6   7   7   ARG ARG B . n 
A 1 7   ALA 7   8   8   ALA ALA B . n 
A 1 8   ARG 8   9   9   ARG ARG B . n 
A 1 9   GLU 9   10  10  GLU GLU B . n 
A 1 10  ILE 10  11  11  ILE ILE B . n 
A 1 11  LEU 11  12  12  LEU LEU B . n 
A 1 12  ARG 12  13  13  ARG ARG B . n 
A 1 13  GLY 13  14  14  GLY GLY B . n 
A 1 14  PHE 14  15  15  PHE PHE B . n 
A 1 15  LYS 15  16  16  LYS LYS B . n 
A 1 16  LEU 16  17  17  LEU LEU B . n 
A 1 17  ASN 17  18  18  ASN ASN B . n 
A 1 18  TRP 18  19  19  TRP TRP B . n 
A 1 19  MET 19  20  20  MET MET B . n 
A 1 20  ASN 20  21  21  ASN ASN B . n 
A 1 21  LEU 21  22  22  LEU LEU B . n 
A 1 22  ARG 22  23  23  ARG ARG B . n 
A 1 23  ASP 23  24  24  ASP ASP B . n 
A 1 24  ALA 24  25  25  ALA ALA B . n 
A 1 25  GLU 25  26  26  GLU ALA B . n 
A 1 26  THR 26  27  27  THR THR B . n 
A 1 27  GLY 27  28  28  GLY GLY B . n 
A 1 28  LYS 28  29  29  LYS LYS B . n 
A 1 29  ILE 29  30  30  ILE ILE B . n 
A 1 30  LEU 30  31  31  LEU LEU B . n 
A 1 31  TRP 31  32  32  TRP TRP B . n 
A 1 32  GLN 32  33  33  GLN GLN B . n 
A 1 33  GLY 33  34  34  GLY GLY B . n 
A 1 34  THR 34  35  35  THR THR B . n 
A 1 35  GLU 35  36  36  GLU GLU B . n 
A 1 36  ASP 36  37  37  ASP ASP B . n 
A 1 37  LEU 37  38  38  LEU LEU B . n 
A 1 38  SER 38  39  39  SER SER B . n 
A 1 39  VAL 39  40  40  VAL VAL B . n 
A 1 40  PRO 40  41  41  PRO PRO B . n 
A 1 41  GLY 41  42  42  GLY GLY B . n 
A 1 42  VAL 42  43  43  VAL VAL B . n 
A 1 43  GLU 43  44  44  GLU GLU B . n 
A 1 44  HIS 44  45  45  HIS HIS B . n 
A 1 45  GLU 45  46  46  GLU GLU B . n 
A 1 46  ALA 46  47  47  ALA ALA B . n 
A 1 47  ARG 47  48  48  ARG ARG B . n 
A 1 48  VAL 48  49  49  VAL VAL B . n 
A 1 49  PRO 49  50  50  PRO PRO B . n 
A 1 50  LYS 50  51  51  LYS LYS B . n 
A 1 51  LYS 51  52  52  LYS LYS B . n 
A 1 52  ILE 52  53  53  ILE ILE B . n 
A 1 53  LEU 53  54  54  LEU LEU B . n 
A 1 54  LYS 54  55  55  LYS LYS B . n 
A 1 55  CYS 55  56  56  CYS CYS B . n 
A 1 56  LYS 56  57  57  LYS LYS B . n 
A 1 57  ALA 57  58  58  ALA ALA B . n 
A 1 58  VAL 58  59  59  VAL VAL B . n 
A 1 59  SER 59  60  60  SER SER B . n 
A 1 60  ARG 60  61  61  ARG ARG B . n 
A 1 61  GLU 61  62  62  GLU GLU B . n 
A 1 62  LEU 62  63  63  LEU LEU B . n 
A 1 63  ASN 63  64  64  ASN ASN B . n 
A 1 64  PHE 64  65  65  PHE PHE B . n 
A 1 65  SER 65  66  66  SER SER B . n 
A 1 66  SER 66  67  67  SER SER B . n 
A 1 67  THR 67  68  68  THR THR B . n 
A 1 68  GLU 68  69  69  GLU GLU B . n 
A 1 69  GLN 69  70  70  GLN GLN B . n 
A 1 70  MET 70  71  71  MET MET B . n 
A 1 71  GLU 71  72  72  GLU GLU B . n 
A 1 72  LYS 72  73  73  LYS LYS B . n 
A 1 73  PHE 73  74  74  PHE PHE B . n 
A 1 74  ARG 74  75  75  ARG ARG B . n 
A 1 75  LEU 75  76  76  LEU LEU B . n 
A 1 76  GLU 76  77  77  GLU GLU B . n 
A 1 77  GLN 77  78  78  GLN GLN B . n 
A 1 78  LYS 78  79  79  LYS LYS B . n 
A 1 79  VAL 79  80  80  VAL VAL B . n 
A 1 80  TYR 80  81  81  TYR TYR B . n 
A 1 81  PHE 81  82  82  PHE PHE B . n 
A 1 82  LYS 82  83  83  LYS LYS B . n 
A 1 83  GLY 83  84  84  GLY GLY B . n 
A 1 84  GLN 84  85  85  GLN GLN B . n 
A 1 85  CYS 85  86  86  CYS CYS B . n 
A 1 86  LEU 86  87  87  LEU LEU B . n 
A 1 87  GLU 87  88  88  GLU GLU B . n 
A 1 88  GLU 88  89  89  GLU GLU B . n 
A 1 89  TRP 89  90  90  TRP TRP B . n 
A 1 90  PHE 90  91  91  PHE PHE B . n 
A 1 91  PHE 91  92  92  PHE PHE B . n 
A 1 92  GLU 92  93  93  GLU GLU B . n 
A 1 93  PHE 93  94  94  PHE PHE B . n 
A 1 94  GLY 94  95  95  GLY GLY B . n 
A 1 95  PHE 95  96  96  PHE PHE B . n 
A 1 96  VAL 96  97  97  VAL VAL B . n 
A 1 97  ILE 97  98  98  ILE ILE B . n 
A 1 98  PRO 98  99  99  PRO PRO B . n 
A 1 99  ASN 99  100 100 ASN ASN B . n 
A 1 100 SER 100 101 101 SER SER B . n 
A 1 101 THR 101 102 102 THR THR B . n 
A 1 102 ASN 102 103 103 ASN ASN B . n 
A 1 103 THR 103 104 104 THR THR B . n 
A 1 104 TRP 104 105 105 TRP TRP B . n 
A 1 105 GLN 105 106 106 GLN GLN B . n 
A 1 106 SER 106 107 107 SER SER B . n 
A 1 107 LEU 107 108 108 LEU LEU B . n 
A 1 108 ILE 108 109 109 ILE ILE B . n 
A 1 109 GLU 109 110 110 GLU GLU B . n 
A 1 110 ALA 110 111 111 ALA ALA B . n 
A 1 111 ALA 111 112 112 ALA ALA B . n 
A 1 112 PRO 112 113 113 PRO PRO B . n 
A 1 113 GLU 113 114 114 GLU GLN B . n 
A 1 114 SER 114 115 115 SER SER B . n 
A 1 115 GLN 115 116 116 GLN GLN B . n 
A 1 116 MET 116 117 117 MET MET B . n 
A 1 117 MET 117 118 118 MET MET B . n 
A 1 118 PRO 118 119 119 PRO PRO B . n 
A 1 119 ALA 119 120 120 ALA ALA B . n 
A 1 120 SER 120 121 121 SER SER B . n 
A 1 121 VAL 121 122 122 VAL VAL B . n 
A 1 122 LEU 122 123 123 LEU LEU B . n 
A 1 123 THR 123 124 124 THR THR B . n 
A 1 124 GLY 124 125 125 GLY GLY B . n 
A 1 125 ASN 125 126 126 ASN ASN B . n 
A 1 126 VAL 126 127 127 VAL VAL B . n 
A 1 127 ILE 127 128 128 ILE ILE B . n 
A 1 128 ILE 128 129 129 ILE ILE B . n 
A 1 129 GLU 129 130 130 GLU GLU B . n 
A 1 130 THR 130 131 131 THR THR B . n 
A 1 131 LYS 131 132 132 LYS LYS B . n 
A 1 132 PHE 132 133 133 PHE PHE B . n 
A 1 133 PHE 133 134 134 PHE PHE B . n 
A 1 134 ASP 134 135 135 ASP ASP B . n 
A 1 135 ASP 135 136 136 ASP ASP B . n 
A 1 136 ASP 136 137 137 ASP ASP B . n 
A 1 137 LEU 137 138 138 LEU LEU B . n 
A 1 138 LEU 138 139 139 LEU LEU B . n 
A 1 139 VAL 139 140 140 VAL VAL B . n 
A 1 140 SER 140 141 141 SER SER B . n 
A 1 141 THR 141 142 142 THR THR B . n 
A 1 142 SER 142 143 143 SER SER B . n 
A 1 143 ARG 143 144 144 ARG ARG B . n 
A 1 144 VAL 144 145 145 VAL VAL B . n 
A 1 145 ARG 145 146 146 ARG ARG B . n 
A 1 146 LEU 146 147 147 LEU LEU B . n 
A 1 147 PHE 147 148 148 PHE PHE B . n 
A 1 148 TYR 148 149 149 TYR TYR B . n 
A 1 149 VAL 149 150 150 VAL VAL B . n 
# 
loop_
_pdbx_nonpoly_scheme.asym_id 
_pdbx_nonpoly_scheme.entity_id 
_pdbx_nonpoly_scheme.mon_id 
_pdbx_nonpoly_scheme.ndb_seq_num 
_pdbx_nonpoly_scheme.pdb_seq_num 
_pdbx_nonpoly_scheme.auth_seq_num 
_pdbx_nonpoly_scheme.pdb_mon_id 
_pdbx_nonpoly_scheme.auth_mon_id 
_pdbx_nonpoly_scheme.pdb_strand_id 
_pdbx_nonpoly_scheme.pdb_ins_code 
B 2 RRQ 1  201 1  RRQ DRG B . 
C 3 HOH 1  301 20 HOH HOH B . 
C 3 HOH 2  302 61 HOH HOH B . 
C 3 HOH 3  303 73 HOH HOH B . 
C 3 HOH 4  304 18 HOH HOH B . 
C 3 HOH 5  305 11 HOH HOH B . 
C 3 HOH 6  306 1  HOH HOH B . 
C 3 HOH 7  307 24 HOH HOH B . 
C 3 HOH 8  308 7  HOH HOH B . 
C 3 HOH 9  309 33 HOH HOH B . 
C 3 HOH 10 310 6  HOH HOH B . 
C 3 HOH 11 311 19 HOH HOH B . 
C 3 HOH 12 312 8  HOH HOH B . 
C 3 HOH 13 313 17 HOH HOH B . 
C 3 HOH 14 314 13 HOH HOH B . 
C 3 HOH 15 315 63 HOH HOH B . 
C 3 HOH 16 316 46 HOH HOH B . 
C 3 HOH 17 317 44 HOH HOH B . 
C 3 HOH 18 318 55 HOH HOH B . 
C 3 HOH 19 319 68 HOH HOH B . 
C 3 HOH 20 320 14 HOH HOH B . 
C 3 HOH 21 321 3  HOH HOH B . 
C 3 HOH 22 322 38 HOH HOH B . 
C 3 HOH 23 323 60 HOH HOH B . 
C 3 HOH 24 324 36 HOH HOH B . 
C 3 HOH 25 325 66 HOH HOH B . 
C 3 HOH 26 326 9  HOH HOH B . 
C 3 HOH 27 327 65 HOH HOH B . 
C 3 HOH 28 328 67 HOH HOH B . 
C 3 HOH 29 329 21 HOH HOH B . 
C 3 HOH 30 330 2  HOH HOH B . 
C 3 HOH 31 331 53 HOH HOH B . 
C 3 HOH 32 332 4  HOH HOH B . 
C 3 HOH 33 333 15 HOH HOH B . 
C 3 HOH 34 334 50 HOH HOH B . 
C 3 HOH 35 335 10 HOH HOH B . 
C 3 HOH 36 336 23 HOH HOH B . 
C 3 HOH 37 337 47 HOH HOH B . 
C 3 HOH 38 338 22 HOH HOH B . 
C 3 HOH 39 339 72 HOH HOH B . 
C 3 HOH 40 340 49 HOH HOH B . 
C 3 HOH 41 341 57 HOH HOH B . 
C 3 HOH 42 342 34 HOH HOH B . 
C 3 HOH 43 343 5  HOH HOH B . 
C 3 HOH 44 344 43 HOH HOH B . 
C 3 HOH 45 345 25 HOH HOH B . 
C 3 HOH 46 346 37 HOH HOH B . 
C 3 HOH 47 347 35 HOH HOH B . 
C 3 HOH 48 348 16 HOH HOH B . 
C 3 HOH 49 349 48 HOH HOH B . 
C 3 HOH 50 350 54 HOH HOH B . 
C 3 HOH 51 351 70 HOH HOH B . 
C 3 HOH 52 352 71 HOH HOH B . 
C 3 HOH 53 353 30 HOH HOH B . 
C 3 HOH 54 354 41 HOH HOH B . 
C 3 HOH 55 355 62 HOH HOH B . 
C 3 HOH 56 356 64 HOH HOH B . 
C 3 HOH 57 357 58 HOH HOH B . 
C 3 HOH 58 358 59 HOH HOH B . 
C 3 HOH 59 359 27 HOH HOH B . 
C 3 HOH 60 360 52 HOH HOH B . 
C 3 HOH 61 361 56 HOH HOH B . 
C 3 HOH 62 362 69 HOH HOH B . 
C 3 HOH 63 363 32 HOH HOH B . 
# 
loop_
_pdbx_unobs_or_zero_occ_atoms.id 
_pdbx_unobs_or_zero_occ_atoms.PDB_model_num 
_pdbx_unobs_or_zero_occ_atoms.polymer_flag 
_pdbx_unobs_or_zero_occ_atoms.occupancy_flag 
_pdbx_unobs_or_zero_occ_atoms.auth_asym_id 
_pdbx_unobs_or_zero_occ_atoms.auth_comp_id 
_pdbx_unobs_or_zero_occ_atoms.auth_seq_id 
_pdbx_unobs_or_zero_occ_atoms.PDB_ins_code 
_pdbx_unobs_or_zero_occ_atoms.auth_atom_id 
_pdbx_unobs_or_zero_occ_atoms.label_alt_id 
_pdbx_unobs_or_zero_occ_atoms.label_asym_id 
_pdbx_unobs_or_zero_occ_atoms.label_comp_id 
_pdbx_unobs_or_zero_occ_atoms.label_seq_id 
_pdbx_unobs_or_zero_occ_atoms.label_atom_id 
1  1 Y 1 B GLU 10  ? CG  ? A GLU 9   CG  
2  1 Y 1 B GLU 10  ? CD  ? A GLU 9   CD  
3  1 Y 1 B GLU 10  ? OE1 ? A GLU 9   OE1 
4  1 Y 1 B GLU 10  ? OE2 ? A GLU 9   OE2 
5  1 Y 1 B GLU 26  ? CG  ? A GLU 25  CG  
6  1 Y 1 B GLU 26  ? CD  ? A GLU 25  CD  
7  1 Y 1 B GLU 26  ? OE1 ? A GLU 25  OE1 
8  1 Y 1 B GLU 26  ? OE2 ? A GLU 25  OE2 
9  1 Y 1 B GLU 114 ? CG  ? A GLU 113 CG  
10 1 Y 1 B GLU 114 ? CD  ? A GLU 113 CD  
11 1 Y 1 B GLU 114 ? OE1 ? A GLU 113 OE1 
12 1 Y 1 B GLU 114 ? OE2 ? A GLU 113 OE2 
13 1 Y 1 B SER 115 ? OG  ? A SER 114 OG  
14 1 Y 1 B GLN 116 ? CG  ? A GLN 115 CG  
15 1 Y 1 B GLN 116 ? CD  ? A GLN 115 CD  
16 1 Y 1 B GLN 116 ? OE1 ? A GLN 115 OE1 
17 1 Y 1 B GLN 116 ? NE2 ? A GLN 115 NE2 
# 
loop_
_software.citation_id 
_software.classification 
_software.compiler_name 
_software.compiler_version 
_software.contact_author 
_software.contact_author_email 
_software.date 
_software.description 
_software.dependencies 
_software.hardware 
_software.language 
_software.location 
_software.mods 
_software.name 
_software.os 
_software.os_version 
_software.type 
_software.version 
_software.pdbx_ordinal 
? 'data scaling'    ? ? ? ? ? ? ? ? ? ? ? XSCALE      ? ? ? .        1 
? refinement        ? ? ? ? ? ? ? ? ? ? ? REFMAC      ? ? ? 5.7.0032 2 
? 'data extraction' ? ? ? ? ? ? ? ? ? ? ? PDB_EXTRACT ? ? ? 3.22     3 
? 'data reduction'  ? ? ? ? ? ? ? ? ? ? ? XDS         ? ? ? .        4 
? phasing           ? ? ? ? ? ? ? ? ? ? ? MOLREP      ? ? ? .        5 
# 
_cell.angle_alpha                  90.000 
_cell.angle_alpha_esd              ? 
_cell.angle_beta                   90.000 
_cell.angle_beta_esd               ? 
_cell.angle_gamma                  120.000 
_cell.angle_gamma_esd              ? 
_cell.entry_id                     5ML4 
_cell.details                      ? 
_cell.formula_units_Z              ? 
_cell.length_a                     55.950 
_cell.length_a_esd                 ? 
_cell.length_b                     55.950 
_cell.length_b_esd                 ? 
_cell.length_c                     115.300 
_cell.length_c_esd                 ? 
_cell.volume                       ? 
_cell.volume_esd                   ? 
_cell.Z_PDB                        6 
_cell.reciprocal_angle_alpha       ? 
_cell.reciprocal_angle_beta        ? 
_cell.reciprocal_angle_gamma       ? 
_cell.reciprocal_angle_alpha_esd   ? 
_cell.reciprocal_angle_beta_esd    ? 
_cell.reciprocal_angle_gamma_esd   ? 
_cell.reciprocal_length_a          ? 
_cell.reciprocal_length_b          ? 
_cell.reciprocal_length_c          ? 
_cell.reciprocal_length_a_esd      ? 
_cell.reciprocal_length_b_esd      ? 
_cell.reciprocal_length_c_esd      ? 
_cell.pdbx_unique_axis             ? 
# 
_symmetry.entry_id                         5ML4 
_symmetry.cell_setting                     ? 
_symmetry.Int_Tables_number                154 
_symmetry.space_group_name_Hall            ? 
_symmetry.space_group_name_H-M             'P 32 2 1' 
_symmetry.pdbx_full_space_group_name_H-M   ? 
# 
_exptl.absorpt_coefficient_mu     ? 
_exptl.absorpt_correction_T_max   ? 
_exptl.absorpt_correction_T_min   ? 
_exptl.absorpt_correction_type    ? 
_exptl.absorpt_process_details    ? 
_exptl.entry_id                   5ML4 
_exptl.crystals_number            1 
_exptl.details                    ? 
_exptl.method                     'X-RAY DIFFRACTION' 
_exptl.method_details             ? 
# 
_exptl_crystal.colour                      ? 
_exptl_crystal.density_diffrn              ? 
_exptl_crystal.density_Matthews            3.02 
_exptl_crystal.density_method              ? 
_exptl_crystal.density_percent_sol         59.27 
_exptl_crystal.description                 ? 
_exptl_crystal.F_000                       ? 
_exptl_crystal.id                          1 
_exptl_crystal.preparation                 ? 
_exptl_crystal.size_max                    ? 
_exptl_crystal.size_mid                    ? 
_exptl_crystal.size_min                    ? 
_exptl_crystal.size_rad                    ? 
_exptl_crystal.colour_lustre               ? 
_exptl_crystal.colour_modifier             ? 
_exptl_crystal.colour_primary              ? 
_exptl_crystal.density_meas                ? 
_exptl_crystal.density_meas_esd            ? 
_exptl_crystal.density_meas_gt             ? 
_exptl_crystal.density_meas_lt             ? 
_exptl_crystal.density_meas_temp           ? 
_exptl_crystal.density_meas_temp_esd       ? 
_exptl_crystal.density_meas_temp_gt        ? 
_exptl_crystal.density_meas_temp_lt        ? 
_exptl_crystal.pdbx_crystal_image_url      ? 
_exptl_crystal.pdbx_crystal_image_format   ? 
_exptl_crystal.pdbx_mosaicity              ? 
_exptl_crystal.pdbx_mosaicity_esd          ? 
# 
_exptl_crystal_grow.apparatus       ? 
_exptl_crystal_grow.atmosphere      ? 
_exptl_crystal_grow.crystal_id      1 
_exptl_crystal_grow.details         ? 
_exptl_crystal_grow.method          'VAPOR DIFFUSION' 
_exptl_crystal_grow.method_ref      ? 
_exptl_crystal_grow.pH              ? 
_exptl_crystal_grow.pressure        ? 
_exptl_crystal_grow.pressure_esd    ? 
_exptl_crystal_grow.seeding         ? 
_exptl_crystal_grow.seeding_ref     ? 
_exptl_crystal_grow.temp            293 
_exptl_crystal_grow.temp_details    ? 
_exptl_crystal_grow.temp_esd        ? 
_exptl_crystal_grow.time            ? 
_exptl_crystal_grow.pdbx_details    '1.4 M NaOAc, 0.1 M NaCAC, pH 6.8' 
_exptl_crystal_grow.pdbx_pH_range   ? 
# 
_diffrn.ambient_environment    ? 
_diffrn.ambient_temp           100 
_diffrn.ambient_temp_details   ? 
_diffrn.ambient_temp_esd       ? 
_diffrn.crystal_id             1 
_diffrn.crystal_support        ? 
_diffrn.crystal_treatment      ? 
_diffrn.details                ? 
_diffrn.id                     1 
_diffrn.ambient_pressure       ? 
_diffrn.ambient_pressure_esd   ? 
_diffrn.ambient_pressure_gt    ? 
_diffrn.ambient_pressure_lt    ? 
_diffrn.ambient_temp_gt        ? 
_diffrn.ambient_temp_lt        ? 
# 
_diffrn_detector.details                      ? 
_diffrn_detector.detector                     'IMAGE PLATE' 
_diffrn_detector.diffrn_id                    1 
_diffrn_detector.type                         'MAR scanner 345 mm plate' 
_diffrn_detector.area_resol_mean              ? 
_diffrn_detector.dtime                        ? 
_diffrn_detector.pdbx_frames_total            ? 
_diffrn_detector.pdbx_collection_time_total   ? 
_diffrn_detector.pdbx_collection_date         2015-03-06 
# 
_diffrn_radiation.collimation                      ? 
_diffrn_radiation.diffrn_id                        1 
_diffrn_radiation.filter_edge                      ? 
_diffrn_radiation.inhomogeneity                    ? 
_diffrn_radiation.monochromator                    ? 
_diffrn_radiation.polarisn_norm                    ? 
_diffrn_radiation.polarisn_ratio                   ? 
_diffrn_radiation.probe                            ? 
_diffrn_radiation.type                             ? 
_diffrn_radiation.xray_symbol                      ? 
_diffrn_radiation.wavelength_id                    1 
_diffrn_radiation.pdbx_monochromatic_or_laue_m_l   M 
_diffrn_radiation.pdbx_wavelength_list             ? 
_diffrn_radiation.pdbx_wavelength                  ? 
_diffrn_radiation.pdbx_diffrn_protocol             'SINGLE WAVELENGTH' 
_diffrn_radiation.pdbx_analyzer                    ? 
_diffrn_radiation.pdbx_scattering_type             x-ray 
# 
_diffrn_radiation_wavelength.id           1 
_diffrn_radiation_wavelength.wavelength   1.54179 
_diffrn_radiation_wavelength.wt           1.0 
# 
_diffrn_source.current                     ? 
_diffrn_source.details                     ? 
_diffrn_source.diffrn_id                   1 
_diffrn_source.power                       ? 
_diffrn_source.size                        ? 
_diffrn_source.source                      'ROTATING ANODE' 
_diffrn_source.target                      ? 
_diffrn_source.type                        'ENRAF-NONIUS FR571' 
_diffrn_source.voltage                     ? 
_diffrn_source.take-off_angle              ? 
_diffrn_source.pdbx_wavelength_list        1.54179 
_diffrn_source.pdbx_wavelength             ? 
_diffrn_source.pdbx_synchrotron_beamline   ? 
_diffrn_source.pdbx_synchrotron_site       ? 
# 
_reflns.B_iso_Wilson_estimate            ? 
_reflns.entry_id                         5ML4 
_reflns.data_reduction_details           ? 
_reflns.data_reduction_method            ? 
_reflns.d_resolution_high                2.4 
_reflns.d_resolution_low                 27.980 
_reflns.details                          ? 
_reflns.limit_h_max                      ? 
_reflns.limit_h_min                      ? 
_reflns.limit_k_max                      ? 
_reflns.limit_k_min                      ? 
_reflns.limit_l_max                      ? 
_reflns.limit_l_min                      ? 
_reflns.number_all                       ? 
_reflns.number_obs                       8200 
_reflns.observed_criterion               ? 
_reflns.observed_criterion_F_max         ? 
_reflns.observed_criterion_F_min         ? 
_reflns.observed_criterion_I_max         ? 
_reflns.observed_criterion_I_min         ? 
_reflns.observed_criterion_sigma_F       ? 
_reflns.observed_criterion_sigma_I       ? 
_reflns.percent_possible_obs             99.9 
_reflns.R_free_details                   ? 
_reflns.Rmerge_F_all                     ? 
_reflns.Rmerge_F_obs                     ? 
_reflns.Friedel_coverage                 ? 
_reflns.number_gt                        ? 
_reflns.threshold_expression             ? 
_reflns.pdbx_redundancy                  11.0 
_reflns.pdbx_Rmerge_I_obs                0.161 
_reflns.pdbx_Rmerge_I_all                ? 
_reflns.pdbx_Rsym_value                  ? 
_reflns.pdbx_netI_over_av_sigmaI         ? 
_reflns.pdbx_netI_over_sigmaI            17.1 
_reflns.pdbx_res_netI_over_av_sigmaI_2   ? 
_reflns.pdbx_res_netI_over_sigmaI_2      ? 
_reflns.pdbx_chi_squared                 ? 
_reflns.pdbx_scaling_rejects             ? 
_reflns.pdbx_d_res_high_opt              ? 
_reflns.pdbx_d_res_low_opt               ? 
_reflns.pdbx_d_res_opt_method            ? 
_reflns.phase_calculation_details        ? 
_reflns.pdbx_Rrim_I_all                  ? 
_reflns.pdbx_Rpim_I_all                  ? 
_reflns.pdbx_d_opt                       ? 
_reflns.pdbx_number_measured_all         ? 
_reflns.pdbx_diffrn_id                   1 
_reflns.pdbx_ordinal                     1 
_reflns.pdbx_CC_half                     ? 
_reflns.pdbx_R_split                     ? 
# 
_reflns_shell.d_res_high                  2.4 
_reflns_shell.d_res_low                   2.5 
_reflns_shell.meanI_over_sigI_all         ? 
_reflns_shell.meanI_over_sigI_obs         3.6 
_reflns_shell.number_measured_all         ? 
_reflns_shell.number_measured_obs         ? 
_reflns_shell.number_possible             ? 
_reflns_shell.number_unique_all           ? 
_reflns_shell.number_unique_obs           ? 
_reflns_shell.percent_possible_all        99.9 
_reflns_shell.percent_possible_obs        ? 
_reflns_shell.Rmerge_F_all                ? 
_reflns_shell.Rmerge_F_obs                ? 
_reflns_shell.Rmerge_I_all                ? 
_reflns_shell.Rmerge_I_obs                0.85 
_reflns_shell.meanI_over_sigI_gt          ? 
_reflns_shell.meanI_over_uI_all           ? 
_reflns_shell.meanI_over_uI_gt            ? 
_reflns_shell.number_measured_gt          ? 
_reflns_shell.number_unique_gt            ? 
_reflns_shell.percent_possible_gt         ? 
_reflns_shell.Rmerge_F_gt                 ? 
_reflns_shell.Rmerge_I_gt                 ? 
_reflns_shell.pdbx_redundancy             11.1 
_reflns_shell.pdbx_Rsym_value             ? 
_reflns_shell.pdbx_chi_squared            ? 
_reflns_shell.pdbx_netI_over_sigmaI_all   ? 
_reflns_shell.pdbx_netI_over_sigmaI_obs   ? 
_reflns_shell.pdbx_Rrim_I_all             ? 
_reflns_shell.pdbx_Rpim_I_all             ? 
_reflns_shell.pdbx_rejects                ? 
_reflns_shell.pdbx_ordinal                1 
_reflns_shell.pdbx_diffrn_id              1 
_reflns_shell.pdbx_CC_half                ? 
_reflns_shell.pdbx_R_split                ? 
# 
_refine.aniso_B[1][1]                            0.4800 
_refine.aniso_B[1][2]                            0.4800 
_refine.aniso_B[1][3]                            -0.0000 
_refine.aniso_B[2][2]                            0.4800 
_refine.aniso_B[2][3]                            -0.0000 
_refine.aniso_B[3][3]                            -1.5500 
_refine.B_iso_max                                70.940 
_refine.B_iso_mean                               28.1030 
_refine.B_iso_min                                11.830 
_refine.correlation_coeff_Fo_to_Fc               0.9430 
_refine.correlation_coeff_Fo_to_Fc_free          0.8990 
_refine.details                                  
'HYDROGENS HAVE BEEN ADDED IN THE RIDING POSITIONS U VALUES      : REFINED INDIVIDUALLY' 
_refine.diff_density_max                         ? 
_refine.diff_density_max_esd                     ? 
_refine.diff_density_min                         ? 
_refine.diff_density_min_esd                     ? 
_refine.diff_density_rms                         ? 
_refine.diff_density_rms_esd                     ? 
_refine.entry_id                                 5ML4 
_refine.pdbx_refine_id                           'X-RAY DIFFRACTION' 
_refine.ls_abs_structure_details                 ? 
_refine.ls_abs_structure_Flack                   ? 
_refine.ls_abs_structure_Flack_esd               ? 
_refine.ls_abs_structure_Rogers                  ? 
_refine.ls_abs_structure_Rogers_esd              ? 
_refine.ls_d_res_high                            2.4000 
_refine.ls_d_res_low                             27.9800 
_refine.ls_extinction_coef                       ? 
_refine.ls_extinction_coef_esd                   ? 
_refine.ls_extinction_expression                 ? 
_refine.ls_extinction_method                     ? 
_refine.ls_goodness_of_fit_all                   ? 
_refine.ls_goodness_of_fit_all_esd               ? 
_refine.ls_goodness_of_fit_obs                   ? 
_refine.ls_goodness_of_fit_obs_esd               ? 
_refine.ls_hydrogen_treatment                    ? 
_refine.ls_matrix_type                           ? 
_refine.ls_number_constraints                    ? 
_refine.ls_number_parameters                     ? 
_refine.ls_number_reflns_all                     ? 
_refine.ls_number_reflns_obs                     8200 
_refine.ls_number_reflns_R_free                  432 
_refine.ls_number_reflns_R_work                  ? 
_refine.ls_number_restraints                     ? 
_refine.ls_percent_reflns_obs                    99.8700 
_refine.ls_percent_reflns_R_free                 5.0000 
_refine.ls_R_factor_all                          ? 
_refine.ls_R_factor_obs                          0.1886 
_refine.ls_R_factor_R_free                       0.2540 
_refine.ls_R_factor_R_free_error                 ? 
_refine.ls_R_factor_R_free_error_details         ? 
_refine.ls_R_factor_R_work                       0.1853 
_refine.ls_R_Fsqd_factor_obs                     ? 
_refine.ls_R_I_factor_obs                        ? 
_refine.ls_redundancy_reflns_all                 ? 
_refine.ls_redundancy_reflns_obs                 ? 
_refine.ls_restrained_S_all                      ? 
_refine.ls_restrained_S_obs                      ? 
_refine.ls_shift_over_esd_max                    ? 
_refine.ls_shift_over_esd_mean                   ? 
_refine.ls_structure_factor_coef                 ? 
_refine.ls_weighting_details                     ? 
_refine.ls_weighting_scheme                      ? 
_refine.ls_wR_factor_all                         ? 
_refine.ls_wR_factor_obs                         ? 
_refine.ls_wR_factor_R_free                      ? 
_refine.ls_wR_factor_R_work                      ? 
_refine.occupancy_max                            ? 
_refine.occupancy_min                            ? 
_refine.solvent_model_details                    ? 
_refine.solvent_model_param_bsol                 ? 
_refine.solvent_model_param_ksol                 ? 
_refine.ls_R_factor_gt                           ? 
_refine.ls_goodness_of_fit_gt                    ? 
_refine.ls_goodness_of_fit_ref                   ? 
_refine.ls_shift_over_su_max                     ? 
_refine.ls_shift_over_su_max_lt                  ? 
_refine.ls_shift_over_su_mean                    ? 
_refine.ls_shift_over_su_mean_lt                 ? 
_refine.pdbx_ls_sigma_I                          ? 
_refine.pdbx_ls_sigma_F                          0.000 
_refine.pdbx_ls_sigma_Fsqd                       ? 
_refine.pdbx_data_cutoff_high_absF               ? 
_refine.pdbx_data_cutoff_high_rms_absF           ? 
_refine.pdbx_data_cutoff_low_absF                ? 
_refine.pdbx_isotropic_thermal_model             ? 
_refine.pdbx_ls_cross_valid_method               THROUGHOUT 
_refine.pdbx_method_to_determine_struct          'MOLECULAR REPLACEMENT' 
_refine.pdbx_starting_model                      3T5G 
_refine.pdbx_stereochemistry_target_values       ? 
_refine.pdbx_R_Free_selection_details            RANDOM 
_refine.pdbx_stereochem_target_val_spec_case     ? 
_refine.pdbx_overall_ESU_R                       0.3010 
_refine.pdbx_overall_ESU_R_Free                  0.2480 
_refine.pdbx_solvent_vdw_probe_radii             1.2000 
_refine.pdbx_solvent_ion_probe_radii             0.8000 
_refine.pdbx_solvent_shrinkage_radii             0.8000 
_refine.pdbx_real_space_R                        ? 
_refine.pdbx_density_correlation                 ? 
_refine.pdbx_pd_number_of_powder_patterns        ? 
_refine.pdbx_pd_number_of_points                 ? 
_refine.pdbx_pd_meas_number_of_points            ? 
_refine.pdbx_pd_proc_ls_prof_R_factor            ? 
_refine.pdbx_pd_proc_ls_prof_wR_factor           ? 
_refine.pdbx_pd_Marquardt_correlation_coeff      ? 
_refine.pdbx_pd_Fsqrd_R_factor                   ? 
_refine.pdbx_pd_ls_matrix_band_width             ? 
_refine.pdbx_overall_phase_error                 ? 
_refine.pdbx_overall_SU_R_free_Cruickshank_DPI   ? 
_refine.pdbx_overall_SU_R_free_Blow_DPI          ? 
_refine.pdbx_overall_SU_R_Blow_DPI               ? 
_refine.pdbx_TLS_residual_ADP_flag               ? 
_refine.pdbx_diffrn_id                           1 
_refine.overall_SU_B                             6.7500 
_refine.overall_SU_ML                            0.1610 
_refine.overall_SU_R_Cruickshank_DPI             ? 
_refine.overall_SU_R_free                        ? 
_refine.overall_FOM_free_R_set                   ? 
_refine.overall_FOM_work_R_set                   ? 
_refine.pdbx_average_fsc_overall                 ? 
_refine.pdbx_average_fsc_work                    ? 
_refine.pdbx_average_fsc_free                    ? 
# 
_refine_hist.cycle_id                         final 
_refine_hist.pdbx_refine_id                   'X-RAY DIFFRACTION' 
_refine_hist.d_res_high                       2.4000 
_refine_hist.d_res_low                        27.9800 
_refine_hist.pdbx_number_atoms_ligand         46 
_refine_hist.number_atoms_solvent             63 
_refine_hist.number_atoms_total               1309 
_refine_hist.pdbx_number_residues_total       149 
_refine_hist.pdbx_B_iso_mean_ligand           33.15 
_refine_hist.pdbx_B_iso_mean_solvent          30.45 
_refine_hist.pdbx_number_atoms_protein        1200 
_refine_hist.pdbx_number_atoms_nucleic_acid   0 
# 
loop_
_refine_ls_restr.pdbx_refine_id 
_refine_ls_restr.criterion 
_refine_ls_restr.dev_ideal 
_refine_ls_restr.dev_ideal_target 
_refine_ls_restr.number 
_refine_ls_restr.rejects 
_refine_ls_restr.type 
_refine_ls_restr.weight 
_refine_ls_restr.pdbx_restraint_function 
'X-RAY DIFFRACTION' ? 0.013  0.020  1276 ? r_bond_refined_d       ? ? 
'X-RAY DIFFRACTION' ? 0.003  0.020  1219 ? r_bond_other_d         ? ? 
'X-RAY DIFFRACTION' ? 1.466  1.991  1726 ? r_angle_refined_deg    ? ? 
'X-RAY DIFFRACTION' ? 0.919  3.013  2801 ? r_angle_other_deg      ? ? 
'X-RAY DIFFRACTION' ? 6.463  5.000  148  ? r_dihedral_angle_1_deg ? ? 
'X-RAY DIFFRACTION' ? 44.377 23.684 57   ? r_dihedral_angle_2_deg ? ? 
'X-RAY DIFFRACTION' ? 13.812 15.000 222  ? r_dihedral_angle_3_deg ? ? 
'X-RAY DIFFRACTION' ? 12.010 15.000 9    ? r_dihedral_angle_4_deg ? ? 
'X-RAY DIFFRACTION' ? 0.094  0.200  188  ? r_chiral_restr         ? ? 
'X-RAY DIFFRACTION' ? 0.005  0.020  1399 ? r_gen_planes_refined   ? ? 
'X-RAY DIFFRACTION' ? 0.001  0.020  304  ? r_gen_planes_other     ? ? 
# 
_refine_ls_shell.pdbx_refine_id                   'X-RAY DIFFRACTION' 
_refine_ls_shell.d_res_high                       2.4000 
_refine_ls_shell.d_res_low                        2.4620 
_refine_ls_shell.number_reflns_all                627 
_refine_ls_shell.number_reflns_obs                ? 
_refine_ls_shell.number_reflns_R_free             31 
_refine_ls_shell.number_reflns_R_work             596 
_refine_ls_shell.percent_reflns_obs               100.0000 
_refine_ls_shell.percent_reflns_R_free            ? 
_refine_ls_shell.R_factor_all                     ? 
_refine_ls_shell.R_factor_obs                     ? 
_refine_ls_shell.R_factor_R_free                  0.3330 
_refine_ls_shell.R_factor_R_free_error            0.0000 
_refine_ls_shell.R_factor_R_work                  0.2020 
_refine_ls_shell.redundancy_reflns_all            ? 
_refine_ls_shell.redundancy_reflns_obs            ? 
_refine_ls_shell.wR_factor_all                    ? 
_refine_ls_shell.wR_factor_obs                    ? 
_refine_ls_shell.wR_factor_R_free                 ? 
_refine_ls_shell.wR_factor_R_work                 ? 
_refine_ls_shell.pdbx_total_number_of_bins_used   20 
_refine_ls_shell.pdbx_phase_error                 ? 
_refine_ls_shell.pdbx_fsc_work                    ? 
_refine_ls_shell.pdbx_fsc_free                    ? 
# 
_struct.entry_id                     5ML4 
_struct.title                        'The crystal structure of PDE6D in complex to inhibitor-7' 
_struct.pdbx_model_details           ? 
_struct.pdbx_formula_weight          ? 
_struct.pdbx_formula_weight_method   ? 
_struct.pdbx_model_type_details      ? 
_struct.pdbx_CASP_flag               N 
# 
_struct_keywords.entry_id        5ML4 
_struct_keywords.text            'Prenyl binding protein, farnesylated KRas, Plasmam membrane, Arl2, Lipid binding protein' 
_struct_keywords.pdbx_keywords   'LIPID BINDING PROTEIN' 
# 
loop_
_struct_asym.id 
_struct_asym.pdbx_blank_PDB_chainid_flag 
_struct_asym.pdbx_modified 
_struct_asym.entity_id 
_struct_asym.details 
A N N 1 ? 
B N N 2 ? 
C N N 3 ? 
# 
_struct_ref.id                         1 
_struct_ref.db_name                    UNP 
_struct_ref.db_code                    PDE6D_HUMAN 
_struct_ref.pdbx_db_accession          O43924 
_struct_ref.pdbx_db_isoform            ? 
_struct_ref.entity_id                  1 
_struct_ref.pdbx_seq_one_letter_code   
;SAKDERAREILRGFKLNWMNLRDAETGKILWQGTEDLSVPGVEHEARVPKKILKCKAVSRELNFSSTEQMEKFRLEQKVY
FKGQCLEEWFFEFGFVIPNSTNTWQSLIEAAPESQMMPASVLTGNVIIETKFFDDDLLVSTSRVRLFYV
;
_struct_ref.pdbx_align_begin           2 
# 
_struct_ref_seq.align_id                      1 
_struct_ref_seq.ref_id                        1 
_struct_ref_seq.pdbx_PDB_id_code              5ML4 
_struct_ref_seq.pdbx_strand_id                B 
_struct_ref_seq.seq_align_beg                 1 
_struct_ref_seq.pdbx_seq_align_beg_ins_code   ? 
_struct_ref_seq.seq_align_end                 149 
_struct_ref_seq.pdbx_seq_align_end_ins_code   ? 
_struct_ref_seq.pdbx_db_accession             O43924 
_struct_ref_seq.db_align_beg                  2 
_struct_ref_seq.pdbx_db_align_beg_ins_code    ? 
_struct_ref_seq.db_align_end                  150 
_struct_ref_seq.pdbx_db_align_end_ins_code    ? 
_struct_ref_seq.pdbx_auth_seq_align_beg       2 
_struct_ref_seq.pdbx_auth_seq_align_end       150 
# 
_pdbx_struct_assembly.id                   1 
_pdbx_struct_assembly.details              author_and_software_defined_assembly 
_pdbx_struct_assembly.method_details       PISA 
_pdbx_struct_assembly.oligomeric_details   monomeric 
_pdbx_struct_assembly.oligomeric_count     1 
# 
loop_
_pdbx_struct_assembly_prop.biol_id 
_pdbx_struct_assembly_prop.type 
_pdbx_struct_assembly_prop.value 
_pdbx_struct_assembly_prop.details 
1 'ABSA (A^2)' 0    ? 
1 MORE         0    ? 
1 'SSA (A^2)'  8040 ? 
# 
_pdbx_struct_assembly_gen.assembly_id       1 
_pdbx_struct_assembly_gen.oper_expression   1 
_pdbx_struct_assembly_gen.asym_id_list      A,B,C 
# 
_pdbx_struct_oper_list.id                   1 
_pdbx_struct_oper_list.type                 'identity operation' 
_pdbx_struct_oper_list.name                 1_555 
_pdbx_struct_oper_list.symmetry_operation   x,y,z 
_pdbx_struct_oper_list.matrix[1][1]         1.0000000000 
_pdbx_struct_oper_list.matrix[1][2]         0.0000000000 
_pdbx_struct_oper_list.matrix[1][3]         0.0000000000 
_pdbx_struct_oper_list.vector[1]            0.0000000000 
_pdbx_struct_oper_list.matrix[2][1]         0.0000000000 
_pdbx_struct_oper_list.matrix[2][2]         1.0000000000 
_pdbx_struct_oper_list.matrix[2][3]         0.0000000000 
_pdbx_struct_oper_list.vector[2]            0.0000000000 
_pdbx_struct_oper_list.matrix[3][1]         0.0000000000 
_pdbx_struct_oper_list.matrix[3][2]         0.0000000000 
_pdbx_struct_oper_list.matrix[3][3]         1.0000000000 
_pdbx_struct_oper_list.vector[3]            0.0000000000 
# 
loop_
_struct_conf.conf_type_id 
_struct_conf.id 
_struct_conf.pdbx_PDB_helix_id 
_struct_conf.beg_label_comp_id 
_struct_conf.beg_label_asym_id 
_struct_conf.beg_label_seq_id 
_struct_conf.pdbx_beg_PDB_ins_code 
_struct_conf.end_label_comp_id 
_struct_conf.end_label_asym_id 
_struct_conf.end_label_seq_id 
_struct_conf.pdbx_end_PDB_ins_code 
_struct_conf.beg_auth_comp_id 
_struct_conf.beg_auth_asym_id 
_struct_conf.beg_auth_seq_id 
_struct_conf.end_auth_comp_id 
_struct_conf.end_auth_asym_id 
_struct_conf.end_auth_seq_id 
_struct_conf.pdbx_PDB_helix_class 
_struct_conf.details 
_struct_conf.pdbx_PDB_helix_length 
HELX_P HELX_P1 AA1 SER A 1   ? GLY A 13  ? SER B 2   GLY B 14  1 ? 13 
HELX_P HELX_P2 AA2 LYS A 51  ? CYS A 55  ? LYS B 52  CYS B 56  5 ? 5  
HELX_P HELX_P3 AA3 PRO A 118 ? THR A 123 ? PRO B 119 THR B 124 1 ? 6  
# 
_struct_conf_type.id          HELX_P 
_struct_conf_type.criteria    ? 
_struct_conf_type.reference   ? 
# 
loop_
_struct_sheet.id 
_struct_sheet.type 
_struct_sheet.number_strands 
_struct_sheet.details 
AA1 ? 4 ? 
AA2 ? 5 ? 
# 
loop_
_struct_sheet_order.sheet_id 
_struct_sheet_order.range_id_1 
_struct_sheet_order.range_id_2 
_struct_sheet_order.offset 
_struct_sheet_order.sense 
AA1 1 2 ? anti-parallel 
AA1 2 3 ? anti-parallel 
AA1 3 4 ? anti-parallel 
AA2 1 2 ? parallel      
AA2 2 3 ? anti-parallel 
AA2 3 4 ? anti-parallel 
AA2 4 5 ? anti-parallel 
# 
loop_
_struct_sheet_range.sheet_id 
_struct_sheet_range.id 
_struct_sheet_range.beg_label_comp_id 
_struct_sheet_range.beg_label_asym_id 
_struct_sheet_range.beg_label_seq_id 
_struct_sheet_range.pdbx_beg_PDB_ins_code 
_struct_sheet_range.end_label_comp_id 
_struct_sheet_range.end_label_asym_id 
_struct_sheet_range.end_label_seq_id 
_struct_sheet_range.pdbx_end_PDB_ins_code 
_struct_sheet_range.beg_auth_comp_id 
_struct_sheet_range.beg_auth_asym_id 
_struct_sheet_range.beg_auth_seq_id 
_struct_sheet_range.end_auth_comp_id 
_struct_sheet_range.end_auth_asym_id 
_struct_sheet_range.end_auth_seq_id 
AA1 1 ILE A 29  ? GLY A 33  ? ILE B 30  GLY B 34  
AA1 2 PHE A 14  ? ASP A 23  ? PHE B 15  ASP B 24  
AA1 3 ALA A 57  ? SER A 66  ? ALA B 58  SER B 67  
AA1 4 SER A 100 ? GLU A 109 ? SER B 101 GLU B 110 
AA2 1 GLU A 43  ? PRO A 49  ? GLU B 44  PRO B 50  
AA2 2 LEU A 137 ? VAL A 149 ? LEU B 138 VAL B 150 
AA2 3 VAL A 126 ? ASP A 134 ? VAL B 127 ASP B 135 
AA2 4 MET A 70  ? PHE A 81  ? MET B 71  PHE B 82  
AA2 5 GLN A 84  ? VAL A 96  ? GLN B 85  VAL B 97  
# 
loop_
_pdbx_struct_sheet_hbond.sheet_id 
_pdbx_struct_sheet_hbond.range_id_1 
_pdbx_struct_sheet_hbond.range_id_2 
_pdbx_struct_sheet_hbond.range_1_label_atom_id 
_pdbx_struct_sheet_hbond.range_1_label_comp_id 
_pdbx_struct_sheet_hbond.range_1_label_asym_id 
_pdbx_struct_sheet_hbond.range_1_label_seq_id 
_pdbx_struct_sheet_hbond.range_1_PDB_ins_code 
_pdbx_struct_sheet_hbond.range_1_auth_atom_id 
_pdbx_struct_sheet_hbond.range_1_auth_comp_id 
_pdbx_struct_sheet_hbond.range_1_auth_asym_id 
_pdbx_struct_sheet_hbond.range_1_auth_seq_id 
_pdbx_struct_sheet_hbond.range_2_label_atom_id 
_pdbx_struct_sheet_hbond.range_2_label_comp_id 
_pdbx_struct_sheet_hbond.range_2_label_asym_id 
_pdbx_struct_sheet_hbond.range_2_label_seq_id 
_pdbx_struct_sheet_hbond.range_2_PDB_ins_code 
_pdbx_struct_sheet_hbond.range_2_auth_atom_id 
_pdbx_struct_sheet_hbond.range_2_auth_comp_id 
_pdbx_struct_sheet_hbond.range_2_auth_asym_id 
_pdbx_struct_sheet_hbond.range_2_auth_seq_id 
AA1 1 2 O GLY A 33  ? O GLY B 34  N MET A 19  ? N MET B 20  
AA1 2 3 N TRP A 18  ? N TRP B 19  O ASN A 63  ? O ASN B 64  
AA1 3 4 N PHE A 64  ? N PHE B 65  O ASN A 102 ? O ASN B 103 
AA2 1 2 N VAL A 48  ? N VAL B 49  O VAL A 149 ? O VAL B 150 
AA2 2 3 O VAL A 139 ? O VAL B 140 N PHE A 132 ? N PHE B 133 
AA2 3 4 O LYS A 131 ? O LYS B 132 N GLU A 76  ? N GLU B 77  
AA2 4 5 N VAL A 79  ? N VAL B 80  O LEU A 86  ? O LEU B 87  
# 
_struct_site.id                   AC1 
_struct_site.pdbx_evidence_code   Software 
_struct_site.pdbx_auth_asym_id    B 
_struct_site.pdbx_auth_comp_id    RRQ 
_struct_site.pdbx_auth_seq_id     201 
_struct_site.pdbx_auth_ins_code   ? 
_struct_site.pdbx_num_residues    19 
_struct_site.details              'binding site for residue RRQ B 201' 
# 
loop_
_struct_site_gen.id 
_struct_site_gen.site_id 
_struct_site_gen.pdbx_num_res 
_struct_site_gen.label_comp_id 
_struct_site_gen.label_asym_id 
_struct_site_gen.label_seq_id 
_struct_site_gen.pdbx_auth_ins_code 
_struct_site_gen.auth_comp_id 
_struct_site_gen.auth_asym_id 
_struct_site_gen.auth_seq_id 
_struct_site_gen.label_atom_id 
_struct_site_gen.label_alt_id 
_struct_site_gen.symmetry 
_struct_site_gen.details 
1  AC1 19 MET A 19  ? MET B 20  . ? 1_555 ? 
2  AC1 19 LEU A 21  ? LEU B 22  . ? 1_555 ? 
3  AC1 19 TRP A 31  ? TRP B 32  . ? 1_555 ? 
4  AC1 19 VAL A 48  ? VAL B 49  . ? 1_555 ? 
5  AC1 19 ILE A 52  ? ILE B 53  . ? 1_555 ? 
6  AC1 19 LEU A 53  ? LEU B 54  . ? 1_555 ? 
7  AC1 19 CYS A 55  ? CYS B 56  . ? 1_555 ? 
8  AC1 19 ARG A 60  ? ARG B 61  . ? 1_555 ? 
9  AC1 19 GLN A 77  ? GLN B 78  . ? 1_555 ? 
10 AC1 19 GLU A 87  ? GLU B 88  . ? 1_555 ? 
11 AC1 19 TRP A 89  ? TRP B 90  . ? 1_555 ? 
12 AC1 19 ILE A 108 ? ILE B 109 . ? 1_555 ? 
13 AC1 19 MET A 116 ? MET B 117 . ? 1_555 ? 
14 AC1 19 MET A 117 ? MET B 118 . ? 1_555 ? 
15 AC1 19 LEU A 122 ? LEU B 123 . ? 1_555 ? 
16 AC1 19 THR A 130 ? THR B 131 . ? 1_555 ? 
17 AC1 19 PHE A 132 ? PHE B 133 . ? 1_555 ? 
18 AC1 19 VAL A 144 ? VAL B 145 . ? 1_555 ? 
19 AC1 19 TYR A 148 ? TYR B 149 . ? 1_555 ? 
# 
_pdbx_validate_torsion.id              1 
_pdbx_validate_torsion.PDB_model_num   1 
_pdbx_validate_torsion.auth_comp_id    ASP 
_pdbx_validate_torsion.auth_asym_id    B 
_pdbx_validate_torsion.auth_seq_id     136 
_pdbx_validate_torsion.PDB_ins_code    ? 
_pdbx_validate_torsion.label_alt_id    ? 
_pdbx_validate_torsion.phi             57.90 
_pdbx_validate_torsion.psi             -109.99 
# 
loop_
_chem_comp_atom.comp_id 
_chem_comp_atom.atom_id 
_chem_comp_atom.type_symbol 
_chem_comp_atom.pdbx_aromatic_flag 
_chem_comp_atom.pdbx_stereo_config 
_chem_comp_atom.pdbx_ordinal 
ALA N    N  N N 1   
ALA CA   C  N S 2   
ALA C    C  N N 3   
ALA O    O  N N 4   
ALA CB   C  N N 5   
ALA OXT  O  N N 6   
ALA H    H  N N 7   
ALA H2   H  N N 8   
ALA HA   H  N N 9   
ALA HB1  H  N N 10  
ALA HB2  H  N N 11  
ALA HB3  H  N N 12  
ALA HXT  H  N N 13  
ARG N    N  N N 14  
ARG CA   C  N S 15  
ARG C    C  N N 16  
ARG O    O  N N 17  
ARG CB   C  N N 18  
ARG CG   C  N N 19  
ARG CD   C  N N 20  
ARG NE   N  N N 21  
ARG CZ   C  N N 22  
ARG NH1  N  N N 23  
ARG NH2  N  N N 24  
ARG OXT  O  N N 25  
ARG H    H  N N 26  
ARG H2   H  N N 27  
ARG HA   H  N N 28  
ARG HB2  H  N N 29  
ARG HB3  H  N N 30  
ARG HG2  H  N N 31  
ARG HG3  H  N N 32  
ARG HD2  H  N N 33  
ARG HD3  H  N N 34  
ARG HE   H  N N 35  
ARG HH11 H  N N 36  
ARG HH12 H  N N 37  
ARG HH21 H  N N 38  
ARG HH22 H  N N 39  
ARG HXT  H  N N 40  
ASN N    N  N N 41  
ASN CA   C  N S 42  
ASN C    C  N N 43  
ASN O    O  N N 44  
ASN CB   C  N N 45  
ASN CG   C  N N 46  
ASN OD1  O  N N 47  
ASN ND2  N  N N 48  
ASN OXT  O  N N 49  
ASN H    H  N N 50  
ASN H2   H  N N 51  
ASN HA   H  N N 52  
ASN HB2  H  N N 53  
ASN HB3  H  N N 54  
ASN HD21 H  N N 55  
ASN HD22 H  N N 56  
ASN HXT  H  N N 57  
ASP N    N  N N 58  
ASP CA   C  N S 59  
ASP C    C  N N 60  
ASP O    O  N N 61  
ASP CB   C  N N 62  
ASP CG   C  N N 63  
ASP OD1  O  N N 64  
ASP OD2  O  N N 65  
ASP OXT  O  N N 66  
ASP H    H  N N 67  
ASP H2   H  N N 68  
ASP HA   H  N N 69  
ASP HB2  H  N N 70  
ASP HB3  H  N N 71  
ASP HD2  H  N N 72  
ASP HXT  H  N N 73  
CYS N    N  N N 74  
CYS CA   C  N R 75  
CYS C    C  N N 76  
CYS O    O  N N 77  
CYS CB   C  N N 78  
CYS SG   S  N N 79  
CYS OXT  O  N N 80  
CYS H    H  N N 81  
CYS H2   H  N N 82  
CYS HA   H  N N 83  
CYS HB2  H  N N 84  
CYS HB3  H  N N 85  
CYS HG   H  N N 86  
CYS HXT  H  N N 87  
GLN N    N  N N 88  
GLN CA   C  N S 89  
GLN C    C  N N 90  
GLN O    O  N N 91  
GLN CB   C  N N 92  
GLN CG   C  N N 93  
GLN CD   C  N N 94  
GLN OE1  O  N N 95  
GLN NE2  N  N N 96  
GLN OXT  O  N N 97  
GLN H    H  N N 98  
GLN H2   H  N N 99  
GLN HA   H  N N 100 
GLN HB2  H  N N 101 
GLN HB3  H  N N 102 
GLN HG2  H  N N 103 
GLN HG3  H  N N 104 
GLN HE21 H  N N 105 
GLN HE22 H  N N 106 
GLN HXT  H  N N 107 
GLU N    N  N N 108 
GLU CA   C  N S 109 
GLU C    C  N N 110 
GLU O    O  N N 111 
GLU CB   C  N N 112 
GLU CG   C  N N 113 
GLU CD   C  N N 114 
GLU OE1  O  N N 115 
GLU OE2  O  N N 116 
GLU OXT  O  N N 117 
GLU H    H  N N 118 
GLU H2   H  N N 119 
GLU HA   H  N N 120 
GLU HB2  H  N N 121 
GLU HB3  H  N N 122 
GLU HG2  H  N N 123 
GLU HG3  H  N N 124 
GLU HE2  H  N N 125 
GLU HXT  H  N N 126 
GLY N    N  N N 127 
GLY CA   C  N N 128 
GLY C    C  N N 129 
GLY O    O  N N 130 
GLY OXT  O  N N 131 
GLY H    H  N N 132 
GLY H2   H  N N 133 
GLY HA2  H  N N 134 
GLY HA3  H  N N 135 
GLY HXT  H  N N 136 
HIS N    N  N N 137 
HIS CA   C  N S 138 
HIS C    C  N N 139 
HIS O    O  N N 140 
HIS CB   C  N N 141 
HIS CG   C  Y N 142 
HIS ND1  N  Y N 143 
HIS CD2  C  Y N 144 
HIS CE1  C  Y N 145 
HIS NE2  N  Y N 146 
HIS OXT  O  N N 147 
HIS H    H  N N 148 
HIS H2   H  N N 149 
HIS HA   H  N N 150 
HIS HB2  H  N N 151 
HIS HB3  H  N N 152 
HIS HD1  H  N N 153 
HIS HD2  H  N N 154 
HIS HE1  H  N N 155 
HIS HE2  H  N N 156 
HIS HXT  H  N N 157 
HOH O    O  N N 158 
HOH H1   H  N N 159 
HOH H2   H  N N 160 
ILE N    N  N N 161 
ILE CA   C  N S 162 
ILE C    C  N N 163 
ILE O    O  N N 164 
ILE CB   C  N S 165 
ILE CG1  C  N N 166 
ILE CG2  C  N N 167 
ILE CD1  C  N N 168 
ILE OXT  O  N N 169 
ILE H    H  N N 170 
ILE H2   H  N N 171 
ILE HA   H  N N 172 
ILE HB   H  N N 173 
ILE HG12 H  N N 174 
ILE HG13 H  N N 175 
ILE HG21 H  N N 176 
ILE HG22 H  N N 177 
ILE HG23 H  N N 178 
ILE HD11 H  N N 179 
ILE HD12 H  N N 180 
ILE HD13 H  N N 181 
ILE HXT  H  N N 182 
LEU N    N  N N 183 
LEU CA   C  N S 184 
LEU C    C  N N 185 
LEU O    O  N N 186 
LEU CB   C  N N 187 
LEU CG   C  N N 188 
LEU CD1  C  N N 189 
LEU CD2  C  N N 190 
LEU OXT  O  N N 191 
LEU H    H  N N 192 
LEU H2   H  N N 193 
LEU HA   H  N N 194 
LEU HB2  H  N N 195 
LEU HB3  H  N N 196 
LEU HG   H  N N 197 
LEU HD11 H  N N 198 
LEU HD12 H  N N 199 
LEU HD13 H  N N 200 
LEU HD21 H  N N 201 
LEU HD22 H  N N 202 
LEU HD23 H  N N 203 
LEU HXT  H  N N 204 
LYS N    N  N N 205 
LYS CA   C  N S 206 
LYS C    C  N N 207 
LYS O    O  N N 208 
LYS CB   C  N N 209 
LYS CG   C  N N 210 
LYS CD   C  N N 211 
LYS CE   C  N N 212 
LYS NZ   N  N N 213 
LYS OXT  O  N N 214 
LYS H    H  N N 215 
LYS H2   H  N N 216 
LYS HA   H  N N 217 
LYS HB2  H  N N 218 
LYS HB3  H  N N 219 
LYS HG2  H  N N 220 
LYS HG3  H  N N 221 
LYS HD2  H  N N 222 
LYS HD3  H  N N 223 
LYS HE2  H  N N 224 
LYS HE3  H  N N 225 
LYS HZ1  H  N N 226 
LYS HZ2  H  N N 227 
LYS HZ3  H  N N 228 
LYS HXT  H  N N 229 
MET N    N  N N 230 
MET CA   C  N S 231 
MET C    C  N N 232 
MET O    O  N N 233 
MET CB   C  N N 234 
MET CG   C  N N 235 
MET SD   S  N N 236 
MET CE   C  N N 237 
MET OXT  O  N N 238 
MET H    H  N N 239 
MET H2   H  N N 240 
MET HA   H  N N 241 
MET HB2  H  N N 242 
MET HB3  H  N N 243 
MET HG2  H  N N 244 
MET HG3  H  N N 245 
MET HE1  H  N N 246 
MET HE2  H  N N 247 
MET HE3  H  N N 248 
MET HXT  H  N N 249 
PHE N    N  N N 250 
PHE CA   C  N S 251 
PHE C    C  N N 252 
PHE O    O  N N 253 
PHE CB   C  N N 254 
PHE CG   C  Y N 255 
PHE CD1  C  Y N 256 
PHE CD2  C  Y N 257 
PHE CE1  C  Y N 258 
PHE CE2  C  Y N 259 
PHE CZ   C  Y N 260 
PHE OXT  O  N N 261 
PHE H    H  N N 262 
PHE H2   H  N N 263 
PHE HA   H  N N 264 
PHE HB2  H  N N 265 
PHE HB3  H  N N 266 
PHE HD1  H  N N 267 
PHE HD2  H  N N 268 
PHE HE1  H  N N 269 
PHE HE2  H  N N 270 
PHE HZ   H  N N 271 
PHE HXT  H  N N 272 
PRO N    N  N N 273 
PRO CA   C  N S 274 
PRO C    C  N N 275 
PRO O    O  N N 276 
PRO CB   C  N N 277 
PRO CG   C  N N 278 
PRO CD   C  N N 279 
PRO OXT  O  N N 280 
PRO H    H  N N 281 
PRO HA   H  N N 282 
PRO HB2  H  N N 283 
PRO HB3  H  N N 284 
PRO HG2  H  N N 285 
PRO HG3  H  N N 286 
PRO HD2  H  N N 287 
PRO HD3  H  N N 288 
PRO HXT  H  N N 289 
RRQ CBT  C  N N 290 
RRQ NBP  N  N N 291 
RRQ CBL  C  Y N 292 
RRQ CBK  C  Y N 293 
RRQ CBM  C  Y N 294 
RRQ CBQ  C  N N 295 
RRQ OBS  O  N N 296 
RRQ OBR  O  N N 297 
RRQ CBN  C  Y N 298 
RRQ CBO  C  Y N 299 
RRQ CBJ  C  Y N 300 
RRQ CBB  C  N N 301 
RRQ NAA  N  N N 302 
RRQ CBC  C  N N 303 
RRQ CBD  C  N N 304 
RRQ CBE  C  N N 305 
RRQ CBF  C  N N 306 
RRQ NBG  N  N N 307 
RRQ CBH  C  N N 308 
RRQ CBI  C  N N 309 
RRQ SAB  S  N N 310 
RRQ OAC  O  N N 311 
RRQ OAD  O  N N 312 
RRQ CAE  C  Y N 313 
RRQ CAJ  C  Y N 314 
RRQ CAI  C  Y N 315 
RRQ CAF  C  Y N 316 
RRQ CAG  C  Y N 317 
RRQ CAH  C  Y N 318 
RRQ SAK  S  N N 319 
RRQ OAL  O  N N 320 
RRQ OAM  O  N N 321 
RRQ NAN  N  N N 322 
RRQ CAQ  C  N N 323 
RRQ CAR  C  N N 324 
RRQ CAS  C  N N 325 
RRQ CAT  C  N N 326 
RRQ CAU  C  N N 327 
RRQ CAO  C  N N 328 
RRQ CAP  C  Y N 329 
RRQ CAV  C  Y N 330 
RRQ CAW  C  Y N 331 
RRQ CAX  C  Y N 332 
RRQ CL   CL N N 333 
RRQ CAY  C  Y N 334 
RRQ CAZ  C  Y N 335 
RRQ H1   H  N N 336 
RRQ H2   H  N N 337 
RRQ H3   H  N N 338 
RRQ H4   H  N N 339 
RRQ H5   H  N N 340 
RRQ H6   H  N N 341 
RRQ H7   H  N N 342 
RRQ H8   H  N N 343 
RRQ H9   H  N N 344 
RRQ H10  H  N N 345 
RRQ H11  H  N N 346 
RRQ H12  H  N N 347 
RRQ H13  H  N N 348 
RRQ H14  H  N N 349 
RRQ H15  H  N N 350 
RRQ H16  H  N N 351 
RRQ H17  H  N N 352 
RRQ H18  H  N N 353 
RRQ H20  H  N N 354 
RRQ H21  H  N N 355 
RRQ H22  H  N N 356 
RRQ H23  H  N N 357 
RRQ H24  H  N N 358 
RRQ H25  H  N N 359 
RRQ H26  H  N N 360 
RRQ H27  H  N N 361 
RRQ H28  H  N N 362 
RRQ H29  H  N N 363 
RRQ H30  H  N N 364 
RRQ H31  H  N N 365 
RRQ H32  H  N N 366 
RRQ H33  H  N N 367 
RRQ H34  H  N N 368 
RRQ H35  H  N N 369 
RRQ H36  H  N N 370 
RRQ H37  H  N N 371 
RRQ H38  H  N N 372 
RRQ H39  H  N N 373 
RRQ H40  H  N N 374 
RRQ H41  H  N N 375 
RRQ H42  H  N N 376 
SER N    N  N N 377 
SER CA   C  N S 378 
SER C    C  N N 379 
SER O    O  N N 380 
SER CB   C  N N 381 
SER OG   O  N N 382 
SER OXT  O  N N 383 
SER H    H  N N 384 
SER H2   H  N N 385 
SER HA   H  N N 386 
SER HB2  H  N N 387 
SER HB3  H  N N 388 
SER HG   H  N N 389 
SER HXT  H  N N 390 
THR N    N  N N 391 
THR CA   C  N S 392 
THR C    C  N N 393 
THR O    O  N N 394 
THR CB   C  N R 395 
THR OG1  O  N N 396 
THR CG2  C  N N 397 
THR OXT  O  N N 398 
THR H    H  N N 399 
THR H2   H  N N 400 
THR HA   H  N N 401 
THR HB   H  N N 402 
THR HG1  H  N N 403 
THR HG21 H  N N 404 
THR HG22 H  N N 405 
THR HG23 H  N N 406 
THR HXT  H  N N 407 
TRP N    N  N N 408 
TRP CA   C  N S 409 
TRP C    C  N N 410 
TRP O    O  N N 411 
TRP CB   C  N N 412 
TRP CG   C  Y N 413 
TRP CD1  C  Y N 414 
TRP CD2  C  Y N 415 
TRP NE1  N  Y N 416 
TRP CE2  C  Y N 417 
TRP CE3  C  Y N 418 
TRP CZ2  C  Y N 419 
TRP CZ3  C  Y N 420 
TRP CH2  C  Y N 421 
TRP OXT  O  N N 422 
TRP H    H  N N 423 
TRP H2   H  N N 424 
TRP HA   H  N N 425 
TRP HB2  H  N N 426 
TRP HB3  H  N N 427 
TRP HD1  H  N N 428 
TRP HE1  H  N N 429 
TRP HE3  H  N N 430 
TRP HZ2  H  N N 431 
TRP HZ3  H  N N 432 
TRP HH2  H  N N 433 
TRP HXT  H  N N 434 
TYR N    N  N N 435 
TYR CA   C  N S 436 
TYR C    C  N N 437 
TYR O    O  N N 438 
TYR CB   C  N N 439 
TYR CG   C  Y N 440 
TYR CD1  C  Y N 441 
TYR CD2  C  Y N 442 
TYR CE1  C  Y N 443 
TYR CE2  C  Y N 444 
TYR CZ   C  Y N 445 
TYR OH   O  N N 446 
TYR OXT  O  N N 447 
TYR H    H  N N 448 
TYR H2   H  N N 449 
TYR HA   H  N N 450 
TYR HB2  H  N N 451 
TYR HB3  H  N N 452 
TYR HD1  H  N N 453 
TYR HD2  H  N N 454 
TYR HE1  H  N N 455 
TYR HE2  H  N N 456 
TYR HH   H  N N 457 
TYR HXT  H  N N 458 
VAL N    N  N N 459 
VAL CA   C  N S 460 
VAL C    C  N N 461 
VAL O    O  N N 462 
VAL CB   C  N N 463 
VAL CG1  C  N N 464 
VAL CG2  C  N N 465 
VAL OXT  O  N N 466 
VAL H    H  N N 467 
VAL H2   H  N N 468 
VAL HA   H  N N 469 
VAL HB   H  N N 470 
VAL HG11 H  N N 471 
VAL HG12 H  N N 472 
VAL HG13 H  N N 473 
VAL HG21 H  N N 474 
VAL HG22 H  N N 475 
VAL HG23 H  N N 476 
VAL HXT  H  N N 477 
# 
loop_
_chem_comp_bond.comp_id 
_chem_comp_bond.atom_id_1 
_chem_comp_bond.atom_id_2 
_chem_comp_bond.value_order 
_chem_comp_bond.pdbx_aromatic_flag 
_chem_comp_bond.pdbx_stereo_config 
_chem_comp_bond.pdbx_ordinal 
ALA N   CA   sing N N 1   
ALA N   H    sing N N 2   
ALA N   H2   sing N N 3   
ALA CA  C    sing N N 4   
ALA CA  CB   sing N N 5   
ALA CA  HA   sing N N 6   
ALA C   O    doub N N 7   
ALA C   OXT  sing N N 8   
ALA CB  HB1  sing N N 9   
ALA CB  HB2  sing N N 10  
ALA CB  HB3  sing N N 11  
ALA OXT HXT  sing N N 12  
ARG N   CA   sing N N 13  
ARG N   H    sing N N 14  
ARG N   H2   sing N N 15  
ARG CA  C    sing N N 16  
ARG CA  CB   sing N N 17  
ARG CA  HA   sing N N 18  
ARG C   O    doub N N 19  
ARG C   OXT  sing N N 20  
ARG CB  CG   sing N N 21  
ARG CB  HB2  sing N N 22  
ARG CB  HB3  sing N N 23  
ARG CG  CD   sing N N 24  
ARG CG  HG2  sing N N 25  
ARG CG  HG3  sing N N 26  
ARG CD  NE   sing N N 27  
ARG CD  HD2  sing N N 28  
ARG CD  HD3  sing N N 29  
ARG NE  CZ   sing N N 30  
ARG NE  HE   sing N N 31  
ARG CZ  NH1  sing N N 32  
ARG CZ  NH2  doub N N 33  
ARG NH1 HH11 sing N N 34  
ARG NH1 HH12 sing N N 35  
ARG NH2 HH21 sing N N 36  
ARG NH2 HH22 sing N N 37  
ARG OXT HXT  sing N N 38  
ASN N   CA   sing N N 39  
ASN N   H    sing N N 40  
ASN N   H2   sing N N 41  
ASN CA  C    sing N N 42  
ASN CA  CB   sing N N 43  
ASN CA  HA   sing N N 44  
ASN C   O    doub N N 45  
ASN C   OXT  sing N N 46  
ASN CB  CG   sing N N 47  
ASN CB  HB2  sing N N 48  
ASN CB  HB3  sing N N 49  
ASN CG  OD1  doub N N 50  
ASN CG  ND2  sing N N 51  
ASN ND2 HD21 sing N N 52  
ASN ND2 HD22 sing N N 53  
ASN OXT HXT  sing N N 54  
ASP N   CA   sing N N 55  
ASP N   H    sing N N 56  
ASP N   H2   sing N N 57  
ASP CA  C    sing N N 58  
ASP CA  CB   sing N N 59  
ASP CA  HA   sing N N 60  
ASP C   O    doub N N 61  
ASP C   OXT  sing N N 62  
ASP CB  CG   sing N N 63  
ASP CB  HB2  sing N N 64  
ASP CB  HB3  sing N N 65  
ASP CG  OD1  doub N N 66  
ASP CG  OD2  sing N N 67  
ASP OD2 HD2  sing N N 68  
ASP OXT HXT  sing N N 69  
CYS N   CA   sing N N 70  
CYS N   H    sing N N 71  
CYS N   H2   sing N N 72  
CYS CA  C    sing N N 73  
CYS CA  CB   sing N N 74  
CYS CA  HA   sing N N 75  
CYS C   O    doub N N 76  
CYS C   OXT  sing N N 77  
CYS CB  SG   sing N N 78  
CYS CB  HB2  sing N N 79  
CYS CB  HB3  sing N N 80  
CYS SG  HG   sing N N 81  
CYS OXT HXT  sing N N 82  
GLN N   CA   sing N N 83  
GLN N   H    sing N N 84  
GLN N   H2   sing N N 85  
GLN CA  C    sing N N 86  
GLN CA  CB   sing N N 87  
GLN CA  HA   sing N N 88  
GLN C   O    doub N N 89  
GLN C   OXT  sing N N 90  
GLN CB  CG   sing N N 91  
GLN CB  HB2  sing N N 92  
GLN CB  HB3  sing N N 93  
GLN CG  CD   sing N N 94  
GLN CG  HG2  sing N N 95  
GLN CG  HG3  sing N N 96  
GLN CD  OE1  doub N N 97  
GLN CD  NE2  sing N N 98  
GLN NE2 HE21 sing N N 99  
GLN NE2 HE22 sing N N 100 
GLN OXT HXT  sing N N 101 
GLU N   CA   sing N N 102 
GLU N   H    sing N N 103 
GLU N   H2   sing N N 104 
GLU CA  C    sing N N 105 
GLU CA  CB   sing N N 106 
GLU CA  HA   sing N N 107 
GLU C   O    doub N N 108 
GLU C   OXT  sing N N 109 
GLU CB  CG   sing N N 110 
GLU CB  HB2  sing N N 111 
GLU CB  HB3  sing N N 112 
GLU CG  CD   sing N N 113 
GLU CG  HG2  sing N N 114 
GLU CG  HG3  sing N N 115 
GLU CD  OE1  doub N N 116 
GLU CD  OE2  sing N N 117 
GLU OE2 HE2  sing N N 118 
GLU OXT HXT  sing N N 119 
GLY N   CA   sing N N 120 
GLY N   H    sing N N 121 
GLY N   H2   sing N N 122 
GLY CA  C    sing N N 123 
GLY CA  HA2  sing N N 124 
GLY CA  HA3  sing N N 125 
GLY C   O    doub N N 126 
GLY C   OXT  sing N N 127 
GLY OXT HXT  sing N N 128 
HIS N   CA   sing N N 129 
HIS N   H    sing N N 130 
HIS N   H2   sing N N 131 
HIS CA  C    sing N N 132 
HIS CA  CB   sing N N 133 
HIS CA  HA   sing N N 134 
HIS C   O    doub N N 135 
HIS C   OXT  sing N N 136 
HIS CB  CG   sing N N 137 
HIS CB  HB2  sing N N 138 
HIS CB  HB3  sing N N 139 
HIS CG  ND1  sing Y N 140 
HIS CG  CD2  doub Y N 141 
HIS ND1 CE1  doub Y N 142 
HIS ND1 HD1  sing N N 143 
HIS CD2 NE2  sing Y N 144 
HIS CD2 HD2  sing N N 145 
HIS CE1 NE2  sing Y N 146 
HIS CE1 HE1  sing N N 147 
HIS NE2 HE2  sing N N 148 
HIS OXT HXT  sing N N 149 
HOH O   H1   sing N N 150 
HOH O   H2   sing N N 151 
ILE N   CA   sing N N 152 
ILE N   H    sing N N 153 
ILE N   H2   sing N N 154 
ILE CA  C    sing N N 155 
ILE CA  CB   sing N N 156 
ILE CA  HA   sing N N 157 
ILE C   O    doub N N 158 
ILE C   OXT  sing N N 159 
ILE CB  CG1  sing N N 160 
ILE CB  CG2  sing N N 161 
ILE CB  HB   sing N N 162 
ILE CG1 CD1  sing N N 163 
ILE CG1 HG12 sing N N 164 
ILE CG1 HG13 sing N N 165 
ILE CG2 HG21 sing N N 166 
ILE CG2 HG22 sing N N 167 
ILE CG2 HG23 sing N N 168 
ILE CD1 HD11 sing N N 169 
ILE CD1 HD12 sing N N 170 
ILE CD1 HD13 sing N N 171 
ILE OXT HXT  sing N N 172 
LEU N   CA   sing N N 173 
LEU N   H    sing N N 174 
LEU N   H2   sing N N 175 
LEU CA  C    sing N N 176 
LEU CA  CB   sing N N 177 
LEU CA  HA   sing N N 178 
LEU C   O    doub N N 179 
LEU C   OXT  sing N N 180 
LEU CB  CG   sing N N 181 
LEU CB  HB2  sing N N 182 
LEU CB  HB3  sing N N 183 
LEU CG  CD1  sing N N 184 
LEU CG  CD2  sing N N 185 
LEU CG  HG   sing N N 186 
LEU CD1 HD11 sing N N 187 
LEU CD1 HD12 sing N N 188 
LEU CD1 HD13 sing N N 189 
LEU CD2 HD21 sing N N 190 
LEU CD2 HD22 sing N N 191 
LEU CD2 HD23 sing N N 192 
LEU OXT HXT  sing N N 193 
LYS N   CA   sing N N 194 
LYS N   H    sing N N 195 
LYS N   H2   sing N N 196 
LYS CA  C    sing N N 197 
LYS CA  CB   sing N N 198 
LYS CA  HA   sing N N 199 
LYS C   O    doub N N 200 
LYS C   OXT  sing N N 201 
LYS CB  CG   sing N N 202 
LYS CB  HB2  sing N N 203 
LYS CB  HB3  sing N N 204 
LYS CG  CD   sing N N 205 
LYS CG  HG2  sing N N 206 
LYS CG  HG3  sing N N 207 
LYS CD  CE   sing N N 208 
LYS CD  HD2  sing N N 209 
LYS CD  HD3  sing N N 210 
LYS CE  NZ   sing N N 211 
LYS CE  HE2  sing N N 212 
LYS CE  HE3  sing N N 213 
LYS NZ  HZ1  sing N N 214 
LYS NZ  HZ2  sing N N 215 
LYS NZ  HZ3  sing N N 216 
LYS OXT HXT  sing N N 217 
MET N   CA   sing N N 218 
MET N   H    sing N N 219 
MET N   H2   sing N N 220 
MET CA  C    sing N N 221 
MET CA  CB   sing N N 222 
MET CA  HA   sing N N 223 
MET C   O    doub N N 224 
MET C   OXT  sing N N 225 
MET CB  CG   sing N N 226 
MET CB  HB2  sing N N 227 
MET CB  HB3  sing N N 228 
MET CG  SD   sing N N 229 
MET CG  HG2  sing N N 230 
MET CG  HG3  sing N N 231 
MET SD  CE   sing N N 232 
MET CE  HE1  sing N N 233 
MET CE  HE2  sing N N 234 
MET CE  HE3  sing N N 235 
MET OXT HXT  sing N N 236 
PHE N   CA   sing N N 237 
PHE N   H    sing N N 238 
PHE N   H2   sing N N 239 
PHE CA  C    sing N N 240 
PHE CA  CB   sing N N 241 
PHE CA  HA   sing N N 242 
PHE C   O    doub N N 243 
PHE C   OXT  sing N N 244 
PHE CB  CG   sing N N 245 
PHE CB  HB2  sing N N 246 
PHE CB  HB3  sing N N 247 
PHE CG  CD1  doub Y N 248 
PHE CG  CD2  sing Y N 249 
PHE CD1 CE1  sing Y N 250 
PHE CD1 HD1  sing N N 251 
PHE CD2 CE2  doub Y N 252 
PHE CD2 HD2  sing N N 253 
PHE CE1 CZ   doub Y N 254 
PHE CE1 HE1  sing N N 255 
PHE CE2 CZ   sing Y N 256 
PHE CE2 HE2  sing N N 257 
PHE CZ  HZ   sing N N 258 
PHE OXT HXT  sing N N 259 
PRO N   CA   sing N N 260 
PRO N   CD   sing N N 261 
PRO N   H    sing N N 262 
PRO CA  C    sing N N 263 
PRO CA  CB   sing N N 264 
PRO CA  HA   sing N N 265 
PRO C   O    doub N N 266 
PRO C   OXT  sing N N 267 
PRO CB  CG   sing N N 268 
PRO CB  HB2  sing N N 269 
PRO CB  HB3  sing N N 270 
PRO CG  CD   sing N N 271 
PRO CG  HG2  sing N N 272 
PRO CG  HG3  sing N N 273 
PRO CD  HD2  sing N N 274 
PRO CD  HD3  sing N N 275 
PRO OXT HXT  sing N N 276 
RRQ OBS CBQ  doub N N 277 
RRQ CBQ OBR  sing N N 278 
RRQ CBQ CBM  sing N N 279 
RRQ CBN CBM  doub Y N 280 
RRQ CBN CBO  sing Y N 281 
RRQ CBM CBL  sing Y N 282 
RRQ CBO CBJ  doub Y N 283 
RRQ OAC SAB  doub N N 284 
RRQ CBL NBP  sing N N 285 
RRQ CBL CBK  doub Y N 286 
RRQ CBJ CBK  sing Y N 287 
RRQ CBJ CBB  sing N N 288 
RRQ NBP CBT  sing N N 289 
RRQ CAT CAS  sing N N 290 
RRQ CAT CAU  sing N N 291 
RRQ SAB OAD  doub N N 292 
RRQ SAB NAA  sing N N 293 
RRQ SAB CAE  sing N N 294 
RRQ CBB NAA  sing N N 295 
RRQ CAS CAR  sing N N 296 
RRQ CAU CAQ  sing N N 297 
RRQ NAA CBC  sing N N 298 
RRQ CAJ CAE  doub Y N 299 
RRQ CAJ CAI  sing Y N 300 
RRQ CBE CBF  sing N N 301 
RRQ CBE CBD  sing N N 302 
RRQ CAE CAF  sing Y N 303 
RRQ CBF NBG  sing N N 304 
RRQ CAR CAQ  sing N N 305 
RRQ CAI CAH  doub Y N 306 
RRQ CAQ NAN  sing N N 307 
RRQ CBD CBC  sing N N 308 
RRQ CBD CBI  sing N N 309 
RRQ CAF CAG  doub Y N 310 
RRQ CAO NAN  sing N N 311 
RRQ CAO CAP  sing N N 312 
RRQ NBG CBH  sing N N 313 
RRQ CAH CAG  sing Y N 314 
RRQ CAH SAK  sing N N 315 
RRQ NAN SAK  sing N N 316 
RRQ CAV CAP  doub Y N 317 
RRQ CAV CAW  sing Y N 318 
RRQ CAP CAZ  sing Y N 319 
RRQ CBH CBI  sing N N 320 
RRQ SAK OAM  doub N N 321 
RRQ SAK OAL  doub N N 322 
RRQ CAW CAX  doub Y N 323 
RRQ CAZ CAY  doub Y N 324 
RRQ CAX CAY  sing Y N 325 
RRQ CAX CL   sing N N 326 
RRQ CBT H1   sing N N 327 
RRQ CBT H2   sing N N 328 
RRQ CBT H3   sing N N 329 
RRQ NBP H4   sing N N 330 
RRQ CBK H5   sing N N 331 
RRQ OBR H6   sing N N 332 
RRQ CBN H7   sing N N 333 
RRQ CBO H8   sing N N 334 
RRQ CBB H9   sing N N 335 
RRQ CBB H10  sing N N 336 
RRQ CBC H11  sing N N 337 
RRQ CBC H12  sing N N 338 
RRQ CBD H13  sing N N 339 
RRQ CBE H14  sing N N 340 
RRQ CBE H15  sing N N 341 
RRQ CBF H16  sing N N 342 
RRQ CBF H17  sing N N 343 
RRQ NBG H18  sing N N 344 
RRQ CBH H20  sing N N 345 
RRQ CBH H21  sing N N 346 
RRQ CBI H22  sing N N 347 
RRQ CBI H23  sing N N 348 
RRQ CAJ H24  sing N N 349 
RRQ CAI H25  sing N N 350 
RRQ CAF H26  sing N N 351 
RRQ CAG H27  sing N N 352 
RRQ CAQ H28  sing N N 353 
RRQ CAR H29  sing N N 354 
RRQ CAR H30  sing N N 355 
RRQ CAS H31  sing N N 356 
RRQ CAS H32  sing N N 357 
RRQ CAT H33  sing N N 358 
RRQ CAT H34  sing N N 359 
RRQ CAU H35  sing N N 360 
RRQ CAU H36  sing N N 361 
RRQ CAO H37  sing N N 362 
RRQ CAO H38  sing N N 363 
RRQ CAV H39  sing N N 364 
RRQ CAW H40  sing N N 365 
RRQ CAY H41  sing N N 366 
RRQ CAZ H42  sing N N 367 
SER N   CA   sing N N 368 
SER N   H    sing N N 369 
SER N   H2   sing N N 370 
SER CA  C    sing N N 371 
SER CA  CB   sing N N 372 
SER CA  HA   sing N N 373 
SER C   O    doub N N 374 
SER C   OXT  sing N N 375 
SER CB  OG   sing N N 376 
SER CB  HB2  sing N N 377 
SER CB  HB3  sing N N 378 
SER OG  HG   sing N N 379 
SER OXT HXT  sing N N 380 
THR N   CA   sing N N 381 
THR N   H    sing N N 382 
THR N   H2   sing N N 383 
THR CA  C    sing N N 384 
THR CA  CB   sing N N 385 
THR CA  HA   sing N N 386 
THR C   O    doub N N 387 
THR C   OXT  sing N N 388 
THR CB  OG1  sing N N 389 
THR CB  CG2  sing N N 390 
THR CB  HB   sing N N 391 
THR OG1 HG1  sing N N 392 
THR CG2 HG21 sing N N 393 
THR CG2 HG22 sing N N 394 
THR CG2 HG23 sing N N 395 
THR OXT HXT  sing N N 396 
TRP N   CA   sing N N 397 
TRP N   H    sing N N 398 
TRP N   H2   sing N N 399 
TRP CA  C    sing N N 400 
TRP CA  CB   sing N N 401 
TRP CA  HA   sing N N 402 
TRP C   O    doub N N 403 
TRP C   OXT  sing N N 404 
TRP CB  CG   sing N N 405 
TRP CB  HB2  sing N N 406 
TRP CB  HB3  sing N N 407 
TRP CG  CD1  doub Y N 408 
TRP CG  CD2  sing Y N 409 
TRP CD1 NE1  sing Y N 410 
TRP CD1 HD1  sing N N 411 
TRP CD2 CE2  doub Y N 412 
TRP CD2 CE3  sing Y N 413 
TRP NE1 CE2  sing Y N 414 
TRP NE1 HE1  sing N N 415 
TRP CE2 CZ2  sing Y N 416 
TRP CE3 CZ3  doub Y N 417 
TRP CE3 HE3  sing N N 418 
TRP CZ2 CH2  doub Y N 419 
TRP CZ2 HZ2  sing N N 420 
TRP CZ3 CH2  sing Y N 421 
TRP CZ3 HZ3  sing N N 422 
TRP CH2 HH2  sing N N 423 
TRP OXT HXT  sing N N 424 
TYR N   CA   sing N N 425 
TYR N   H    sing N N 426 
TYR N   H2   sing N N 427 
TYR CA  C    sing N N 428 
TYR CA  CB   sing N N 429 
TYR CA  HA   sing N N 430 
TYR C   O    doub N N 431 
TYR C   OXT  sing N N 432 
TYR CB  CG   sing N N 433 
TYR CB  HB2  sing N N 434 
TYR CB  HB3  sing N N 435 
TYR CG  CD1  doub Y N 436 
TYR CG  CD2  sing Y N 437 
TYR CD1 CE1  sing Y N 438 
TYR CD1 HD1  sing N N 439 
TYR CD2 CE2  doub Y N 440 
TYR CD2 HD2  sing N N 441 
TYR CE1 CZ   doub Y N 442 
TYR CE1 HE1  sing N N 443 
TYR CE2 CZ   sing Y N 444 
TYR CE2 HE2  sing N N 445 
TYR CZ  OH   sing N N 446 
TYR OH  HH   sing N N 447 
TYR OXT HXT  sing N N 448 
VAL N   CA   sing N N 449 
VAL N   H    sing N N 450 
VAL N   H2   sing N N 451 
VAL CA  C    sing N N 452 
VAL CA  CB   sing N N 453 
VAL CA  HA   sing N N 454 
VAL C   O    doub N N 455 
VAL C   OXT  sing N N 456 
VAL CB  CG1  sing N N 457 
VAL CB  CG2  sing N N 458 
VAL CB  HB   sing N N 459 
VAL CG1 HG11 sing N N 460 
VAL CG1 HG12 sing N N 461 
VAL CG1 HG13 sing N N 462 
VAL CG2 HG21 sing N N 463 
VAL CG2 HG22 sing N N 464 
VAL CG2 HG23 sing N N 465 
VAL OXT HXT  sing N N 466 
# 
loop_
_pdbx_audit_support.funding_organization 
_pdbx_audit_support.country 
_pdbx_audit_support.grant_number 
_pdbx_audit_support.ordinal 
SFB                         Germany 'SFB 642'          1 
'European Research Council' Germany 'ERC Grant 268782' 2 
# 
_pdbx_initial_refinement_model.id               1 
_pdbx_initial_refinement_model.entity_id_list   ? 
_pdbx_initial_refinement_model.type             'experimental model' 
_pdbx_initial_refinement_model.source_name      PDB 
_pdbx_initial_refinement_model.accession_code   3T5G 
_pdbx_initial_refinement_model.details          ? 
# 
_atom_sites.entry_id                    5ML4 
_atom_sites.fract_transf_matrix[1][1]   0.01205660 
_atom_sites.fract_transf_matrix[1][2]   0.01625321 
_atom_sites.fract_transf_matrix[1][3]   -0.00404937 
_atom_sites.fract_transf_matrix[2][1]   -0.00845752 
_atom_sites.fract_transf_matrix[2][2]   0.01847185 
_atom_sites.fract_transf_matrix[2][3]   -0.00363157 
_atom_sites.fract_transf_matrix[3][1]   0.00037091 
_atom_sites.fract_transf_matrix[3][2]   0.00183475 
_atom_sites.fract_transf_matrix[3][3]   0.00846859 
_atom_sites.fract_transf_vector[1]      -0.150420 
_atom_sites.fract_transf_vector[2]      0.440520 
_atom_sites.fract_transf_vector[3]      0.075779 
# 
loop_
_atom_type.symbol 
C  
CL 
N  
O  
S  
# 
loop_
_atom_site.group_PDB 
_atom_site.id 
_atom_site.type_symbol 
_atom_site.label_atom_id 
_atom_site.label_alt_id 
_atom_site.label_comp_id 
_atom_site.label_asym_id 
_atom_site.label_entity_id 
_atom_site.label_seq_id 
_atom_site.pdbx_PDB_ins_code 
_atom_site.Cartn_x 
_atom_site.Cartn_y 
_atom_site.Cartn_z 
_atom_site.occupancy 
_atom_site.B_iso_or_equiv 
_atom_site.pdbx_formal_charge 
_atom_site.auth_seq_id 
_atom_site.auth_comp_id 
_atom_site.auth_asym_id 
_atom_site.auth_atom_id 
_atom_site.pdbx_PDB_model_num 
ATOM   1    N  N   . SER A 1 1   ? 24.217  -9.933  8.924   1.00 31.25 ? 2   SER B N   1 
ATOM   2    C  CA  . SER A 1 1   ? 23.942  -9.182  10.196  1.00 31.01 ? 2   SER B CA  1 
ATOM   3    C  C   . SER A 1 1   ? 22.594  -9.542  10.807  1.00 28.75 ? 2   SER B C   1 
ATOM   4    O  O   . SER A 1 1   ? 21.710  -10.062 10.127  1.00 27.60 ? 2   SER B O   1 
ATOM   5    C  CB  . SER A 1 1   ? 24.019  -7.656  9.990   1.00 32.82 ? 2   SER B CB  1 
ATOM   6    O  OG  . SER A 1 1   ? 22.775  -7.085  9.562   1.00 34.59 ? 2   SER B OG  1 
ATOM   7    N  N   . ALA A 1 2   ? 22.463  -9.251  12.095  1.00 27.80 ? 3   ALA B N   1 
ATOM   8    C  CA  . ALA A 1 2   ? 21.251  -9.536  12.874  1.00 30.21 ? 3   ALA B CA  1 
ATOM   9    C  C   . ALA A 1 2   ? 20.003  -8.853  12.308  1.00 30.08 ? 3   ALA B C   1 
ATOM   10   O  O   . ALA A 1 2   ? 18.907  -9.404  12.366  1.00 27.68 ? 3   ALA B O   1 
ATOM   11   C  CB  . ALA A 1 2   ? 21.445  -9.117  14.338  1.00 29.53 ? 3   ALA B CB  1 
ATOM   12   N  N   . LYS A 1 3   ? 20.192  -7.643  11.794  1.00 31.98 ? 4   LYS B N   1 
ATOM   13   C  CA  . LYS A 1 3   ? 19.113  -6.856  11.194  1.00 34.03 ? 4   LYS B CA  1 
ATOM   14   C  C   . LYS A 1 3   ? 18.602  -7.441  9.866   1.00 30.35 ? 4   LYS B C   1 
ATOM   15   O  O   . LYS A 1 3   ? 17.402  -7.455  9.645   1.00 29.35 ? 4   LYS B O   1 
ATOM   16   C  CB  . LYS A 1 3   ? 19.563  -5.403  11.013  1.00 35.50 ? 4   LYS B CB  1 
ATOM   17   C  CG  . LYS A 1 3   ? 19.537  -4.633  12.314  1.00 41.02 ? 4   LYS B CG  1 
ATOM   18   C  CD  . LYS A 1 3   ? 20.029  -3.202  12.163  1.00 46.70 ? 4   LYS B CD  1 
ATOM   19   C  CE  . LYS A 1 3   ? 19.668  -2.411  13.416  1.00 53.99 ? 4   LYS B CE  1 
ATOM   20   N  NZ  . LYS A 1 3   ? 20.558  -1.234  13.641  1.00 58.63 ? 4   LYS B NZ  1 
ATOM   21   N  N   . ASP A 1 4   ? 19.497  -7.916  8.996   1.00 27.56 ? 5   ASP B N   1 
ATOM   22   C  CA  . ASP A 1 4   ? 19.055  -8.611  7.774   1.00 29.14 ? 5   ASP B CA  1 
ATOM   23   C  C   . ASP A 1 4   ? 18.254  -9.890  8.140   1.00 26.61 ? 5   ASP B C   1 
ATOM   24   O  O   . ASP A 1 4   ? 17.257  -10.198 7.502   1.00 24.02 ? 5   ASP B O   1 
ATOM   25   C  CB  . ASP A 1 4   ? 20.224  -8.996  6.838   1.00 31.24 ? 5   ASP B CB  1 
ATOM   26   C  CG  . ASP A 1 4   ? 21.144  -7.815  6.489   1.00 36.78 ? 5   ASP B CG  1 
ATOM   27   O  OD1 . ASP A 1 4   ? 20.806  -7.012  5.586   1.00 40.57 ? 5   ASP B OD1 1 
ATOM   28   O  OD2 . ASP A 1 4   ? 22.235  -7.713  7.106   1.00 39.81 ? 5   ASP B OD2 1 
ATOM   29   N  N   . GLU A 1 5   ? 18.699  -10.621 9.161   1.00 25.39 ? 6   GLU B N   1 
ATOM   30   C  CA  . GLU A 1 5   ? 17.989  -11.826 9.611   1.00 26.34 ? 6   GLU B CA  1 
ATOM   31   C  C   . GLU A 1 5   ? 16.628  -11.473 10.245  1.00 23.14 ? 6   GLU B C   1 
ATOM   32   O  O   . GLU A 1 5   ? 15.620  -12.113 9.954   1.00 22.44 ? 6   GLU B O   1 
ATOM   33   C  CB  . GLU A 1 5   ? 18.839  -12.616 10.603  1.00 28.15 ? 6   GLU B CB  1 
ATOM   34   C  CG  . GLU A 1 5   ? 18.157  -13.848 11.183  1.00 28.68 ? 6   GLU B CG  1 
ATOM   35   C  CD  . GLU A 1 5   ? 18.012  -14.987 10.170  1.00 32.08 ? 6   GLU B CD  1 
ATOM   36   O  OE1 . GLU A 1 5   ? 18.691  -14.967 9.114   1.00 33.19 ? 6   GLU B OE1 1 
ATOM   37   O  OE2 . GLU A 1 5   ? 17.218  -15.924 10.446  1.00 33.24 ? 6   GLU B OE2 1 
ATOM   38   N  N   . ARG A 1 6   ? 16.602  -10.463 11.104  1.00 20.56 ? 7   ARG B N   1 
ATOM   39   C  CA  . ARG A 1 6   ? 15.355  -10.040 11.726  1.00 20.38 ? 7   ARG B CA  1 
ATOM   40   C  C   . ARG A 1 6   ? 14.309  -9.674  10.659  1.00 20.11 ? 7   ARG B C   1 
ATOM   41   O  O   . ARG A 1 6   ? 13.196  -10.168 10.727  1.00 21.21 ? 7   ARG B O   1 
ATOM   42   C  CB  . ARG A 1 6   ? 15.594  -8.872  12.683  1.00 21.63 ? 7   ARG B CB  1 
ATOM   43   C  CG  . ARG A 1 6   ? 14.353  -8.353  13.391  1.00 22.83 ? 7   ARG B CG  1 
ATOM   44   C  CD  . ARG A 1 6   ? 13.653  -9.457  14.169  1.00 24.65 ? 7   ARG B CD  1 
ATOM   45   N  NE  . ARG A 1 6   ? 12.406  -9.023  14.789  1.00 28.01 ? 7   ARG B NE  1 
ATOM   46   C  CZ  . ARG A 1 6   ? 11.426  -9.837  15.185  1.00 28.48 ? 7   ARG B CZ  1 
ATOM   47   N  NH1 . ARG A 1 6   ? 11.510  -11.153 15.008  1.00 26.73 ? 7   ARG B NH1 1 
ATOM   48   N  NH2 . ARG A 1 6   ? 10.333  -9.318  15.740  1.00 30.61 ? 7   ARG B NH2 1 
ATOM   49   N  N   . ALA A 1 7   ? 14.695  -8.856  9.668   1.00 19.05 ? 8   ALA B N   1 
ATOM   50   C  CA  . ALA A 1 7   ? 13.828  -8.468  8.510   1.00 18.97 ? 8   ALA B CA  1 
ATOM   51   C  C   . ALA A 1 7   ? 13.168  -9.655  7.786   1.00 18.52 ? 8   ALA B C   1 
ATOM   52   O  O   . ALA A 1 7   ? 11.971  -9.623  7.432   1.00 18.25 ? 8   ALA B O   1 
ATOM   53   C  CB  . ALA A 1 7   ? 14.637  -7.668  7.497   1.00 18.60 ? 8   ALA B CB  1 
ATOM   54   N  N   . ARG A 1 8   ? 13.960  -10.684 7.559   1.00 17.88 ? 9   ARG B N   1 
ATOM   55   C  CA  . ARG A 1 8   ? 13.493  -11.890 6.916   1.00 19.45 ? 9   ARG B CA  1 
ATOM   56   C  C   . ARG A 1 8   ? 12.546  -12.662 7.825   1.00 18.05 ? 9   ARG B C   1 
ATOM   57   O  O   . ARG A 1 8   ? 11.583  -13.284 7.337   1.00 17.57 ? 9   ARG B O   1 
ATOM   58   C  CB  . ARG A 1 8   ? 14.680  -12.773 6.539   1.00 23.66 ? 9   ARG B CB  1 
ATOM   59   C  CG  . ARG A 1 8   ? 15.555  -12.211 5.422   1.00 26.82 ? 9   ARG B CG  1 
ATOM   60   C  CD  . ARG A 1 8   ? 16.686  -13.181 5.114   1.00 33.08 ? 9   ARG B CD  1 
ATOM   61   N  NE  . ARG A 1 8   ? 17.412  -12.797 3.910   1.00 42.38 ? 9   ARG B NE  1 
ATOM   62   C  CZ  . ARG A 1 8   ? 18.342  -13.541 3.309   1.00 48.99 ? 9   ARG B CZ  1 
ATOM   63   N  NH1 . ARG A 1 8   ? 18.668  -14.751 3.784   1.00 53.31 ? 9   ARG B NH1 1 
ATOM   64   N  NH2 . ARG A 1 8   ? 18.941  -13.086 2.210   1.00 50.70 ? 9   ARG B NH2 1 
ATOM   65   N  N   . GLU A 1 9   ? 12.794  -12.603 9.141   1.00 16.86 ? 10  GLU B N   1 
ATOM   66   C  CA  . GLU A 1 9   ? 11.896  -13.230 10.107  1.00 15.99 ? 10  GLU B CA  1 
ATOM   67   C  C   . GLU A 1 9   ? 10.536  -12.589 10.088  1.00 15.23 ? 10  GLU B C   1 
ATOM   68   O  O   . GLU A 1 9   ? 9.550   -13.288 10.118  1.00 14.63 ? 10  GLU B O   1 
ATOM   69   C  CB  . GLU A 1 9   ? 12.460  -13.188 11.532  1.00 16.88 ? 10  GLU B CB  1 
ATOM   70   N  N   . ILE A 1 10  ? 10.489  -11.253 10.077  1.00 16.00 ? 11  ILE B N   1 
ATOM   71   C  CA  . ILE A 1 10  ? 9.223   -10.500 10.033  1.00 16.29 ? 11  ILE B CA  1 
ATOM   72   C  C   . ILE A 1 10  ? 8.495   -10.793 8.703   1.00 16.47 ? 11  ILE B C   1 
ATOM   73   O  O   . ILE A 1 10  ? 7.284   -11.064 8.682   1.00 16.47 ? 11  ILE B O   1 
ATOM   74   C  CB  . ILE A 1 10  ? 9.462   -8.983  10.168  1.00 16.99 ? 11  ILE B CB  1 
ATOM   75   C  CG1 . ILE A 1 10  ? 10.153  -8.651  11.510  1.00 17.93 ? 11  ILE B CG1 1 
ATOM   76   C  CG2 . ILE A 1 10  ? 8.157   -8.228  10.083  1.00 17.04 ? 11  ILE B CG2 1 
ATOM   77   C  CD1 . ILE A 1 10  ? 10.708  -7.248  11.627  1.00 17.66 ? 11  ILE B CD1 1 
ATOM   78   N  N   . LEU A 1 11  ? 9.237   -10.756 7.597   1.00 16.05 ? 12  LEU B N   1 
ATOM   79   C  CA  . LEU A 1 11  ? 8.650   -11.075 6.309   1.00 16.18 ? 12  LEU B CA  1 
ATOM   80   C  C   . LEU A 1 11  ? 8.007   -12.460 6.348   1.00 15.48 ? 12  LEU B C   1 
ATOM   81   O  O   . LEU A 1 11  ? 6.844   -12.618 6.020   1.00 15.06 ? 12  LEU B O   1 
ATOM   82   C  CB  . LEU A 1 11  ? 9.679   -11.024 5.195   1.00 17.02 ? 12  LEU B CB  1 
ATOM   83   C  CG  . LEU A 1 11  ? 9.117   -11.377 3.796   1.00 17.41 ? 12  LEU B CG  1 
ATOM   84   C  CD1 . LEU A 1 11  ? 7.846   -10.572 3.554   1.00 17.79 ? 12  LEU B CD1 1 
ATOM   85   C  CD2 . LEU A 1 11  ? 10.175  -11.044 2.727   1.00 17.34 ? 12  LEU B CD2 1 
ATOM   86   N  N   . ARG A 1 12  ? 8.763   -13.453 6.776   1.00 15.70 ? 13  ARG B N   1 
ATOM   87   C  CA  . ARG A 1 12  ? 8.228   -14.819 6.931   1.00 16.03 ? 13  ARG B CA  1 
ATOM   88   C  C   . ARG A 1 12  ? 6.919   -14.925 7.705   1.00 16.13 ? 13  ARG B C   1 
ATOM   89   O  O   . ARG A 1 12  ? 6.039   -15.731 7.345   1.00 16.70 ? 13  ARG B O   1 
ATOM   90   C  CB  . ARG A 1 12  ? 9.264   -15.697 7.621   1.00 16.73 ? 13  ARG B CB  1 
ATOM   91   C  CG  . ARG A 1 12  ? 8.784   -17.127 7.873   1.00 17.36 ? 13  ARG B CG  1 
ATOM   92   C  CD  . ARG A 1 12  ? 9.885   -18.032 8.408   1.00 17.60 ? 13  ARG B CD  1 
ATOM   93   N  NE  . ARG A 1 12  ? 9.293   -19.336 8.646   1.00 19.62 ? 13  ARG B NE  1 
ATOM   94   C  CZ  . ARG A 1 12  ? 9.059   -20.245 7.699   1.00 20.37 ? 13  ARG B CZ  1 
ATOM   95   N  NH1 . ARG A 1 12  ? 9.417   -20.040 6.423   1.00 21.28 ? 13  ARG B NH1 1 
ATOM   96   N  NH2 . ARG A 1 12  ? 8.480   -21.363 8.037   1.00 19.71 ? 13  ARG B NH2 1 
ATOM   97   N  N   . GLY A 1 13  ? 6.797   -14.156 8.786   1.00 15.83 ? 14  GLY B N   1 
ATOM   98   C  CA  . GLY A 1 13  ? 5.591   -14.187 9.587   1.00 15.85 ? 14  GLY B CA  1 
ATOM   99   C  C   . GLY A 1 13  ? 4.477   -13.281 9.146   1.00 16.74 ? 14  GLY B C   1 
ATOM   100  O  O   . GLY A 1 13  ? 3.428   -13.267 9.762   1.00 17.56 ? 14  GLY B O   1 
ATOM   101  N  N   . PHE A 1 14  ? 4.678   -12.538 8.062   1.00 17.86 ? 15  PHE B N   1 
ATOM   102  C  CA  . PHE A 1 14  ? 3.739   -11.522 7.658   1.00 18.52 ? 15  PHE B CA  1 
ATOM   103  C  C   . PHE A 1 14  ? 2.792   -11.978 6.547   1.00 19.73 ? 15  PHE B C   1 
ATOM   104  O  O   . PHE A 1 14  ? 3.190   -12.669 5.625   1.00 19.34 ? 15  PHE B O   1 
ATOM   105  C  CB  . PHE A 1 14  ? 4.527   -10.294 7.218   1.00 19.48 ? 15  PHE B CB  1 
ATOM   106  C  CG  . PHE A 1 14  ? 3.672   -9.118  6.883   1.00 19.32 ? 15  PHE B CG  1 
ATOM   107  C  CD1 . PHE A 1 14  ? 3.279   -8.242  7.869   1.00 19.74 ? 15  PHE B CD1 1 
ATOM   108  C  CD2 . PHE A 1 14  ? 3.260   -8.895  5.570   1.00 19.99 ? 15  PHE B CD2 1 
ATOM   109  C  CE1 . PHE A 1 14  ? 2.456   -7.159  7.569   1.00 20.40 ? 15  PHE B CE1 1 
ATOM   110  C  CE2 . PHE A 1 14  ? 2.447   -7.820  5.251   1.00 19.76 ? 15  PHE B CE2 1 
ATOM   111  C  CZ  . PHE A 1 14  ? 2.042   -6.950  6.255   1.00 20.85 ? 15  PHE B CZ  1 
ATOM   112  N  N   . LYS A 1 15  ? 1.542   -11.543 6.640   1.00 22.12 ? 16  LYS B N   1 
ATOM   113  C  CA  . LYS A 1 15  ? 0.505   -11.821 5.667   1.00 24.36 ? 16  LYS B CA  1 
ATOM   114  C  C   . LYS A 1 15  ? -0.439  -10.611 5.586   1.00 24.65 ? 16  LYS B C   1 
ATOM   115  O  O   . LYS A 1 15  ? -0.912  -10.117 6.603   1.00 24.06 ? 16  LYS B O   1 
ATOM   116  C  CB  . LYS A 1 15  ? -0.298  -13.044 6.112   1.00 28.34 ? 16  LYS B CB  1 
ATOM   117  C  CG  . LYS A 1 15  ? -1.364  -13.541 5.154   1.00 29.92 ? 16  LYS B CG  1 
ATOM   118  C  CD  . LYS A 1 15  ? -0.711  -14.156 3.929   1.00 36.11 ? 16  LYS B CD  1 
ATOM   119  C  CE  . LYS A 1 15  ? -1.697  -14.410 2.788   1.00 37.79 ? 16  LYS B CE  1 
ATOM   120  N  NZ  . LYS A 1 15  ? -2.515  -15.597 3.118   1.00 39.63 ? 16  LYS B NZ  1 
ATOM   121  N  N   . LEU A 1 16  ? -0.694  -10.130 4.370   1.00 24.77 ? 17  LEU B N   1 
ATOM   122  C  CA  . LEU A 1 16  ? -1.790  -9.222  4.110   1.00 24.88 ? 17  LEU B CA  1 
ATOM   123  C  C   . LEU A 1 16  ? -3.008  -10.100 3.804   1.00 25.37 ? 17  LEU B C   1 
ATOM   124  O  O   . LEU A 1 16  ? -2.959  -10.914 2.889   1.00 25.30 ? 17  LEU B O   1 
ATOM   125  C  CB  . LEU A 1 16  ? -1.445  -8.354  2.912   1.00 27.65 ? 17  LEU B CB  1 
ATOM   126  C  CG  . LEU A 1 16  ? -2.208  -7.052  2.734   1.00 30.96 ? 17  LEU B CG  1 
ATOM   127  C  CD1 . LEU A 1 16  ? -1.915  -6.140  3.907   1.00 32.08 ? 17  LEU B CD1 1 
ATOM   128  C  CD2 . LEU A 1 16  ? -1.788  -6.373  1.443   1.00 32.96 ? 17  LEU B CD2 1 
ATOM   129  N  N   . ASN A 1 17  ? -4.081  -9.975  4.581   1.00 24.79 ? 18  ASN B N   1 
ATOM   130  C  CA  . ASN A 1 17  ? -5.276  -10.819 4.394   1.00 25.57 ? 18  ASN B CA  1 
ATOM   131  C  C   . ASN A 1 17  ? -6.299  -10.187 3.487   1.00 25.01 ? 18  ASN B C   1 
ATOM   132  O  O   . ASN A 1 17  ? -6.884  -10.855 2.649   1.00 28.21 ? 18  ASN B O   1 
ATOM   133  C  CB  . ASN A 1 17  ? -5.966  -11.114 5.713   1.00 25.52 ? 18  ASN B CB  1 
ATOM   134  C  CG  . ASN A 1 17  ? -5.023  -11.684 6.727   1.00 25.48 ? 18  ASN B CG  1 
ATOM   135  O  OD1 . ASN A 1 17  ? -4.386  -12.711 6.482   1.00 25.58 ? 18  ASN B OD1 1 
ATOM   136  N  ND2 . ASN A 1 17  ? -4.915  -11.024 7.858   1.00 23.85 ? 18  ASN B ND2 1 
ATOM   137  N  N   . TRP A 1 18  ? -6.558  -8.909  3.682   1.00 24.82 ? 19  TRP B N   1 
ATOM   138  C  CA  . TRP A 1 18  ? -7.520  -8.233  2.818   1.00 25.61 ? 19  TRP B CA  1 
ATOM   139  C  C   . TRP A 1 18  ? -7.338  -6.751  2.867   1.00 25.16 ? 19  TRP B C   1 
ATOM   140  O  O   . TRP A 1 18  ? -6.637  -6.228  3.731   1.00 23.62 ? 19  TRP B O   1 
ATOM   141  C  CB  . TRP A 1 18  ? -8.985  -8.603  3.144   1.00 25.01 ? 19  TRP B CB  1 
ATOM   142  C  CG  . TRP A 1 18  ? -9.472  -8.345  4.535   1.00 24.97 ? 19  TRP B CG  1 
ATOM   143  C  CD1 . TRP A 1 18  ? -9.613  -9.270  5.535   1.00 25.55 ? 19  TRP B CD1 1 
ATOM   144  C  CD2 . TRP A 1 18  ? -9.915  -7.100  5.083   1.00 26.16 ? 19  TRP B CD2 1 
ATOM   145  N  NE1 . TRP A 1 18  ? -10.116 -8.680  6.671   1.00 25.43 ? 19  TRP B NE1 1 
ATOM   146  C  CE2 . TRP A 1 18  ? -10.306 -7.348  6.427   1.00 26.59 ? 19  TRP B CE2 1 
ATOM   147  C  CE3 . TRP A 1 18  ? -10.011 -5.803  4.585   1.00 25.28 ? 19  TRP B CE3 1 
ATOM   148  C  CZ2 . TRP A 1 18  ? -10.796 -6.342  7.266   1.00 26.77 ? 19  TRP B CZ2 1 
ATOM   149  C  CZ3 . TRP A 1 18  ? -10.491 -4.807  5.421   1.00 26.69 ? 19  TRP B CZ3 1 
ATOM   150  C  CH2 . TRP A 1 18  ? -10.878 -5.080  6.749   1.00 26.99 ? 19  TRP B CH2 1 
ATOM   151  N  N   . MET A 1 19  ? -7.992  -6.083  1.925   1.00 26.04 ? 20  MET B N   1 
ATOM   152  C  CA  . MET A 1 19  ? -7.856  -4.659  1.792   1.00 27.14 ? 20  MET B CA  1 
ATOM   153  C  C   . MET A 1 19  ? -9.018  -4.081  0.993   1.00 26.22 ? 20  MET B C   1 
ATOM   154  O  O   . MET A 1 19  ? -9.568  -4.723  0.080   1.00 25.56 ? 20  MET B O   1 
ATOM   155  C  CB  . MET A 1 19  ? -6.519  -4.378  1.107   1.00 29.73 ? 20  MET B CB  1 
ATOM   156  C  CG  . MET A 1 19  ? -6.300  -2.924  0.731   1.00 33.93 ? 20  MET B CG  1 
ATOM   157  S  SD  . MET A 1 19  ? -4.583  -2.536  0.314   1.00 38.10 ? 20  MET B SD  1 
ATOM   158  C  CE  . MET A 1 19  ? -4.161  -3.975  -0.670  1.00 36.44 ? 20  MET B CE  1 
ATOM   159  N  N   . ASN A 1 20  ? -9.396  -2.862  1.332   1.00 26.34 ? 21  ASN B N   1 
ATOM   160  C  CA  . ASN A 1 20  ? -10.296 -2.122  0.486   1.00 27.54 ? 21  ASN B CA  1 
ATOM   161  C  C   . ASN A 1 20  ? -9.937  -0.650  0.419   1.00 27.42 ? 21  ASN B C   1 
ATOM   162  O  O   . ASN A 1 20  ? -9.043  -0.176  1.132   1.00 29.57 ? 21  ASN B O   1 
ATOM   163  C  CB  . ASN A 1 20  ? -11.753 -2.350  0.910   1.00 29.00 ? 21  ASN B CB  1 
ATOM   164  C  CG  . ASN A 1 20  ? -12.046 -1.815  2.284   1.00 30.60 ? 21  ASN B CG  1 
ATOM   165  O  OD1 . ASN A 1 20  ? -11.856 -0.629  2.546   1.00 30.84 ? 21  ASN B OD1 1 
ATOM   166  N  ND2 . ASN A 1 20  ? -12.490 -2.692  3.178   1.00 30.76 ? 21  ASN B ND2 1 
ATOM   167  N  N   . LEU A 1 21  ? -10.609 0.049   -0.496  1.00 26.98 ? 22  LEU B N   1 
ATOM   168  C  CA  . LEU A 1 21  ? -10.488 1.491   -0.668  1.00 25.50 ? 22  LEU B CA  1 
ATOM   169  C  C   . LEU A 1 21  ? -11.901 2.056   -0.727  1.00 25.55 ? 22  LEU B C   1 
ATOM   170  O  O   . LEU A 1 21  ? -12.783 1.453   -1.344  1.00 23.90 ? 22  LEU B O   1 
ATOM   171  C  CB  . LEU A 1 21  ? -9.745  1.840   -1.969  1.00 24.72 ? 22  LEU B CB  1 
ATOM   172  C  CG  . LEU A 1 21  ? -8.347  1.275   -2.206  1.00 24.55 ? 22  LEU B CG  1 
ATOM   173  C  CD1 . LEU A 1 21  ? -7.849  1.640   -3.595  1.00 24.03 ? 22  LEU B CD1 1 
ATOM   174  C  CD2 . LEU A 1 21  ? -7.347  1.741   -1.155  1.00 24.87 ? 22  LEU B CD2 1 
ATOM   175  N  N   . ARG A 1 22  ? -12.109 3.202   -0.083  1.00 27.52 ? 23  ARG B N   1 
ATOM   176  C  CA  . ARG A 1 22  ? -13.401 3.897   -0.090  1.00 29.86 ? 23  ARG B CA  1 
ATOM   177  C  C   . ARG A 1 22  ? -13.205 5.332   -0.488  1.00 29.08 ? 23  ARG B C   1 
ATOM   178  O  O   . ARG A 1 22  ? -12.161 5.893   -0.199  1.00 26.92 ? 23  ARG B O   1 
ATOM   179  C  CB  . ARG A 1 22  ? -14.032 3.928   1.307   1.00 33.26 ? 23  ARG B CB  1 
ATOM   180  C  CG  . ARG A 1 22  ? -14.489 2.593   1.848   1.00 36.99 ? 23  ARG B CG  1 
ATOM   181  C  CD  . ARG A 1 22  ? -14.785 2.679   3.351   1.00 39.45 ? 23  ARG B CD  1 
ATOM   182  N  NE  . ARG A 1 22  ? -15.572 1.515   3.743   1.00 44.49 ? 23  ARG B NE  1 
ATOM   183  C  CZ  . ARG A 1 22  ? -15.086 0.351   4.180   1.00 48.90 ? 23  ARG B CZ  1 
ATOM   184  N  NH1 . ARG A 1 22  ? -13.777 0.161   4.352   1.00 50.97 ? 23  ARG B NH1 1 
ATOM   185  N  NH2 . ARG A 1 22  ? -15.929 -0.641  4.472   1.00 52.27 ? 23  ARG B NH2 1 
ATOM   186  N  N   . ASP A 1 23  ? -14.230 5.941   -1.094  1.00 31.58 ? 24  ASP B N   1 
ATOM   187  C  CA  . ASP A 1 23  ? -14.271 7.401   -1.240  1.00 32.30 ? 24  ASP B CA  1 
ATOM   188  C  C   . ASP A 1 23  ? -14.403 7.958   0.165   1.00 32.14 ? 24  ASP B C   1 
ATOM   189  O  O   . ASP A 1 23  ? -15.267 7.537   0.919   1.00 31.48 ? 24  ASP B O   1 
ATOM   190  C  CB  . ASP A 1 23  ? -15.452 7.844   -2.116  1.00 34.44 ? 24  ASP B CB  1 
ATOM   191  C  CG  . ASP A 1 23  ? -15.496 9.357   -2.357  1.00 38.15 ? 24  ASP B CG  1 
ATOM   192  O  OD1 . ASP A 1 23  ? -14.704 10.129  -1.776  1.00 39.55 ? 24  ASP B OD1 1 
ATOM   193  O  OD2 . ASP A 1 23  ? -16.364 9.793   -3.140  1.00 47.45 ? 24  ASP B OD2 1 
ATOM   194  N  N   . ALA A 1 24  ? -13.536 8.887   0.528   1.00 32.98 ? 25  ALA B N   1 
ATOM   195  C  CA  . ALA A 1 24  ? -13.544 9.420   1.886   1.00 36.91 ? 25  ALA B CA  1 
ATOM   196  C  C   . ALA A 1 24  ? -14.791 10.285  2.153   1.00 41.04 ? 25  ALA B C   1 
ATOM   197  O  O   . ALA A 1 24  ? -15.374 10.205  3.235   1.00 43.50 ? 25  ALA B O   1 
ATOM   198  C  CB  . ALA A 1 24  ? -12.264 10.203  2.161   1.00 35.99 ? 25  ALA B CB  1 
ATOM   199  N  N   . GLU A 1 25  ? -15.209 11.091  1.173   1.00 43.24 ? 26  GLU B N   1 
ATOM   200  C  CA  . GLU A 1 25  ? -16.367 11.957  1.350   1.00 43.38 ? 26  GLU B CA  1 
ATOM   201  C  C   . GLU A 1 25  ? -17.634 11.125  1.601   1.00 43.97 ? 26  GLU B C   1 
ATOM   202  O  O   . GLU A 1 25  ? -18.346 11.358  2.576   1.00 45.22 ? 26  GLU B O   1 
ATOM   203  C  CB  . GLU A 1 25  ? -16.542 12.877  0.149   1.00 43.15 ? 26  GLU B CB  1 
ATOM   204  N  N   . THR A 1 26  ? -17.867 10.120  0.758   1.00 44.46 ? 27  THR B N   1 
ATOM   205  C  CA  . THR A 1 26  ? -19.129 9.365   0.748   1.00 40.87 ? 27  THR B CA  1 
ATOM   206  C  C   . THR A 1 26  ? -19.115 7.968   1.394   1.00 39.80 ? 27  THR B C   1 
ATOM   207  O  O   . THR A 1 26  ? -20.183 7.354   1.532   1.00 40.75 ? 27  THR B O   1 
ATOM   208  C  CB  . THR A 1 26  ? -19.610 9.155   -0.698  1.00 41.56 ? 27  THR B CB  1 
ATOM   209  O  OG1 . THR A 1 26  ? -18.825 8.124   -1.317  1.00 43.12 ? 27  THR B OG1 1 
ATOM   210  C  CG2 . THR A 1 26  ? -19.490 10.454  -1.507  1.00 43.55 ? 27  THR B CG2 1 
ATOM   211  N  N   . GLY A 1 27  ? -17.938 7.431   1.736   1.00 37.32 ? 28  GLY B N   1 
ATOM   212  C  CA  . GLY A 1 27  ? -17.843 6.063   2.308   1.00 35.27 ? 28  GLY B CA  1 
ATOM   213  C  C   . GLY A 1 27  ? -18.096 4.881   1.364   1.00 36.83 ? 28  GLY B C   1 
ATOM   214  O  O   . GLY A 1 27  ? -18.036 3.726   1.786   1.00 35.28 ? 28  GLY B O   1 
ATOM   215  N  N   . LYS A 1 28  ? -18.386 5.147   0.091   1.00 38.49 ? 29  LYS B N   1 
ATOM   216  C  CA  . LYS A 1 28  ? -18.669 4.074   -0.868  1.00 40.61 ? 29  LYS B CA  1 
ATOM   217  C  C   . LYS A 1 28  ? -17.421 3.235   -1.173  1.00 36.86 ? 29  LYS B C   1 
ATOM   218  O  O   . LYS A 1 28  ? -16.334 3.764   -1.320  1.00 35.52 ? 29  LYS B O   1 
ATOM   219  C  CB  . LYS A 1 28  ? -19.216 4.664   -2.171  1.00 44.07 ? 29  LYS B CB  1 
ATOM   220  C  CG  . LYS A 1 28  ? -20.580 5.328   -2.021  1.00 50.20 ? 29  LYS B CG  1 
ATOM   221  C  CD  . LYS A 1 28  ? -21.733 4.320   -2.008  1.00 50.60 ? 29  LYS B CD  1 
ATOM   222  C  CE  . LYS A 1 28  ? -23.014 4.926   -1.426  1.00 52.57 ? 29  LYS B CE  1 
ATOM   223  N  NZ  . LYS A 1 28  ? -23.400 6.237   -2.035  1.00 53.16 ? 29  LYS B NZ  1 
ATOM   224  N  N   . ILE A 1 29  ? -17.587 1.924   -1.269  1.00 37.24 ? 30  ILE B N   1 
ATOM   225  C  CA  . ILE A 1 29  ? -16.489 1.040   -1.663  1.00 39.71 ? 30  ILE B CA  1 
ATOM   226  C  C   . ILE A 1 29  ? -16.140 1.220   -3.146  1.00 36.72 ? 30  ILE B C   1 
ATOM   227  O  O   . ILE A 1 29  ? -17.010 1.063   -4.014  1.00 36.46 ? 30  ILE B O   1 
ATOM   228  C  CB  . ILE A 1 29  ? -16.812 -0.443  -1.374  1.00 40.18 ? 30  ILE B CB  1 
ATOM   229  C  CG1 . ILE A 1 29  ? -16.814 -0.676  0.146   1.00 44.58 ? 30  ILE B CG1 1 
ATOM   230  C  CG2 . ILE A 1 29  ? -15.785 -1.345  -2.046  1.00 43.44 ? 30  ILE B CG2 1 
ATOM   231  C  CD1 . ILE A 1 29  ? -17.567 -1.920  0.610   1.00 48.30 ? 30  ILE B CD1 1 
ATOM   232  N  N   . LEU A 1 30  ? -14.870 1.552   -3.405  1.00 32.72 ? 31  LEU B N   1 
ATOM   233  C  CA  . LEU A 1 30  ? -14.308 1.655   -4.760  1.00 30.43 ? 31  LEU B CA  1 
ATOM   234  C  C   . LEU A 1 30  ? -13.614 0.377   -5.197  1.00 28.77 ? 31  LEU B C   1 
ATOM   235  O  O   . LEU A 1 30  ? -13.688 0.006   -6.363  1.00 31.37 ? 31  LEU B O   1 
ATOM   236  C  CB  . LEU A 1 30  ? -13.291 2.788   -4.822  1.00 30.59 ? 31  LEU B CB  1 
ATOM   237  C  CG  . LEU A 1 30  ? -13.843 4.196   -4.604  1.00 33.37 ? 31  LEU B CG  1 
ATOM   238  C  CD1 . LEU A 1 30  ? -12.758 5.112   -4.080  1.00 33.47 ? 31  LEU B CD1 1 
ATOM   239  C  CD2 . LEU A 1 30  ? -14.447 4.748   -5.883  1.00 33.84 ? 31  LEU B CD2 1 
ATOM   240  N  N   . TRP A 1 31  ? -12.903 -0.268  -4.275  1.00 26.35 ? 32  TRP B N   1 
ATOM   241  C  CA  . TRP A 1 31  ? -12.151 -1.484  -4.573  1.00 25.50 ? 32  TRP B CA  1 
ATOM   242  C  C   . TRP A 1 31  ? -12.008 -2.353  -3.315  1.00 25.32 ? 32  TRP B C   1 
ATOM   243  O  O   . TRP A 1 31  ? -11.916 -1.856  -2.206  1.00 22.46 ? 32  TRP B O   1 
ATOM   244  C  CB  . TRP A 1 31  ? -10.761 -1.095  -5.117  1.00 25.17 ? 32  TRP B CB  1 
ATOM   245  C  CG  . TRP A 1 31  ? -9.905  -2.223  -5.540  1.00 24.19 ? 32  TRP B CG  1 
ATOM   246  C  CD1 . TRP A 1 31  ? -9.829  -2.771  -6.787  1.00 24.25 ? 32  TRP B CD1 1 
ATOM   247  C  CD2 . TRP A 1 31  ? -8.983  -2.942  -4.727  1.00 23.88 ? 32  TRP B CD2 1 
ATOM   248  N  NE1 . TRP A 1 31  ? -8.915  -3.797  -6.801  1.00 24.14 ? 32  TRP B NE1 1 
ATOM   249  C  CE2 . TRP A 1 31  ? -8.380  -3.921  -5.545  1.00 24.30 ? 32  TRP B CE2 1 
ATOM   250  C  CE3 . TRP A 1 31  ? -8.613  -2.863  -3.380  1.00 24.73 ? 32  TRP B CE3 1 
ATOM   251  C  CZ2 . TRP A 1 31  ? -7.437  -4.819  -5.058  1.00 25.13 ? 32  TRP B CZ2 1 
ATOM   252  C  CZ3 . TRP A 1 31  ? -7.674  -3.752  -2.898  1.00 24.90 ? 32  TRP B CZ3 1 
ATOM   253  C  CH2 . TRP A 1 31  ? -7.104  -4.722  -3.729  1.00 26.20 ? 32  TRP B CH2 1 
ATOM   254  N  N   . GLN A 1 32  ? -12.024 -3.658  -3.489  1.00 27.78 ? 33  GLN B N   1 
ATOM   255  C  CA  . GLN A 1 32  ? -11.661 -4.541  -2.405  1.00 31.53 ? 33  GLN B CA  1 
ATOM   256  C  C   . GLN A 1 32  ? -11.050 -5.798  -2.960  1.00 30.79 ? 33  GLN B C   1 
ATOM   257  O  O   . GLN A 1 32  ? -11.446 -6.238  -4.032  1.00 33.74 ? 33  GLN B O   1 
ATOM   258  C  CB  . GLN A 1 32  ? -12.859 -4.862  -1.508  1.00 34.71 ? 33  GLN B CB  1 
ATOM   259  C  CG  . GLN A 1 32  ? -14.111 -5.294  -2.222  1.00 39.34 ? 33  GLN B CG  1 
ATOM   260  C  CD  . GLN A 1 32  ? -15.287 -5.523  -1.264  1.00 45.52 ? 33  GLN B CD  1 
ATOM   261  O  OE1 . GLN A 1 32  ? -15.186 -5.322  -0.042  1.00 47.72 ? 33  GLN B OE1 1 
ATOM   262  N  NE2 . GLN A 1 32  ? -16.406 -5.954  -1.819  1.00 45.50 ? 33  GLN B NE2 1 
ATOM   263  N  N   . GLY A 1 33  ? -10.082 -6.362  -2.239  1.00 29.61 ? 34  GLY B N   1 
ATOM   264  C  CA  . GLY A 1 33  ? -9.411  -7.580  -2.676  1.00 28.94 ? 34  GLY B CA  1 
ATOM   265  C  C   . GLY A 1 33  ? -8.812  -8.371  -1.525  1.00 29.12 ? 34  GLY B C   1 
ATOM   266  O  O   . GLY A 1 33  ? -8.633  -7.841  -0.418  1.00 27.48 ? 34  GLY B O   1 
ATOM   267  N  N   . THR A 1 34  ? -8.511  -9.642  -1.801  1.00 29.57 ? 35  THR B N   1 
ATOM   268  C  CA  . THR A 1 34  ? -7.863  -10.550 -0.841  1.00 31.61 ? 35  THR B CA  1 
ATOM   269  C  C   . THR A 1 34  ? -6.531  -11.123 -1.351  1.00 29.89 ? 35  THR B C   1 
ATOM   270  O  O   . THR A 1 34  ? -6.023  -12.072 -0.773  1.00 30.59 ? 35  THR B O   1 
ATOM   271  C  CB  . THR A 1 34  ? -8.791  -11.718 -0.455  1.00 32.93 ? 35  THR B CB  1 
ATOM   272  O  OG1 . THR A 1 34  ? -9.123  -12.470 -1.628  1.00 34.53 ? 35  THR B OG1 1 
ATOM   273  C  CG2 . THR A 1 34  ? -10.076 -11.200 0.190   1.00 32.79 ? 35  THR B CG2 1 
ATOM   274  N  N   . GLU A 1 35  ? -5.976  -10.544 -2.416  1.00 29.82 ? 36  GLU B N   1 
ATOM   275  C  CA  . GLU A 1 35  ? -4.634  -10.885 -2.885  1.00 31.80 ? 36  GLU B CA  1 
ATOM   276  C  C   . GLU A 1 35  ? -3.602  -10.198 -1.967  1.00 31.47 ? 36  GLU B C   1 
ATOM   277  O  O   . GLU A 1 35  ? -3.701  -8.990  -1.671  1.00 29.14 ? 36  GLU B O   1 
ATOM   278  C  CB  . GLU A 1 35  ? -4.422  -10.443 -4.354  1.00 36.74 ? 36  GLU B CB  1 
ATOM   279  C  CG  . GLU A 1 35  ? -3.148  -11.017 -5.010  1.00 43.53 ? 36  GLU B CG  1 
ATOM   280  C  CD  . GLU A 1 35  ? -2.867  -10.541 -6.448  1.00 46.97 ? 36  GLU B CD  1 
ATOM   281  O  OE1 . GLU A 1 35  ? -3.851  -10.371 -7.217  1.00 49.47 ? 36  GLU B OE1 1 
ATOM   282  O  OE2 . GLU A 1 35  ? -1.657  -10.350 -6.811  1.00 42.06 ? 36  GLU B OE2 1 
ATOM   283  N  N   . ASP A 1 36  ? -2.606  -10.959 -1.529  1.00 28.83 ? 37  ASP B N   1 
ATOM   284  C  CA  . ASP A 1 36  ? -1.514  -10.405 -0.750  1.00 27.98 ? 37  ASP B CA  1 
ATOM   285  C  C   . ASP A 1 36  ? -0.591  -9.621  -1.685  1.00 27.87 ? 37  ASP B C   1 
ATOM   286  O  O   . ASP A 1 36  ? 0.274   -10.175 -2.345  1.00 28.25 ? 37  ASP B O   1 
ATOM   287  C  CB  . ASP A 1 36  ? -0.763  -11.522 -0.033  1.00 27.57 ? 37  ASP B CB  1 
ATOM   288  C  CG  . ASP A 1 36  ? 0.198   -11.009 1.008   1.00 27.64 ? 37  ASP B CG  1 
ATOM   289  O  OD1 . ASP A 1 36  ? 0.601   -9.817  0.944   1.00 26.45 ? 37  ASP B OD1 1 
ATOM   290  O  OD2 . ASP A 1 36  ? 0.548   -11.818 1.898   1.00 28.34 ? 37  ASP B OD2 1 
ATOM   291  N  N   . LEU A 1 37  ? -0.808  -8.314  -1.734  1.00 29.94 ? 38  LEU B N   1 
ATOM   292  C  CA  . LEU A 1 37  ? -0.012  -7.404  -2.550  1.00 29.20 ? 38  LEU B CA  1 
ATOM   293  C  C   . LEU A 1 37  ? 1.315   -7.028  -1.913  1.00 27.23 ? 38  LEU B C   1 
ATOM   294  O  O   . LEU A 1 37  ? 2.091   -6.303  -2.522  1.00 30.11 ? 38  LEU B O   1 
ATOM   295  C  CB  . LEU A 1 37  ? -0.820  -6.140  -2.816  1.00 30.68 ? 38  LEU B CB  1 
ATOM   296  C  CG  . LEU A 1 37  ? -2.126  -6.378  -3.589  1.00 30.80 ? 38  LEU B CG  1 
ATOM   297  C  CD1 . LEU A 1 37  ? -2.837  -5.050  -3.740  1.00 31.58 ? 38  LEU B CD1 1 
ATOM   298  C  CD2 . LEU A 1 37  ? -1.876  -6.996  -4.957  1.00 30.35 ? 38  LEU B CD2 1 
ATOM   299  N  N   . SER A 1 38  ? 1.586   -7.523  -0.704  1.00 24.34 ? 39  SER B N   1 
ATOM   300  C  CA  . SER A 1 38  ? 2.883   -7.321  -0.063  1.00 23.76 ? 39  SER B CA  1 
ATOM   301  C  C   . SER A 1 38  ? 3.970   -8.312  -0.553  1.00 23.18 ? 39  SER B C   1 
ATOM   302  O  O   . SER A 1 38  ? 5.159   -8.157  -0.246  1.00 24.24 ? 39  SER B O   1 
ATOM   303  C  CB  . SER A 1 38  ? 2.740   -7.449  1.466   1.00 24.05 ? 39  SER B CB  1 
ATOM   304  O  OG  . SER A 1 38  ? 2.514   -8.810  1.865   1.00 24.84 ? 39  SER B OG  1 
ATOM   305  N  N   . VAL A 1 39  ? 3.580   -9.339  -1.289  1.00 21.69 ? 40  VAL B N   1 
ATOM   306  C  CA  . VAL A 1 39  ? 4.541   -10.371 -1.672  1.00 21.07 ? 40  VAL B CA  1 
ATOM   307  C  C   . VAL A 1 39  ? 5.601   -9.774  -2.570  1.00 20.15 ? 40  VAL B C   1 
ATOM   308  O  O   . VAL A 1 39  ? 5.282   -9.207  -3.598  1.00 20.60 ? 40  VAL B O   1 
ATOM   309  C  CB  . VAL A 1 39  ? 3.852   -11.573 -2.338  1.00 20.90 ? 40  VAL B CB  1 
ATOM   310  C  CG1 . VAL A 1 39  ? 4.874   -12.617 -2.768  1.00 20.64 ? 40  VAL B CG1 1 
ATOM   311  C  CG2 . VAL A 1 39  ? 2.857   -12.181 -1.358  1.00 20.72 ? 40  VAL B CG2 1 
ATOM   312  N  N   . PRO A 1 40  ? 6.874   -9.860  -2.165  1.00 20.34 ? 41  PRO B N   1 
ATOM   313  C  CA  . PRO A 1 40  ? 7.881   -9.237  -3.017  1.00 20.63 ? 41  PRO B CA  1 
ATOM   314  C  C   . PRO A 1 40  ? 8.263   -10.067 -4.233  1.00 21.80 ? 41  PRO B C   1 
ATOM   315  O  O   . PRO A 1 40  ? 7.973   -11.263 -4.287  1.00 21.47 ? 41  PRO B O   1 
ATOM   316  C  CB  . PRO A 1 40  ? 9.074   -9.065  -2.087  1.00 19.77 ? 41  PRO B CB  1 
ATOM   317  C  CG  . PRO A 1 40  ? 8.921   -10.107 -1.067  1.00 20.14 ? 41  PRO B CG  1 
ATOM   318  C  CD  . PRO A 1 40  ? 7.452   -10.384 -0.915  1.00 20.39 ? 41  PRO B CD  1 
ATOM   319  N  N   . GLY A 1 41  ? 8.892   -9.407  -5.210  1.00 23.26 ? 42  GLY B N   1 
ATOM   320  C  CA  . GLY A 1 41  ? 9.584   -10.094 -6.299  1.00 24.70 ? 42  GLY B CA  1 
ATOM   321  C  C   . GLY A 1 41  ? 8.719   -10.552 -7.461  1.00 27.03 ? 42  GLY B C   1 
ATOM   322  O  O   . GLY A 1 41  ? 9.224   -11.193 -8.400  1.00 30.21 ? 42  GLY B O   1 
ATOM   323  N  N   . VAL A 1 42  ? 7.427   -10.249 -7.390  1.00 28.46 ? 43  VAL B N   1 
ATOM   324  C  CA  . VAL A 1 42  ? 6.496   -10.493 -8.479  1.00 29.98 ? 43  VAL B CA  1 
ATOM   325  C  C   . VAL A 1 42  ? 5.701   -9.215  -8.709  1.00 30.13 ? 43  VAL B C   1 
ATOM   326  O  O   . VAL A 1 42  ? 5.483   -8.446  -7.775  1.00 30.87 ? 43  VAL B O   1 
ATOM   327  C  CB  . VAL A 1 42  ? 5.569   -11.697 -8.196  1.00 32.10 ? 43  VAL B CB  1 
ATOM   328  C  CG1 . VAL A 1 42  ? 6.405   -12.949 -7.897  1.00 34.66 ? 43  VAL B CG1 1 
ATOM   329  C  CG2 . VAL A 1 42  ? 4.604   -11.422 -7.055  1.00 31.57 ? 43  VAL B CG2 1 
ATOM   330  N  N   . GLU A 1 43  ? 5.301   -8.965  -9.955  1.00 29.47 ? 44  GLU B N   1 
ATOM   331  C  CA  . GLU A 1 43  ? 4.496   -7.789  -10.269 1.00 28.55 ? 44  GLU B CA  1 
ATOM   332  C  C   . GLU A 1 43  ? 3.028   -8.152  -10.128 1.00 25.69 ? 44  GLU B C   1 
ATOM   333  O  O   . GLU A 1 43  ? 2.516   -8.987  -10.862 1.00 25.79 ? 44  GLU B O   1 
ATOM   334  C  CB  . GLU A 1 43  ? 4.787   -7.256  -11.678 1.00 29.94 ? 44  GLU B CB  1 
ATOM   335  C  CG  . GLU A 1 43  ? 4.057   -5.944  -12.010 1.00 31.78 ? 44  GLU B CG  1 
ATOM   336  C  CD  . GLU A 1 43  ? 4.447   -5.378  -13.377 1.00 32.74 ? 44  GLU B CD  1 
ATOM   337  O  OE1 . GLU A 1 43  ? 3.698   -5.610  -14.353 1.00 35.24 ? 44  GLU B OE1 1 
ATOM   338  O  OE2 . GLU A 1 43  ? 5.502   -4.715  -13.483 1.00 31.77 ? 44  GLU B OE2 1 
ATOM   339  N  N   . HIS A 1 44  ? 2.358   -7.512  -9.179  1.00 22.58 ? 45  HIS B N   1 
ATOM   340  C  CA  . HIS A 1 44  ? 0.959   -7.728  -8.954  1.00 20.21 ? 45  HIS B CA  1 
ATOM   341  C  C   . HIS A 1 44  ? 0.217   -6.793  -9.881  1.00 20.37 ? 45  HIS B C   1 
ATOM   342  O  O   . HIS A 1 44  ? 0.797   -5.859  -10.398 1.00 20.31 ? 45  HIS B O   1 
ATOM   343  C  CB  . HIS A 1 44  ? 0.609   -7.388  -7.499  1.00 19.86 ? 45  HIS B CB  1 
ATOM   344  C  CG  . HIS A 1 44  ? 1.414   -8.140  -6.479  1.00 19.62 ? 45  HIS B CG  1 
ATOM   345  N  ND1 . HIS A 1 44  ? 1.075   -9.402  -6.047  1.00 19.56 ? 45  HIS B ND1 1 
ATOM   346  C  CD2 . HIS A 1 44  ? 2.530   -7.797  -5.793  1.00 20.12 ? 45  HIS B CD2 1 
ATOM   347  C  CE1 . HIS A 1 44  ? 1.954   -9.811  -5.153  1.00 19.94 ? 45  HIS B CE1 1 
ATOM   348  N  NE2 . HIS A 1 44  ? 2.851   -8.855  -4.980  1.00 20.22 ? 45  HIS B NE2 1 
ATOM   349  N  N   . GLU A 1 45  ? -1.079  -7.020  -10.041 1.00 21.45 ? 46  GLU B N   1 
ATOM   350  C  CA  . GLU A 1 45  ? -1.949  -6.166  -10.826 1.00 23.58 ? 46  GLU B CA  1 
ATOM   351  C  C   . GLU A 1 45  ? -3.206  -5.939  -10.050 1.00 23.25 ? 46  GLU B C   1 
ATOM   352  O  O   . GLU A 1 45  ? -3.631  -6.817  -9.323  1.00 23.79 ? 46  GLU B O   1 
ATOM   353  C  CB  . GLU A 1 45  ? -2.346  -6.835  -12.133 1.00 24.93 ? 46  GLU B CB  1 
ATOM   354  C  CG  . GLU A 1 45  ? -1.193  -6.960  -13.114 1.00 27.11 ? 46  GLU B CG  1 
ATOM   355  C  CD  . GLU A 1 45  ? -1.527  -7.811  -14.336 1.00 29.71 ? 46  GLU B CD  1 
ATOM   356  O  OE1 . GLU A 1 45  ? -2.653  -8.379  -14.390 1.00 33.25 ? 46  GLU B OE1 1 
ATOM   357  O  OE2 . GLU A 1 45  ? -0.648  -7.920  -15.233 1.00 32.58 ? 46  GLU B OE2 1 
ATOM   358  N  N   . ALA A 1 46  ? -3.788  -4.757  -10.217 1.00 22.50 ? 47  ALA B N   1 
ATOM   359  C  CA  . ALA A 1 46  ? -5.094  -4.447  -9.680  1.00 22.65 ? 47  ALA B CA  1 
ATOM   360  C  C   . ALA A 1 46  ? -5.835  -3.548  -10.645 1.00 22.36 ? 47  ALA B C   1 
ATOM   361  O  O   . ALA A 1 46  ? -5.251  -2.680  -11.286 1.00 20.77 ? 47  ALA B O   1 
ATOM   362  C  CB  . ALA A 1 46  ? -4.961  -3.744  -8.332  1.00 22.12 ? 47  ALA B CB  1 
ATOM   363  N  N   . ARG A 1 47  ? -7.136  -3.729  -10.698 1.00 24.93 ? 48  ARG B N   1 
ATOM   364  C  CA  . ARG A 1 47  ? -7.989  -2.891  -11.517 1.00 27.49 ? 48  ARG B CA  1 
ATOM   365  C  C   . ARG A 1 47  ? -8.843  -2.034  -10.617 1.00 26.27 ? 48  ARG B C   1 
ATOM   366  O  O   . ARG A 1 47  ? -9.650  -2.560  -9.874  1.00 24.16 ? 48  ARG B O   1 
ATOM   367  C  CB  . ARG A 1 47  ? -8.874  -3.769  -12.387 1.00 29.92 ? 48  ARG B CB  1 
ATOM   368  C  CG  . ARG A 1 47  ? -8.075  -4.793  -13.161 1.00 32.40 ? 48  ARG B CG  1 
ATOM   369  C  CD  . ARG A 1 47  ? -8.958  -5.854  -13.759 1.00 35.13 ? 48  ARG B CD  1 
ATOM   370  N  NE  . ARG A 1 47  ? -8.141  -6.914  -14.326 1.00 41.14 ? 48  ARG B NE  1 
ATOM   371  C  CZ  . ARG A 1 47  ? -8.633  -8.020  -14.886 1.00 45.21 ? 48  ARG B CZ  1 
ATOM   372  N  NH1 . ARG A 1 47  ? -9.953  -8.205  -14.934 1.00 42.70 ? 48  ARG B NH1 1 
ATOM   373  N  NH2 . ARG A 1 47  ? -7.803  -8.942  -15.396 1.00 43.70 ? 48  ARG B NH2 1 
ATOM   374  N  N   . VAL A 1 48  ? -8.655  -0.718  -10.683 1.00 27.02 ? 49  VAL B N   1 
ATOM   375  C  CA  . VAL A 1 48  ? -9.459  0.209   -9.896  1.00 27.87 ? 49  VAL B CA  1 
ATOM   376  C  C   . VAL A 1 48  ? -10.370 1.005   -10.824 1.00 27.74 ? 49  VAL B C   1 
ATOM   377  O  O   . VAL A 1 48  ? -10.076 1.105   -12.000 1.00 27.61 ? 49  VAL B O   1 
ATOM   378  C  CB  . VAL A 1 48  ? -8.581  1.138   -9.038  1.00 29.22 ? 49  VAL B CB  1 
ATOM   379  C  CG1 . VAL A 1 48  ? -7.640  0.308   -8.185  1.00 30.36 ? 49  VAL B CG1 1 
ATOM   380  C  CG2 . VAL A 1 48  ? -7.771  2.095   -9.896  1.00 30.52 ? 49  VAL B CG2 1 
ATOM   381  N  N   . PRO A 1 49  ? -11.487 1.552   -10.301 1.00 28.51 ? 50  PRO B N   1 
ATOM   382  C  CA  . PRO A 1 49  ? -12.388 2.344   -11.142 1.00 29.31 ? 50  PRO B CA  1 
ATOM   383  C  C   . PRO A 1 49  ? -11.846 3.734   -11.455 1.00 28.50 ? 50  PRO B C   1 
ATOM   384  O  O   . PRO A 1 49  ? -11.237 4.365   -10.595 1.00 26.61 ? 50  PRO B O   1 
ATOM   385  C  CB  . PRO A 1 49  ? -13.685 2.459   -10.296 1.00 30.46 ? 50  PRO B CB  1 
ATOM   386  C  CG  . PRO A 1 49  ? -13.481 1.593   -9.108  1.00 31.95 ? 50  PRO B CG  1 
ATOM   387  C  CD  . PRO A 1 49  ? -12.009 1.410   -8.931  1.00 29.88 ? 50  PRO B CD  1 
ATOM   388  N  N   . LYS A 1 50  ? -12.077 4.183   -12.684 1.00 29.22 ? 51  LYS B N   1 
ATOM   389  C  CA  . LYS A 1 50  ? -11.745 5.533   -13.142 1.00 30.12 ? 51  LYS B CA  1 
ATOM   390  C  C   . LYS A 1 50  ? -12.123 6.573   -12.107 1.00 29.66 ? 51  LYS B C   1 
ATOM   391  O  O   . LYS A 1 50  ? -11.340 7.473   -11.827 1.00 31.35 ? 51  LYS B O   1 
ATOM   392  C  CB  . LYS A 1 50  ? -12.529 5.845   -14.435 1.00 33.48 ? 51  LYS B CB  1 
ATOM   393  C  CG  . LYS A 1 50  ? -12.136 4.955   -15.588 1.00 38.14 ? 51  LYS B CG  1 
ATOM   394  C  CD  . LYS A 1 50  ? -12.912 5.169   -16.874 1.00 40.58 ? 51  LYS B CD  1 
ATOM   395  C  CE  . LYS A 1 50  ? -12.379 4.149   -17.888 1.00 47.57 ? 51  LYS B CE  1 
ATOM   396  N  NZ  . LYS A 1 50  ? -13.205 3.956   -19.118 1.00 51.58 ? 51  LYS B NZ  1 
ATOM   397  N  N   . LYS A 1 51  ? -13.351 6.453   -11.594 1.00 27.84 ? 52  LYS B N   1 
ATOM   398  C  CA  . LYS A 1 51  ? -13.903 7.274   -10.514 0.50 27.77 ? 52  LYS B CA  1 
ATOM   399  C  C   . LYS A 1 51  ? -12.900 7.712   -9.457  1.00 28.24 ? 52  LYS B C   1 
ATOM   400  O  O   . LYS A 1 51  ? -12.946 8.846   -8.973  1.00 27.82 ? 52  LYS B O   1 
ATOM   401  C  CB  . LYS A 1 51  ? -14.993 6.483   -9.794  0.50 27.25 ? 52  LYS B CB  1 
ATOM   402  C  CG  . LYS A 1 51  ? -16.411 6.849   -10.161 0.50 27.61 ? 52  LYS B CG  1 
ATOM   403  C  CD  . LYS A 1 51  ? -17.359 6.020   -9.310  0.50 27.88 ? 52  LYS B CD  1 
ATOM   404  C  CE  . LYS A 1 51  ? -17.177 4.545   -9.624  0.50 27.83 ? 52  LYS B CE  1 
ATOM   405  N  NZ  . LYS A 1 51  ? -17.265 3.695   -8.411  0.50 27.77 ? 52  LYS B NZ  1 
ATOM   406  N  N   . ILE A 1 52  ? -12.008 6.799   -9.073  1.00 27.84 ? 53  ILE B N   1 
ATOM   407  C  CA  . ILE A 1 52  ? -11.053 7.054   -7.990  1.00 26.99 ? 53  ILE B CA  1 
ATOM   408  C  C   . ILE A 1 52  ? -10.222 8.281   -8.253  1.00 26.89 ? 53  ILE B C   1 
ATOM   409  O  O   . ILE A 1 52  ? -9.849  8.992   -7.322  1.00 29.61 ? 53  ILE B O   1 
ATOM   410  C  CB  . ILE A 1 52  ? -10.130 5.826   -7.711  1.00 27.23 ? 53  ILE B CB  1 
ATOM   411  C  CG1 . ILE A 1 52  ? -9.379  5.998   -6.386  1.00 26.86 ? 53  ILE B CG1 1 
ATOM   412  C  CG2 . ILE A 1 52  ? -9.134  5.579   -8.833  1.00 27.11 ? 53  ILE B CG2 1 
ATOM   413  C  CD1 . ILE A 1 52  ? -8.925  4.681   -5.801  1.00 26.48 ? 53  ILE B CD1 1 
ATOM   414  N  N   . LEU A 1 53  ? -9.952  8.556   -9.522  1.00 26.99 ? 54  LEU B N   1 
ATOM   415  C  CA  . LEU A 1 53  ? -9.132  9.711   -9.873  1.00 27.69 ? 54  LEU B CA  1 
ATOM   416  C  C   . LEU A 1 53  ? -9.857  11.029  -9.576  1.00 27.88 ? 54  LEU B C   1 
ATOM   417  O  O   . LEU A 1 53  ? -9.215  12.067  -9.418  1.00 25.18 ? 54  LEU B O   1 
ATOM   418  C  CB  . LEU A 1 53  ? -8.704  9.644   -11.340 1.00 27.13 ? 54  LEU B CB  1 
ATOM   419  C  CG  . LEU A 1 53  ? -7.745  8.501   -11.657 1.00 28.72 ? 54  LEU B CG  1 
ATOM   420  C  CD1 . LEU A 1 53  ? -7.584  8.316   -13.166 1.00 29.43 ? 54  LEU B CD1 1 
ATOM   421  C  CD2 . LEU A 1 53  ? -6.393  8.718   -10.979 1.00 29.39 ? 54  LEU B CD2 1 
ATOM   422  N  N   . LYS A 1 54  ? -11.183 10.961  -9.477  1.00 30.59 ? 55  LYS B N   1 
ATOM   423  C  CA  . LYS A 1 54  ? -12.002 12.111  -9.129  1.00 34.60 ? 55  LYS B CA  1 
ATOM   424  C  C   . LYS A 1 54  ? -12.159 12.303  -7.616  1.00 34.86 ? 55  LYS B C   1 
ATOM   425  O  O   . LYS A 1 54  ? -12.620 13.338  -7.212  1.00 35.55 ? 55  LYS B O   1 
ATOM   426  C  CB  . LYS A 1 54  ? -13.387 11.980  -9.762  1.00 38.60 ? 55  LYS B CB  1 
ATOM   427  C  CG  . LYS A 1 54  ? -13.398 11.921  -11.279 1.00 43.82 ? 55  LYS B CG  1 
ATOM   428  C  CD  . LYS A 1 54  ? -13.277 13.304  -11.903 1.00 52.37 ? 55  LYS B CD  1 
ATOM   429  C  CE  . LYS A 1 54  ? -13.516 13.273  -13.415 1.00 59.33 ? 55  LYS B CE  1 
ATOM   430  N  NZ  . LYS A 1 54  ? -14.188 14.515  -13.904 1.00 63.04 ? 55  LYS B NZ  1 
ATOM   431  N  N   . CYS A 1 55  ? -11.811 11.317  -6.784  1.00 36.65 ? 56  CYS B N   1 
ATOM   432  C  CA  . CYS A 1 55  ? -11.881 11.487  -5.324  1.00 36.34 ? 56  CYS B CA  1 
ATOM   433  C  C   . CYS A 1 55  ? -10.800 12.412  -4.818  1.00 37.42 ? 56  CYS B C   1 
ATOM   434  O  O   . CYS A 1 55  ? -9.621  12.163  -5.045  1.00 39.97 ? 56  CYS B O   1 
ATOM   435  C  CB  . CYS A 1 55  ? -11.707 10.161  -4.596  1.00 34.36 ? 56  CYS B CB  1 
ATOM   436  S  SG  . CYS A 1 55  ? -12.936 8.950   -5.068  1.00 36.04 ? 56  CYS B SG  1 
ATOM   437  N  N   . LYS A 1 56  ? -11.200 13.462  -4.111  1.00 39.24 ? 57  LYS B N   1 
ATOM   438  C  CA  . LYS A 1 56  ? -10.253 14.296  -3.368  1.00 41.85 ? 57  LYS B CA  1 
ATOM   439  C  C   . LYS A 1 56  ? -9.468  13.437  -2.332  1.00 39.82 ? 57  LYS B C   1 
ATOM   440  O  O   . LYS A 1 56  ? -8.269  13.644  -2.091  1.00 40.30 ? 57  LYS B O   1 
ATOM   441  C  CB  . LYS A 1 56  ? -11.010 15.423  -2.670  1.00 46.65 ? 57  LYS B CB  1 
ATOM   442  C  CG  . LYS A 1 56  ? -10.133 16.538  -2.122  1.00 55.50 ? 57  LYS B CG  1 
ATOM   443  C  CD  . LYS A 1 56  ? -10.589 16.970  -0.728  1.00 61.35 ? 57  LYS B CD  1 
ATOM   444  C  CE  . LYS A 1 56  ? -9.956  18.290  -0.305  1.00 64.81 ? 57  LYS B CE  1 
ATOM   445  N  NZ  . LYS A 1 56  ? -10.533 19.441  -1.060  1.00 65.66 ? 57  LYS B NZ  1 
ATOM   446  N  N   . ALA A 1 57  ? -10.143 12.450  -1.747  1.00 35.46 ? 58  ALA B N   1 
ATOM   447  C  CA  . ALA A 1 57  ? -9.511  11.601  -0.758  1.00 32.62 ? 58  ALA B CA  1 
ATOM   448  C  C   . ALA A 1 57  ? -10.094 10.187  -0.722  1.00 31.08 ? 58  ALA B C   1 
ATOM   449  O  O   . ALA A 1 57  ? -11.302 9.961   -0.913  1.00 32.02 ? 58  ALA B O   1 
ATOM   450  C  CB  . ALA A 1 57  ? -9.585  12.251  0.620   1.00 32.65 ? 58  ALA B CB  1 
ATOM   451  N  N   . VAL A 1 58  ? -9.202  9.239   -0.474  1.00 28.50 ? 59  VAL B N   1 
ATOM   452  C  CA  . VAL A 1 58  ? -9.526  7.837   -0.483  1.00 28.30 ? 59  VAL B CA  1 
ATOM   453  C  C   . VAL A 1 58  ? -9.157  7.272   0.888   1.00 28.77 ? 59  VAL B C   1 
ATOM   454  O  O   . VAL A 1 58  ? -8.077  7.551   1.425   1.00 29.43 ? 59  VAL B O   1 
ATOM   455  C  CB  . VAL A 1 58  ? -8.716  7.137   -1.589  1.00 29.67 ? 59  VAL B CB  1 
ATOM   456  C  CG1 . VAL A 1 58  ? -8.948  5.638   -1.580  1.00 31.61 ? 59  VAL B CG1 1 
ATOM   457  C  CG2 . VAL A 1 58  ? -9.065  7.737   -2.945  1.00 29.57 ? 59  VAL B CG2 1 
ATOM   458  N  N   . SER A 1 59  ? -10.055 6.504   1.477   1.00 26.72 ? 60  SER B N   1 
ATOM   459  C  CA  . SER A 1 59  ? -9.750  5.874   2.749   1.00 27.70 ? 60  SER B CA  1 
ATOM   460  C  C   . SER A 1 59  ? -9.416  4.418   2.468   1.00 26.09 ? 60  SER B C   1 
ATOM   461  O  O   . SER A 1 59  ? -10.187 3.728   1.806   1.00 22.99 ? 60  SER B O   1 
ATOM   462  C  CB  . SER A 1 59  ? -10.949 5.978   3.714   1.00 28.91 ? 60  SER B CB  1 
ATOM   463  O  OG  . SER A 1 59  ? -10.847 5.034   4.763   1.00 30.21 ? 60  SER B OG  1 
ATOM   464  N  N   . ARG A 1 60  ? -8.265  3.970   2.977   1.00 25.05 ? 61  ARG B N   1 
ATOM   465  C  CA  . ARG A 1 60  ? -7.818  2.608   2.810   1.00 24.17 ? 61  ARG B CA  1 
ATOM   466  C  C   . ARG A 1 60  ? -7.871  1.845   4.129   1.00 25.41 ? 61  ARG B C   1 
ATOM   467  O  O   . ARG A 1 60  ? -7.300  2.266   5.140   1.00 24.19 ? 61  ARG B O   1 
ATOM   468  C  CB  . ARG A 1 60  ? -6.383  2.593   2.288   1.00 23.24 ? 61  ARG B CB  1 
ATOM   469  C  CG  . ARG A 1 60  ? -5.781  1.192   2.137   1.00 22.20 ? 61  ARG B CG  1 
ATOM   470  C  CD  . ARG A 1 60  ? -4.422  1.286   1.486   1.00 22.14 ? 61  ARG B CD  1 
ATOM   471  N  NE  . ARG A 1 60  ? -3.417  1.834   2.386   1.00 21.67 ? 61  ARG B NE  1 
ATOM   472  C  CZ  . ARG A 1 60  ? -2.279  2.411   2.006   1.00 22.92 ? 61  ARG B CZ  1 
ATOM   473  N  NH1 . ARG A 1 60  ? -1.973  2.562   0.720   1.00 21.77 ? 61  ARG B NH1 1 
ATOM   474  N  NH2 . ARG A 1 60  ? -1.429  2.847   2.930   1.00 23.72 ? 61  ARG B NH2 1 
ATOM   475  N  N   . GLU A 1 61  ? -8.510  0.695   4.092   1.00 25.88 ? 62  GLU B N   1 
ATOM   476  C  CA  . GLU A 1 61  ? -8.504  -0.210  5.203   1.00 29.46 ? 62  GLU B CA  1 
ATOM   477  C  C   . GLU A 1 61  ? -7.681  -1.410  4.794   1.00 28.93 ? 62  GLU B C   1 
ATOM   478  O  O   . GLU A 1 61  ? -7.981  -2.060  3.812   1.00 29.11 ? 62  GLU B O   1 
ATOM   479  C  CB  . GLU A 1 61  ? -9.909  -0.703  5.478   1.00 34.47 ? 62  GLU B CB  1 
ATOM   480  C  CG  . GLU A 1 61  ? -10.756 0.099   6.433   1.00 38.97 ? 62  GLU B CG  1 
ATOM   481  C  CD  . GLU A 1 61  ? -11.807 -0.803  7.049   1.00 43.66 ? 62  GLU B CD  1 
ATOM   482  O  OE1 . GLU A 1 61  ? -12.500 -1.506  6.273   1.00 42.42 ? 62  GLU B OE1 1 
ATOM   483  O  OE2 . GLU A 1 61  ? -11.893 -0.849  8.300   1.00 50.30 ? 62  GLU B OE2 1 
ATOM   484  N  N   . LEU A 1 62  ? -6.706  -1.761  5.600   1.00 28.80 ? 63  LEU B N   1 
ATOM   485  C  CA  . LEU A 1 62  ? -5.768  -2.809  5.256   1.00 29.33 ? 63  LEU B CA  1 
ATOM   486  C  C   . LEU A 1 62  ? -5.678  -3.799  6.421   1.00 28.06 ? 63  LEU B C   1 
ATOM   487  O  O   . LEU A 1 62  ? -5.376  -3.400  7.537   1.00 33.45 ? 63  LEU B O   1 
ATOM   488  C  CB  . LEU A 1 62  ? -4.459  -2.102  4.996   1.00 29.99 ? 63  LEU B CB  1 
ATOM   489  C  CG  . LEU A 1 62  ? -3.238  -2.843  4.536   1.00 33.69 ? 63  LEU B CG  1 
ATOM   490  C  CD1 . LEU A 1 62  ? -2.258  -1.826  3.974   1.00 34.54 ? 63  LEU B CD1 1 
ATOM   491  C  CD2 . LEU A 1 62  ? -2.631  -3.616  5.693   1.00 35.54 ? 63  LEU B CD2 1 
ATOM   492  N  N   . ASN A 1 63  ? -5.944  -5.074  6.184   1.00 25.04 ? 64  ASN B N   1 
ATOM   493  C  CA  . ASN A 1 63  ? -5.881  -6.075  7.251   1.00 24.02 ? 64  ASN B CA  1 
ATOM   494  C  C   . ASN A 1 63  ? -4.683  -7.031  7.143   1.00 23.27 ? 64  ASN B C   1 
ATOM   495  O  O   . ASN A 1 63  ? -4.492  -7.645  6.113   1.00 22.95 ? 64  ASN B O   1 
ATOM   496  C  CB  . ASN A 1 63  ? -7.166  -6.873  7.261   1.00 24.92 ? 64  ASN B CB  1 
ATOM   497  C  CG  . ASN A 1 63  ? -7.238  -7.846  8.413   1.00 25.09 ? 64  ASN B CG  1 
ATOM   498  O  OD1 . ASN A 1 63  ? -6.887  -9.006  8.265   1.00 26.65 ? 64  ASN B OD1 1 
ATOM   499  N  ND2 . ASN A 1 63  ? -7.715  -7.381  9.560   1.00 25.15 ? 64  ASN B ND2 1 
ATOM   500  N  N   . PHE A 1 64  ? -3.885  -7.152  8.211   1.00 21.29 ? 65  PHE B N   1 
ATOM   501  C  CA  . PHE A 1 64  ? -2.685  -7.965  8.187   1.00 20.48 ? 65  PHE B CA  1 
ATOM   502  C  C   . PHE A 1 64  ? -2.474  -8.736  9.462   1.00 20.74 ? 65  PHE B C   1 
ATOM   503  O  O   . PHE A 1 64  ? -2.936  -8.321  10.550  1.00 19.93 ? 65  PHE B O   1 
ATOM   504  C  CB  . PHE A 1 64  ? -1.435  -7.107  7.946   1.00 20.42 ? 65  PHE B CB  1 
ATOM   505  C  CG  . PHE A 1 64  ? -1.115  -6.162  9.063   1.00 19.58 ? 65  PHE B CG  1 
ATOM   506  C  CD1 . PHE A 1 64  ? -1.734  -4.915  9.141   1.00 19.72 ? 65  PHE B CD1 1 
ATOM   507  C  CD2 . PHE A 1 64  ? -0.177  -6.498  10.031  1.00 19.99 ? 65  PHE B CD2 1 
ATOM   508  C  CE1 . PHE A 1 64  ? -1.441  -4.041  10.170  1.00 19.30 ? 65  PHE B CE1 1 
ATOM   509  C  CE2 . PHE A 1 64  ? 0.123   -5.617  11.078  1.00 19.38 ? 65  PHE B CE2 1 
ATOM   510  C  CZ  . PHE A 1 64  ? -0.514  -4.389  11.143  1.00 19.14 ? 65  PHE B CZ  1 
ATOM   511  N  N   . SER A 1 65  ? -1.720  -9.827  9.315   1.00 19.45 ? 66  SER B N   1 
ATOM   512  C  CA  . SER A 1 65  ? -1.257  -10.641 10.417  1.00 19.86 ? 66  SER B CA  1 
ATOM   513  C  C   . SER A 1 65  ? 0.256   -10.576 10.465  1.00 20.49 ? 66  SER B C   1 
ATOM   514  O  O   . SER A 1 65  ? 0.910   -10.421 9.420   1.00 19.03 ? 66  SER B O   1 
ATOM   515  C  CB  . SER A 1 65  ? -1.676  -12.093 10.211  1.00 21.68 ? 66  SER B CB  1 
ATOM   516  O  OG  . SER A 1 65  ? -3.073  -12.242 10.044  1.00 21.84 ? 66  SER B OG  1 
ATOM   517  N  N   . SER A 1 66  ? 0.806   -10.686 11.677  1.00 21.44 ? 67  SER B N   1 
ATOM   518  C  CA  . SER A 1 66  ? 2.262   -10.767 11.909  1.00 21.19 ? 67  SER B CA  1 
ATOM   519  C  C   . SER A 1 66  ? 2.541   -11.711 13.070  1.00 21.91 ? 67  SER B C   1 
ATOM   520  O  O   . SER A 1 66  ? 2.057   -11.466 14.184  1.00 25.61 ? 67  SER B O   1 
ATOM   521  C  CB  . SER A 1 66  ? 2.830   -9.382  12.262  1.00 20.86 ? 67  SER B CB  1 
ATOM   522  O  OG  . SER A 1 66  ? 4.247   -9.426  12.402  1.00 18.92 ? 67  SER B OG  1 
ATOM   523  N  N   . THR A 1 67  ? 3.303   -12.775 12.839  1.00 20.08 ? 68  THR B N   1 
ATOM   524  C  CA  . THR A 1 67  ? 3.786   -13.594 13.949  1.00 20.01 ? 68  THR B CA  1 
ATOM   525  C  C   . THR A 1 67  ? 4.801   -12.813 14.794  1.00 19.65 ? 68  THR B C   1 
ATOM   526  O  O   . THR A 1 67  ? 4.833   -12.962 16.009  1.00 18.69 ? 68  THR B O   1 
ATOM   527  C  CB  . THR A 1 67  ? 4.439   -14.920 13.483  1.00 19.80 ? 68  THR B CB  1 
ATOM   528  O  OG1 . THR A 1 67  ? 5.647   -14.652 12.738  1.00 19.17 ? 68  THR B OG1 1 
ATOM   529  C  CG2 . THR A 1 67  ? 3.454   -15.702 12.629  1.00 19.18 ? 68  THR B CG2 1 
ATOM   530  N  N   . GLU A 1 68  ? 5.626   -12.000 14.133  1.00 19.73 ? 69  GLU B N   1 
ATOM   531  C  CA  . GLU A 1 68  ? 6.673   -11.237 14.808  1.00 20.29 ? 69  GLU B CA  1 
ATOM   532  C  C   . GLU A 1 68  ? 6.148   -9.930  15.373  1.00 20.43 ? 69  GLU B C   1 
ATOM   533  O  O   . GLU A 1 68  ? 5.295   -9.289  14.770  1.00 21.64 ? 69  GLU B O   1 
ATOM   534  C  CB  . GLU A 1 68  ? 7.863   -10.911 13.865  1.00 20.66 ? 69  GLU B CB  1 
ATOM   535  C  CG  . GLU A 1 68  ? 8.598   -12.116 13.280  1.00 20.64 ? 69  GLU B CG  1 
ATOM   536  C  CD  . GLU A 1 68  ? 8.726   -13.246 14.287  1.00 20.90 ? 69  GLU B CD  1 
ATOM   537  O  OE1 . GLU A 1 68  ? 9.606   -13.173 15.195  1.00 20.95 ? 69  GLU B OE1 1 
ATOM   538  O  OE2 . GLU A 1 68  ? 7.927   -14.202 14.170  1.00 20.05 ? 69  GLU B OE2 1 
ATOM   539  N  N   . GLN A 1 69  ? 6.691   -9.551  16.529  1.00 19.81 ? 70  GLN B N   1 
ATOM   540  C  CA  . GLN A 1 69  ? 6.488   -8.251  17.126  1.00 19.60 ? 70  GLN B CA  1 
ATOM   541  C  C   . GLN A 1 69  ? 7.167   -7.186  16.281  1.00 20.04 ? 70  GLN B C   1 
ATOM   542  O  O   . GLN A 1 69  ? 8.275   -7.402  15.799  1.00 19.25 ? 70  GLN B O   1 
ATOM   543  C  CB  . GLN A 1 69  ? 7.116   -8.226  18.536  1.00 18.47 ? 70  GLN B CB  1 
ATOM   544  C  CG  . GLN A 1 69  ? 6.987   -6.901  19.301  1.00 17.67 ? 70  GLN B CG  1 
ATOM   545  C  CD  . GLN A 1 69  ? 7.423   -7.016  20.769  1.00 17.10 ? 70  GLN B CD  1 
ATOM   546  O  OE1 . GLN A 1 69  ? 8.400   -6.362  21.211  1.00 16.98 ? 70  GLN B OE1 1 
ATOM   547  N  NE2 . GLN A 1 69  ? 6.716   -7.843  21.527  1.00 16.06 ? 70  GLN B NE2 1 
ATOM   548  N  N   . MET A 1 70  ? 6.522   -6.031  16.123  1.00 20.23 ? 71  MET B N   1 
ATOM   549  C  CA  . MET A 1 70  ? 7.205   -4.893  15.526  1.00 21.43 ? 71  MET B CA  1 
ATOM   550  C  C   . MET A 1 70  ? 7.104   -3.669  16.426  1.00 23.06 ? 71  MET B C   1 
ATOM   551  O  O   . MET A 1 70  ? 6.028   -3.349  16.961  1.00 21.53 ? 71  MET B O   1 
ATOM   552  C  CB  . MET A 1 70  ? 6.653   -4.596  14.117  1.00 21.70 ? 71  MET B CB  1 
ATOM   553  C  CG  . MET A 1 70  ? 7.131   -5.569  13.043  1.00 21.74 ? 71  MET B CG  1 
ATOM   554  S  SD  . MET A 1 70  ? 6.548   -5.208  11.362  1.00 21.89 ? 71  MET B SD  1 
ATOM   555  C  CE  . MET A 1 70  ? 4.982   -6.070  11.281  1.00 19.56 ? 71  MET B CE  1 
ATOM   556  N  N   . GLU A 1 71  ? 8.237   -2.987  16.583  1.00 26.54 ? 72  GLU B N   1 
ATOM   557  C  CA  . GLU A 1 71  ? 8.306   -1.754  17.373  1.00 29.43 ? 72  GLU B CA  1 
ATOM   558  C  C   . GLU A 1 71  ? 7.597   -0.599  16.640  1.00 28.17 ? 72  GLU B C   1 
ATOM   559  O  O   . GLU A 1 71  ? 6.736   0.047   17.213  1.00 26.15 ? 72  GLU B O   1 
ATOM   560  C  CB  . GLU A 1 71  ? 9.761   -1.363  17.663  1.00 34.59 ? 72  GLU B CB  1 
ATOM   561  C  CG  . GLU A 1 71  ? 10.719  -2.503  18.057  1.00 42.93 ? 72  GLU B CG  1 
ATOM   562  C  CD  . GLU A 1 71  ? 10.500  -3.046  19.476  1.00 46.68 ? 72  GLU B CD  1 
ATOM   563  O  OE1 . GLU A 1 71  ? 10.815  -2.311  20.455  1.00 52.76 ? 72  GLU B OE1 1 
ATOM   564  O  OE2 . GLU A 1 71  ? 10.036  -4.214  19.600  1.00 47.58 ? 72  GLU B OE2 1 
ATOM   565  N  N   . LYS A 1 72  ? 7.971   -0.342  15.377  1.00 28.49 ? 73  LYS B N   1 
ATOM   566  C  CA  . LYS A 1 72  ? 7.394   0.767   14.583  1.00 30.91 ? 73  LYS B CA  1 
ATOM   567  C  C   . LYS A 1 72  ? 7.081   0.352   13.136  1.00 27.41 ? 73  LYS B C   1 
ATOM   568  O  O   . LYS A 1 72  ? 7.830   0.627   12.199  1.00 24.87 ? 73  LYS B O   1 
ATOM   569  C  CB  . LYS A 1 72  ? 8.320   1.979   14.590  1.00 36.29 ? 73  LYS B CB  1 
ATOM   570  C  CG  . LYS A 1 72  ? 7.668   3.254   14.044  1.00 45.79 ? 73  LYS B CG  1 
ATOM   571  C  CD  . LYS A 1 72  ? 8.698   4.383   13.897  1.00 53.58 ? 73  LYS B CD  1 
ATOM   572  C  CE  . LYS A 1 72  ? 8.223   5.723   14.458  1.00 58.60 ? 73  LYS B CE  1 
ATOM   573  N  NZ  . LYS A 1 72  ? 7.722   5.606   15.867  1.00 62.93 ? 73  LYS B NZ  1 
ATOM   574  N  N   . PHE A 1 73  ? 5.970   -0.341  12.973  1.00 25.81 ? 74  PHE B N   1 
ATOM   575  C  CA  . PHE A 1 73  ? 5.583   -0.824  11.672  1.00 24.94 ? 74  PHE B CA  1 
ATOM   576  C  C   . PHE A 1 73  ? 5.071   0.376   10.865  1.00 23.45 ? 74  PHE B C   1 
ATOM   577  O  O   . PHE A 1 73  ? 4.266   1.156   11.336  1.00 22.19 ? 74  PHE B O   1 
ATOM   578  C  CB  . PHE A 1 73  ? 4.564   -1.946  11.814  1.00 24.73 ? 74  PHE B CB  1 
ATOM   579  C  CG  . PHE A 1 73  ? 3.996   -2.417  10.524  1.00 25.96 ? 74  PHE B CG  1 
ATOM   580  C  CD1 . PHE A 1 73  ? 4.820   -2.754  9.468   1.00 26.32 ? 74  PHE B CD1 1 
ATOM   581  C  CD2 . PHE A 1 73  ? 2.623   -2.538  10.362  1.00 26.75 ? 74  PHE B CD2 1 
ATOM   582  C  CE1 . PHE A 1 73  ? 4.292   -3.185  8.273   1.00 25.63 ? 74  PHE B CE1 1 
ATOM   583  C  CE2 . PHE A 1 73  ? 2.088   -2.977  9.163   1.00 27.11 ? 74  PHE B CE2 1 
ATOM   584  C  CZ  . PHE A 1 73  ? 2.930   -3.307  8.120   1.00 25.73 ? 74  PHE B CZ  1 
ATOM   585  N  N   . ARG A 1 74  ? 5.618   0.552   9.670   1.00 23.17 ? 75  ARG B N   1 
ATOM   586  C  CA  . ARG A 1 74  ? 5.237   1.660   8.810   1.00 21.91 ? 75  ARG B CA  1 
ATOM   587  C  C   . ARG A 1 74  ? 5.423   1.284   7.318   1.00 21.24 ? 75  ARG B C   1 
ATOM   588  O  O   . ARG A 1 74  ? 6.045   0.255   6.986   1.00 19.40 ? 75  ARG B O   1 
ATOM   589  C  CB  . ARG A 1 74  ? 6.072   2.883   9.197   1.00 22.12 ? 75  ARG B CB  1 
ATOM   590  C  CG  . ARG A 1 74  ? 7.537   2.726   8.933   1.00 22.63 ? 75  ARG B CG  1 
ATOM   591  C  CD  . ARG A 1 74  ? 8.341   3.932   9.368   1.00 22.98 ? 75  ARG B CD  1 
ATOM   592  N  NE  . ARG A 1 74  ? 9.726   3.715   8.964   1.00 22.81 ? 75  ARG B NE  1 
ATOM   593  C  CZ  . ARG A 1 74  ? 10.271  4.118   7.818   1.00 22.85 ? 75  ARG B CZ  1 
ATOM   594  N  NH1 . ARG A 1 74  ? 9.581   4.812   6.922   1.00 23.96 ? 75  ARG B NH1 1 
ATOM   595  N  NH2 . ARG A 1 74  ? 11.533  3.827   7.567   1.00 22.81 ? 75  ARG B NH2 1 
ATOM   596  N  N   . LEU A 1 75  ? 4.862   2.114   6.436   1.00 20.96 ? 76  LEU B N   1 
ATOM   597  C  CA  . LEU A 1 75  ? 4.987   1.952   4.996   1.00 20.85 ? 76  LEU B CA  1 
ATOM   598  C  C   . LEU A 1 75  ? 5.488   3.218   4.340   1.00 20.12 ? 76  LEU B C   1 
ATOM   599  O  O   . LEU A 1 75  ? 5.101   4.321   4.721   1.00 19.75 ? 76  LEU B O   1 
ATOM   600  C  CB  . LEU A 1 75  ? 3.636   1.642   4.328   1.00 22.26 ? 76  LEU B CB  1 
ATOM   601  C  CG  . LEU A 1 75  ? 2.741   0.501   4.798   1.00 23.26 ? 76  LEU B CG  1 
ATOM   602  C  CD1 . LEU A 1 75  ? 1.438   0.487   4.022   1.00 22.54 ? 76  LEU B CD1 1 
ATOM   603  C  CD2 . LEU A 1 75  ? 3.467   -0.832  4.689   1.00 25.20 ? 76  LEU B CD2 1 
ATOM   604  N  N   . GLU A 1 76  ? 6.294   3.039   3.300   1.00 20.11 ? 77  GLU B N   1 
ATOM   605  C  CA  . GLU A 1 76  ? 6.601   4.099   2.338   1.00 21.44 ? 77  GLU B CA  1 
ATOM   606  C  C   . GLU A 1 76  ? 6.037   3.649   0.983   1.00 21.30 ? 77  GLU B C   1 
ATOM   607  O  O   . GLU A 1 76  ? 6.214   2.498   0.575   1.00 21.04 ? 77  GLU B O   1 
ATOM   608  C  CB  . GLU A 1 76  ? 8.115   4.344   2.260   1.00 23.09 ? 77  GLU B CB  1 
ATOM   609  C  CG  . GLU A 1 76  ? 8.683   4.955   3.544   1.00 24.93 ? 77  GLU B CG  1 
ATOM   610  C  CD  . GLU A 1 76  ? 10.203  5.145   3.560   1.00 25.95 ? 77  GLU B CD  1 
ATOM   611  O  OE1 . GLU A 1 76  ? 10.866  5.009   2.512   1.00 27.65 ? 77  GLU B OE1 1 
ATOM   612  O  OE2 . GLU A 1 76  ? 10.747  5.439   4.657   1.00 28.15 ? 77  GLU B OE2 1 
ATOM   613  N  N   . GLN A 1 77  ? 5.319   4.535   0.303   1.00 20.99 ? 78  GLN B N   1 
ATOM   614  C  CA  . GLN A 1 77  ? 4.783   4.210   -1.007  1.00 21.24 ? 78  GLN B CA  1 
ATOM   615  C  C   . GLN A 1 77  ? 5.157   5.256   -2.033  1.00 22.33 ? 78  GLN B C   1 
ATOM   616  O  O   . GLN A 1 77  ? 5.033   6.458   -1.768  1.00 24.54 ? 78  GLN B O   1 
ATOM   617  C  CB  . GLN A 1 77  ? 3.268   4.064   -0.955  1.00 20.17 ? 78  GLN B CB  1 
ATOM   618  C  CG  . GLN A 1 77  ? 2.829   2.814   -0.227  1.00 20.23 ? 78  GLN B CG  1 
ATOM   619  C  CD  . GLN A 1 77  ? 1.335   2.649   -0.236  1.00 20.16 ? 78  GLN B CD  1 
ATOM   620  O  OE1 . GLN A 1 77  ? 0.608   3.485   0.293   1.00 20.14 ? 78  GLN B OE1 1 
ATOM   621  N  NE2 . GLN A 1 77  ? 0.856   1.595   -0.890  1.00 21.01 ? 78  GLN B NE2 1 
ATOM   622  N  N   . LYS A 1 78  ? 5.577   4.797   -3.209  1.00 21.27 ? 79  LYS B N   1 
ATOM   623  C  CA  . LYS A 1 78  ? 5.850   5.686   -4.321  1.00 22.34 ? 79  LYS B CA  1 
ATOM   624  C  C   . LYS A 1 78  ? 4.940   5.410   -5.532  1.00 22.48 ? 79  LYS B C   1 
ATOM   625  O  O   . LYS A 1 78  ? 4.734   4.247   -5.924  1.00 21.78 ? 79  LYS B O   1 
ATOM   626  C  CB  . LYS A 1 78  ? 7.288   5.540   -4.727  1.00 24.18 ? 79  LYS B CB  1 
ATOM   627  C  CG  . LYS A 1 78  ? 8.235   6.169   -3.737  1.00 25.99 ? 79  LYS B CG  1 
ATOM   628  C  CD  . LYS A 1 78  ? 9.642   6.017   -4.228  1.00 29.02 ? 79  LYS B CD  1 
ATOM   629  C  CE  . LYS A 1 78  ? 10.619  6.763   -3.342  1.00 33.83 ? 79  LYS B CE  1 
ATOM   630  N  NZ  . LYS A 1 78  ? 11.912  6.855   -4.065  1.00 36.28 ? 79  LYS B NZ  1 
ATOM   631  N  N   . VAL A 1 79  ? 4.406   6.484   -6.105  1.00 20.60 ? 80  VAL B N   1 
ATOM   632  C  CA  . VAL A 1 79  ? 3.536   6.408   -7.261  1.00 20.73 ? 80  VAL B CA  1 
ATOM   633  C  C   . VAL A 1 79  ? 4.393   6.781   -8.453  1.00 19.99 ? 80  VAL B C   1 
ATOM   634  O  O   . VAL A 1 79  ? 4.797   7.921   -8.586  1.00 19.39 ? 80  VAL B O   1 
ATOM   635  C  CB  . VAL A 1 79  ? 2.321   7.363   -7.132  1.00 20.84 ? 80  VAL B CB  1 
ATOM   636  C  CG1 . VAL A 1 79  ? 1.402   7.248   -8.337  1.00 20.96 ? 80  VAL B CG1 1 
ATOM   637  C  CG2 . VAL A 1 79  ? 1.542   7.088   -5.849  1.00 20.39 ? 80  VAL B CG2 1 
ATOM   638  N  N   . TYR A 1 80  ? 4.726   5.783   -9.266  1.00 20.79 ? 81  TYR B N   1 
ATOM   639  C  CA  . TYR A 1 80  ? 5.506   5.972   -10.500 1.00 20.84 ? 81  TYR B CA  1 
ATOM   640  C  C   . TYR A 1 80  ? 4.595   5.941   -11.720 1.00 21.13 ? 81  TYR B C   1 
ATOM   641  O  O   . TYR A 1 80  ? 3.746   5.034   -11.864 1.00 20.69 ? 81  TYR B O   1 
ATOM   642  C  CB  . TYR A 1 80  ? 6.504   4.848   -10.686 1.00 20.98 ? 81  TYR B CB  1 
ATOM   643  C  CG  . TYR A 1 80  ? 7.670   4.871   -9.747  1.00 22.45 ? 81  TYR B CG  1 
ATOM   644  C  CD1 . TYR A 1 80  ? 8.751   5.684   -10.004 1.00 23.32 ? 81  TYR B CD1 1 
ATOM   645  C  CD2 . TYR A 1 80  ? 7.702   4.063   -8.606  1.00 22.71 ? 81  TYR B CD2 1 
ATOM   646  C  CE1 . TYR A 1 80  ? 9.836   5.710   -9.166  1.00 24.54 ? 81  TYR B CE1 1 
ATOM   647  C  CE2 . TYR A 1 80  ? 8.784   4.085   -7.753  1.00 23.63 ? 81  TYR B CE2 1 
ATOM   648  C  CZ  . TYR A 1 80  ? 9.848   4.908   -8.044  1.00 25.65 ? 81  TYR B CZ  1 
ATOM   649  O  OH  . TYR A 1 80  ? 10.951  4.950   -7.230  1.00 28.96 ? 81  TYR B OH  1 
ATOM   650  N  N   . PHE A 1 81  ? 4.768   6.929   -12.589 1.00 20.72 ? 82  PHE B N   1 
ATOM   651  C  CA  . PHE A 1 81  ? 4.156   6.923   -13.915 1.00 20.20 ? 82  PHE B CA  1 
ATOM   652  C  C   . PHE A 1 81  ? 5.288   6.857   -14.959 1.00 20.74 ? 82  PHE B C   1 
ATOM   653  O  O   . PHE A 1 81  ? 6.157   7.744   -15.012 1.00 18.09 ? 82  PHE B O   1 
ATOM   654  C  CB  . PHE A 1 81  ? 3.284   8.175   -14.093 1.00 19.78 ? 82  PHE B CB  1 
ATOM   655  C  CG  . PHE A 1 81  ? 2.835   8.409   -15.521 1.00 19.21 ? 82  PHE B CG  1 
ATOM   656  C  CD1 . PHE A 1 81  ? 1.730   7.725   -16.046 1.00 18.82 ? 82  PHE B CD1 1 
ATOM   657  C  CD2 . PHE A 1 81  ? 3.532   9.303   -16.345 1.00 18.49 ? 82  PHE B CD2 1 
ATOM   658  C  CE1 . PHE A 1 81  ? 1.326   7.924   -17.365 1.00 18.44 ? 82  PHE B CE1 1 
ATOM   659  C  CE2 . PHE A 1 81  ? 3.119   9.523   -17.651 1.00 19.02 ? 82  PHE B CE2 1 
ATOM   660  C  CZ  . PHE A 1 81  ? 2.010   8.834   -18.157 1.00 19.00 ? 82  PHE B CZ  1 
ATOM   661  N  N   . LYS A 1 82  ? 5.286   5.781   -15.751 1.00 20.81 ? 83  LYS B N   1 
ATOM   662  C  CA  . LYS A 1 82  ? 6.337   5.523   -16.728 1.00 20.90 ? 83  LYS B CA  1 
ATOM   663  C  C   . LYS A 1 82  ? 7.737   5.689   -16.131 1.00 21.47 ? 83  LYS B C   1 
ATOM   664  O  O   . LYS A 1 82  ? 8.620   6.261   -16.765 1.00 20.70 ? 83  LYS B O   1 
ATOM   665  C  CB  . LYS A 1 82  ? 6.174   6.443   -17.947 1.00 20.98 ? 83  LYS B CB  1 
ATOM   666  C  CG  . LYS A 1 82  ? 4.858   6.278   -18.681 1.00 21.52 ? 83  LYS B CG  1 
ATOM   667  C  CD  . LYS A 1 82  ? 4.964   6.808   -20.106 1.00 22.25 ? 83  LYS B CD  1 
ATOM   668  C  CE  . LYS A 1 82  ? 3.608   6.928   -20.780 1.00 22.06 ? 83  LYS B CE  1 
ATOM   669  N  NZ  . LYS A 1 82  ? 3.746   7.360   -22.186 1.00 22.62 ? 83  LYS B NZ  1 
ATOM   670  N  N   . GLY A 1 83  ? 7.948   5.213   -14.905 1.00 23.21 ? 84  GLY B N   1 
ATOM   671  C  CA  . GLY A 1 83  ? 9.293   5.241   -14.318 1.00 23.81 ? 84  GLY B CA  1 
ATOM   672  C  C   . GLY A 1 83  ? 9.594   6.510   -13.546 1.00 25.49 ? 84  GLY B C   1 
ATOM   673  O  O   . GLY A 1 83  ? 10.588  6.582   -12.857 1.00 26.78 ? 84  GLY B O   1 
ATOM   674  N  N   . GLN A 1 84  ? 8.715   7.506   -13.631 1.00 26.95 ? 85  GLN B N   1 
ATOM   675  C  CA  . GLN A 1 84  ? 8.886   8.733   -12.889 1.00 26.60 ? 85  GLN B CA  1 
ATOM   676  C  C   . GLN A 1 84  ? 8.075   8.749   -11.584 1.00 26.06 ? 85  GLN B C   1 
ATOM   677  O  O   . GLN A 1 84  ? 6.862   8.616   -11.608 1.00 22.48 ? 85  GLN B O   1 
ATOM   678  C  CB  . GLN A 1 84  ? 8.447   9.899   -13.739 1.00 28.13 ? 85  GLN B CB  1 
ATOM   679  C  CG  . GLN A 1 84  ? 8.600   11.222  -13.026 1.00 32.89 ? 85  GLN B CG  1 
ATOM   680  C  CD  . GLN A 1 84  ? 8.651   12.368  -13.991 1.00 37.22 ? 85  GLN B CD  1 
ATOM   681  O  OE1 . GLN A 1 84  ? 9.554   12.450  -14.816 1.00 46.71 ? 85  GLN B OE1 1 
ATOM   682  N  NE2 . GLN A 1 84  ? 7.668   13.243  -13.919 1.00 40.07 ? 85  GLN B NE2 1 
ATOM   683  N  N   . CYS A 1 85  ? 8.746   8.971   -10.455 1.00 27.64 ? 86  CYS B N   1 
ATOM   684  C  CA  . CYS A 1 85  ? 8.038   9.162   -9.186  1.00 29.07 ? 86  CYS B CA  1 
ATOM   685  C  C   . CYS A 1 85  ? 7.239   10.460  -9.177  1.00 28.05 ? 86  CYS B C   1 
ATOM   686  O  O   . CYS A 1 85  ? 7.812   11.525  -9.229  1.00 29.98 ? 86  CYS B O   1 
ATOM   687  C  CB  . CYS A 1 85  ? 9.006   9.175   -8.000  1.00 28.64 ? 86  CYS B CB  1 
ATOM   688  S  SG  . CYS A 1 85  ? 8.063   9.335   -6.477  1.00 30.64 ? 86  CYS B SG  1 
ATOM   689  N  N   . LEU A 1 86  ? 5.918   10.359  -9.107  1.00 29.89 ? 87  LEU B N   1 
ATOM   690  C  CA  . LEU A 1 86  ? 5.022   11.519  -9.066  1.00 30.19 ? 87  LEU B CA  1 
ATOM   691  C  C   . LEU A 1 86  ? 4.758   11.943  -7.645  1.00 32.68 ? 87  LEU B C   1 
ATOM   692  O  O   . LEU A 1 86  ? 4.641   13.128  -7.361  1.00 32.38 ? 87  LEU B O   1 
ATOM   693  C  CB  . LEU A 1 86  ? 3.661   11.160  -9.667  1.00 31.12 ? 87  LEU B CB  1 
ATOM   694  C  CG  . LEU A 1 86  ? 3.356   11.387  -11.148 1.00 30.14 ? 87  LEU B CG  1 
ATOM   695  C  CD1 . LEU A 1 86  ? 4.610   11.398  -11.995 1.00 31.50 ? 87  LEU B CD1 1 
ATOM   696  C  CD2 . LEU A 1 86  ? 2.350   10.354  -11.608 1.00 30.24 ? 87  LEU B CD2 1 
ATOM   697  N  N   . GLU A 1 87  ? 4.599   10.968  -6.755  1.00 33.95 ? 88  GLU B N   1 
ATOM   698  C  CA  . GLU A 1 87  ? 4.305   11.285  -5.367  1.00 34.77 ? 88  GLU B CA  1 
ATOM   699  C  C   . GLU A 1 87  ? 4.829   10.226  -4.406  1.00 33.81 ? 88  GLU B C   1 
ATOM   700  O  O   . GLU A 1 87  ? 4.939   9.053   -4.754  1.00 31.41 ? 88  GLU B O   1 
ATOM   701  C  CB  . GLU A 1 87  ? 2.808   11.482  -5.185  1.00 35.40 ? 88  GLU B CB  1 
ATOM   702  C  CG  . GLU A 1 87  ? 2.477   12.529  -4.134  1.00 38.73 ? 88  GLU B CG  1 
ATOM   703  C  CD  . GLU A 1 87  ? 1.020   12.946  -4.171  1.00 38.70 ? 88  GLU B CD  1 
ATOM   704  O  OE1 . GLU A 1 87  ? 0.693   13.939  -4.857  1.00 39.36 ? 88  GLU B OE1 1 
ATOM   705  O  OE2 . GLU A 1 87  ? 0.200   12.269  -3.531  1.00 41.03 ? 88  GLU B OE2 1 
ATOM   706  N  N   . GLU A 1 88  ? 5.162   10.666  -3.196  1.00 34.58 ? 89  GLU B N   1 
ATOM   707  C  CA  . GLU A 1 88  ? 5.662   9.777   -2.156  1.00 34.20 ? 89  GLU B CA  1 
ATOM   708  C  C   . GLU A 1 88  ? 4.784   9.884   -0.912  1.00 31.12 ? 89  GLU B C   1 
ATOM   709  O  O   . GLU A 1 88  ? 4.553   10.980  -0.437  1.00 29.61 ? 89  GLU B O   1 
ATOM   710  C  CB  . GLU A 1 88  ? 7.099   10.138  -1.832  1.00 36.42 ? 89  GLU B CB  1 
ATOM   711  C  CG  . GLU A 1 88  ? 7.801   9.088   -0.990  1.00 43.77 ? 89  GLU B CG  1 
ATOM   712  C  CD  . GLU A 1 88  ? 9.300   9.294   -0.924  1.00 49.52 ? 89  GLU B CD  1 
ATOM   713  O  OE1 . GLU A 1 88  ? 9.779   10.378  -1.359  1.00 53.75 ? 89  GLU B OE1 1 
ATOM   714  O  OE2 . GLU A 1 88  ? 9.992   8.358   -0.453  1.00 52.30 ? 89  GLU B OE2 1 
ATOM   715  N  N   . TRP A 1 89  ? 4.294   8.742   -0.412  1.00 28.34 ? 90  TRP B N   1 
ATOM   716  C  CA  . TRP A 1 89  ? 3.435   8.687   0.784   1.00 27.18 ? 90  TRP B CA  1 
ATOM   717  C  C   . TRP A 1 89  ? 4.111   7.974   1.961   1.00 26.08 ? 90  TRP B C   1 
ATOM   718  O  O   . TRP A 1 89  ? 4.945   7.094   1.767   1.00 25.79 ? 90  TRP B O   1 
ATOM   719  C  CB  . TRP A 1 89  ? 2.132   7.958   0.497   1.00 26.98 ? 90  TRP B CB  1 
ATOM   720  C  CG  . TRP A 1 89  ? 1.347   8.483   -0.643  1.00 28.36 ? 90  TRP B CG  1 
ATOM   721  C  CD1 . TRP A 1 89  ? 1.284   9.782   -1.065  1.00 28.86 ? 90  TRP B CD1 1 
ATOM   722  C  CD2 . TRP A 1 89  ? 0.479   7.738   -1.505  1.00 27.16 ? 90  TRP B CD2 1 
ATOM   723  N  NE1 . TRP A 1 89  ? 0.446   9.880   -2.147  1.00 28.35 ? 90  TRP B NE1 1 
ATOM   724  C  CE2 . TRP A 1 89  ? -0.070  8.648   -2.433  1.00 28.05 ? 90  TRP B CE2 1 
ATOM   725  C  CE3 . TRP A 1 89  ? 0.109   6.391   -1.585  1.00 27.19 ? 90  TRP B CE3 1 
ATOM   726  C  CZ2 . TRP A 1 89  ? -0.986  8.255   -3.426  1.00 27.44 ? 90  TRP B CZ2 1 
ATOM   727  C  CZ3 . TRP A 1 89  ? -0.803  6.001   -2.580  1.00 26.37 ? 90  TRP B CZ3 1 
ATOM   728  C  CH2 . TRP A 1 89  ? -1.324  6.929   -3.489  1.00 25.87 ? 90  TRP B CH2 1 
ATOM   729  N  N   . PHE A 1 90  ? 3.747   8.370   3.176   1.00 24.85 ? 91  PHE B N   1 
ATOM   730  C  CA  . PHE A 1 90  ? 4.308   7.780   4.399   1.00 24.83 ? 91  PHE B CA  1 
ATOM   731  C  C   . PHE A 1 90  ? 3.161   7.516   5.335   1.00 24.70 ? 91  PHE B C   1 
ATOM   732  O  O   . PHE A 1 90  ? 2.373   8.401   5.586   1.00 23.72 ? 91  PHE B O   1 
ATOM   733  C  CB  . PHE A 1 90  ? 5.313   8.717   5.068   1.00 24.66 ? 91  PHE B CB  1 
ATOM   734  C  CG  . PHE A 1 90  ? 6.449   9.124   4.166   1.00 24.77 ? 91  PHE B CG  1 
ATOM   735  C  CD1 . PHE A 1 90  ? 6.287   10.150  3.242   1.00 24.42 ? 91  PHE B CD1 1 
ATOM   736  C  CD2 . PHE A 1 90  ? 7.670   8.468   4.221   1.00 23.92 ? 91  PHE B CD2 1 
ATOM   737  C  CE1 . PHE A 1 90  ? 7.328   10.512  2.408   1.00 23.72 ? 91  PHE B CE1 1 
ATOM   738  C  CE2 . PHE A 1 90  ? 8.702   8.833   3.391   1.00 23.57 ? 91  PHE B CE2 1 
ATOM   739  C  CZ  . PHE A 1 90  ? 8.532   9.855   2.487   1.00 23.11 ? 91  PHE B CZ  1 
ATOM   740  N  N   . PHE A 1 91  ? 3.039   6.279   5.800   1.00 25.88 ? 92  PHE B N   1 
ATOM   741  C  CA  . PHE A 1 91  ? 2.009   5.912   6.779   1.00 26.29 ? 92  PHE B CA  1 
ATOM   742  C  C   . PHE A 1 91  ? 2.683   5.146   7.927   1.00 27.94 ? 92  PHE B C   1 
ATOM   743  O  O   . PHE A 1 91  ? 3.644   4.408   7.702   1.00 25.24 ? 92  PHE B O   1 
ATOM   744  C  CB  . PHE A 1 91  ? 0.917   5.051   6.133   1.00 26.24 ? 92  PHE B CB  1 
ATOM   745  C  CG  . PHE A 1 91  ? 0.335   5.640   4.875   1.00 27.65 ? 92  PHE B CG  1 
ATOM   746  C  CD1 . PHE A 1 91  ? 0.898   5.366   3.643   1.00 27.10 ? 92  PHE B CD1 1 
ATOM   747  C  CD2 . PHE A 1 91  ? -0.794  6.446   4.922   1.00 28.10 ? 92  PHE B CD2 1 
ATOM   748  C  CE1 . PHE A 1 91  ? 0.366   5.909   2.490   1.00 28.02 ? 92  PHE B CE1 1 
ATOM   749  C  CE2 . PHE A 1 91  ? -1.323  6.993   3.774   1.00 28.25 ? 92  PHE B CE2 1 
ATOM   750  C  CZ  . PHE A 1 91  ? -0.745  6.722   2.553   1.00 27.35 ? 92  PHE B CZ  1 
ATOM   751  N  N   . GLU A 1 92  ? 2.185   5.353   9.146   1.00 29.77 ? 93  GLU B N   1 
ATOM   752  C  CA  . GLU A 1 92  ? 2.712   4.717   10.356  1.00 31.00 ? 93  GLU B CA  1 
ATOM   753  C  C   . GLU A 1 92  ? 1.625   3.924   11.045  1.00 27.68 ? 93  GLU B C   1 
ATOM   754  O  O   . GLU A 1 92  ? 0.526   4.448   11.241  1.00 24.44 ? 93  GLU B O   1 
ATOM   755  C  CB  . GLU A 1 92  ? 3.183   5.761   11.355  1.00 36.35 ? 93  GLU B CB  1 
ATOM   756  C  CG  . GLU A 1 92  ? 4.684   5.965   11.385  1.00 42.53 ? 93  GLU B CG  1 
ATOM   757  C  CD  . GLU A 1 92  ? 5.165   6.465   12.740  1.00 48.78 ? 93  GLU B CD  1 
ATOM   758  O  OE1 . GLU A 1 92  ? 5.028   5.714   13.749  1.00 50.74 ? 93  GLU B OE1 1 
ATOM   759  O  OE2 . GLU A 1 92  ? 5.689   7.605   12.793  1.00 52.92 ? 93  GLU B OE2 1 
ATOM   760  N  N   . PHE A 1 93  ? 1.928   2.666   11.378  1.00 22.96 ? 94  PHE B N   1 
ATOM   761  C  CA  . PHE A 1 93  ? 1.057   1.873   12.232  1.00 22.80 ? 94  PHE B CA  1 
ATOM   762  C  C   . PHE A 1 93  ? 1.555   1.923   13.673  1.00 22.91 ? 94  PHE B C   1 
ATOM   763  O  O   . PHE A 1 93  ? 0.764   2.059   14.582  1.00 21.90 ? 94  PHE B O   1 
ATOM   764  C  CB  . PHE A 1 93  ? 0.981   0.412   11.777  1.00 22.31 ? 94  PHE B CB  1 
ATOM   765  C  CG  . PHE A 1 93  ? 0.016   -0.417  12.575  1.00 21.15 ? 94  PHE B CG  1 
ATOM   766  C  CD1 . PHE A 1 93  ? -1.339  -0.406  12.272  1.00 21.22 ? 94  PHE B CD1 1 
ATOM   767  C  CD2 . PHE A 1 93  ? 0.455   -1.206  13.620  1.00 20.72 ? 94  PHE B CD2 1 
ATOM   768  C  CE1 . PHE A 1 93  ? -2.244  -1.162  12.995  1.00 20.35 ? 94  PHE B CE1 1 
ATOM   769  C  CE2 . PHE A 1 93  ? -0.447  -1.956  14.356  1.00 20.54 ? 94  PHE B CE2 1 
ATOM   770  C  CZ  . PHE A 1 93  ? -1.794  -1.924  14.047  1.00 20.77 ? 94  PHE B CZ  1 
ATOM   771  N  N   . GLY A 1 94  ? 2.866   1.784   13.868  1.00 23.16 ? 95  GLY B N   1 
ATOM   772  C  CA  . GLY A 1 94  ? 3.428   1.695   15.201  1.00 24.03 ? 95  GLY B CA  1 
ATOM   773  C  C   . GLY A 1 94  ? 3.598   0.250   15.666  1.00 24.27 ? 95  GLY B C   1 
ATOM   774  O  O   . GLY A 1 94  ? 4.091   -0.608  14.914  1.00 25.47 ? 95  GLY B O   1 
ATOM   775  N  N   . PHE A 1 95  ? 3.165   -0.017  16.893  1.00 22.33 ? 96  PHE B N   1 
ATOM   776  C  CA  . PHE A 1 95  ? 3.536   -1.234  17.584  1.00 21.33 ? 96  PHE B CA  1 
ATOM   777  C  C   . PHE A 1 95  ? 2.667   -2.406  17.166  1.00 19.99 ? 96  PHE B C   1 
ATOM   778  O  O   . PHE A 1 95  ? 1.449   -2.295  17.175  1.00 19.23 ? 96  PHE B O   1 
ATOM   779  C  CB  . PHE A 1 95  ? 3.433   -1.050  19.111  1.00 21.46 ? 96  PHE B CB  1 
ATOM   780  C  CG  . PHE A 1 95  ? 3.780   -2.296  19.878  1.00 21.44 ? 96  PHE B CG  1 
ATOM   781  C  CD1 . PHE A 1 95  ? 5.099   -2.648  20.083  1.00 21.47 ? 96  PHE B CD1 1 
ATOM   782  C  CD2 . PHE A 1 95  ? 2.795   -3.131  20.355  1.00 21.90 ? 96  PHE B CD2 1 
ATOM   783  C  CE1 . PHE A 1 95  ? 5.429   -3.801  20.770  1.00 21.90 ? 96  PHE B CE1 1 
ATOM   784  C  CE2 . PHE A 1 95  ? 3.127   -4.300  21.045  1.00 22.02 ? 96  PHE B CE2 1 
ATOM   785  C  CZ  . PHE A 1 95  ? 4.438   -4.635  21.241  1.00 20.71 ? 96  PHE B CZ  1 
ATOM   786  N  N   . VAL A 1 96  ? 3.292   -3.544  16.851  1.00 19.53 ? 97  VAL B N   1 
ATOM   787  C  CA  . VAL A 1 96  ? 2.549   -4.738  16.445  1.00 19.29 ? 97  VAL B CA  1 
ATOM   788  C  C   . VAL A 1 96  ? 2.799   -5.883  17.426  1.00 20.33 ? 97  VAL B C   1 
ATOM   789  O  O   . VAL A 1 96  ? 3.927   -6.289  17.645  1.00 21.81 ? 97  VAL B O   1 
ATOM   790  C  CB  . VAL A 1 96  ? 2.925   -5.217  15.012  1.00 19.21 ? 97  VAL B CB  1 
ATOM   791  C  CG1 . VAL A 1 96  ? 2.076   -6.429  14.591  1.00 18.76 ? 97  VAL B CG1 1 
ATOM   792  C  CG2 . VAL A 1 96  ? 2.844   -4.085  13.988  1.00 18.78 ? 97  VAL B CG2 1 
ATOM   793  N  N   . ILE A 1 97  ? 1.723   -6.430  17.969  1.00 21.71 ? 98  ILE B N   1 
ATOM   794  C  CA  . ILE A 1 97  ? 1.769   -7.547  18.895  1.00 22.97 ? 98  ILE B CA  1 
ATOM   795  C  C   . ILE A 1 97  ? 2.106   -8.835  18.137  1.00 22.82 ? 98  ILE B C   1 
ATOM   796  O  O   . ILE A 1 97  ? 1.505   -9.093  17.117  1.00 22.85 ? 98  ILE B O   1 
ATOM   797  C  CB  . ILE A 1 97  ? 0.405   -7.680  19.617  1.00 24.19 ? 98  ILE B CB  1 
ATOM   798  C  CG1 . ILE A 1 97  ? 0.213   -6.519  20.613  1.00 25.03 ? 98  ILE B CG1 1 
ATOM   799  C  CG2 . ILE A 1 97  ? 0.281   -9.005  20.363  1.00 25.25 ? 98  ILE B CG2 1 
ATOM   800  C  CD1 . ILE A 1 97  ? -1.238  -6.356  21.068  1.00 25.86 ? 98  ILE B CD1 1 
ATOM   801  N  N   . PRO A 1 98  ? 3.066   -9.646  18.644  1.00 22.36 ? 99  PRO B N   1 
ATOM   802  C  CA  . PRO A 1 98  ? 3.359   -10.904 17.997  1.00 22.05 ? 99  PRO B CA  1 
ATOM   803  C  C   . PRO A 1 98  ? 2.120   -11.798 17.943  1.00 22.17 ? 99  PRO B C   1 
ATOM   804  O  O   . PRO A 1 98  ? 1.422   -11.899 18.931  1.00 22.32 ? 99  PRO B O   1 
ATOM   805  C  CB  . PRO A 1 98  ? 4.467   -11.533 18.894  1.00 22.56 ? 99  PRO B CB  1 
ATOM   806  C  CG  . PRO A 1 98  ? 4.405   -10.804 20.198  1.00 22.71 ? 99  PRO B CG  1 
ATOM   807  C  CD  . PRO A 1 98  ? 3.935   -9.419  19.818  1.00 22.57 ? 99  PRO B CD  1 
ATOM   808  N  N   . ASN A 1 99  ? 1.885   -12.436 16.792  1.00 23.01 ? 100 ASN B N   1 
ATOM   809  C  CA  . ASN A 1 99  ? 0.702   -13.269 16.514  1.00 23.26 ? 100 ASN B CA  1 
ATOM   810  C  C   . ASN A 1 99  ? -0.616  -12.525 16.603  1.00 22.52 ? 100 ASN B C   1 
ATOM   811  O  O   . ASN A 1 99  ? -1.608  -13.073 17.040  1.00 21.71 ? 100 ASN B O   1 
ATOM   812  C  CB  . ASN A 1 99  ? 0.654   -14.504 17.407  1.00 24.55 ? 100 ASN B CB  1 
ATOM   813  C  CG  . ASN A 1 99  ? 1.884   -15.376 17.241  1.00 27.38 ? 100 ASN B CG  1 
ATOM   814  O  OD1 . ASN A 1 99  ? 2.753   -15.435 18.120  1.00 30.01 ? 100 ASN B OD1 1 
ATOM   815  N  ND2 . ASN A 1 99  ? 1.988   -16.016 16.094  1.00 27.84 ? 100 ASN B ND2 1 
ATOM   816  N  N   . SER A 1 100 ? -0.616  -11.266 16.196  1.00 21.18 ? 101 SER B N   1 
ATOM   817  C  CA  . SER A 1 100 ? -1.838  -10.527 16.087  1.00 20.37 ? 101 SER B CA  1 
ATOM   818  C  C   . SER A 1 100 ? -2.265  -10.393 14.624  1.00 22.24 ? 101 SER B C   1 
ATOM   819  O  O   . SER A 1 100 ? -1.461  -10.572 13.694  1.00 20.43 ? 101 SER B O   1 
ATOM   820  C  CB  . SER A 1 100 ? -1.673  -9.138  16.688  1.00 19.72 ? 101 SER B CB  1 
ATOM   821  O  OG  . SER A 1 100 ? -0.557  -8.467  16.159  1.00 18.75 ? 101 SER B OG  1 
ATOM   822  N  N   . THR A 1 101 ? -3.537  -10.041 14.467  1.00 22.22 ? 102 THR B N   1 
ATOM   823  C  CA  . THR A 1 101 ? -4.145  -9.700  13.219  1.00 23.32 ? 102 THR B CA  1 
ATOM   824  C  C   . THR A 1 101 ? -4.765  -8.335  13.435  1.00 25.44 ? 102 THR B C   1 
ATOM   825  O  O   . THR A 1 101 ? -5.446  -8.153  14.430  1.00 28.02 ? 102 THR B O   1 
ATOM   826  C  CB  . THR A 1 101 ? -5.221  -10.733 12.871  1.00 23.42 ? 102 THR B CB  1 
ATOM   827  O  OG1 . THR A 1 101 ? -4.552  -11.969 12.574  1.00 24.20 ? 102 THR B OG1 1 
ATOM   828  C  CG2 . THR A 1 101 ? -6.061  -10.293 11.658  1.00 23.46 ? 102 THR B CG2 1 
ATOM   829  N  N   . ASN A 1 102 ? -4.531  -7.388  12.514  1.00 25.26 ? 103 ASN B N   1 
ATOM   830  C  CA  . ASN A 1 102 ? -4.831  -5.975  12.728  1.00 25.14 ? 103 ASN B CA  1 
ATOM   831  C  C   . ASN A 1 102 ? -5.443  -5.289  11.496  1.00 26.64 ? 103 ASN B C   1 
ATOM   832  O  O   . ASN A 1 102 ? -5.103  -5.601  10.342  1.00 25.40 ? 103 ASN B O   1 
ATOM   833  C  CB  . ASN A 1 102 ? -3.553  -5.201  13.069  1.00 26.84 ? 103 ASN B CB  1 
ATOM   834  C  CG  . ASN A 1 102 ? -2.717  -5.853  14.172  1.00 27.69 ? 103 ASN B CG  1 
ATOM   835  O  OD1 . ASN A 1 102 ? -2.812  -5.457  15.336  1.00 29.48 ? 103 ASN B OD1 1 
ATOM   836  N  ND2 . ASN A 1 102 ? -1.870  -6.833  13.806  1.00 25.53 ? 103 ASN B ND2 1 
ATOM   837  N  N   . THR A 1 103 ? -6.315  -4.317  11.747  1.00 25.57 ? 104 THR B N   1 
ATOM   838  C  CA  . THR A 1 103 ? -6.911  -3.544  10.685  1.00 25.01 ? 104 THR B CA  1 
ATOM   839  C  C   . THR A 1 103 ? -6.307  -2.174  10.771  1.00 25.25 ? 104 THR B C   1 
ATOM   840  O  O   . THR A 1 103 ? -6.267  -1.598  11.842  1.00 25.20 ? 104 THR B O   1 
ATOM   841  C  CB  . THR A 1 103 ? -8.438  -3.492  10.830  1.00 26.19 ? 104 THR B CB  1 
ATOM   842  O  OG1 . THR A 1 103 ? -8.964  -4.816  10.645  1.00 25.73 ? 104 THR B OG1 1 
ATOM   843  C  CG2 . THR A 1 103 ? -9.068  -2.546  9.797   1.00 26.44 ? 104 THR B CG2 1 
ATOM   844  N  N   . TRP A 1 104 ? -5.820  -1.659  9.642   1.00 25.03 ? 105 TRP B N   1 
ATOM   845  C  CA  . TRP A 1 104 ? -5.144  -0.369  9.610   1.00 24.15 ? 105 TRP B CA  1 
ATOM   846  C  C   . TRP A 1 104 ? -5.845  0.555   8.603   1.00 28.09 ? 105 TRP B C   1 
ATOM   847  O  O   . TRP A 1 104 ? -5.840  0.280   7.394   1.00 27.45 ? 105 TRP B O   1 
ATOM   848  C  CB  . TRP A 1 104 ? -3.700  -0.612  9.222   1.00 21.73 ? 105 TRP B CB  1 
ATOM   849  C  CG  . TRP A 1 104 ? -2.810  0.578   9.179   1.00 20.66 ? 105 TRP B CG  1 
ATOM   850  C  CD1 . TRP A 1 104 ? -3.086  1.860   9.586   1.00 20.52 ? 105 TRP B CD1 1 
ATOM   851  C  CD2 . TRP A 1 104 ? -1.453  0.586   8.743   1.00 19.38 ? 105 TRP B CD2 1 
ATOM   852  N  NE1 . TRP A 1 104 ? -1.980  2.670   9.392   1.00 18.64 ? 105 TRP B NE1 1 
ATOM   853  C  CE2 . TRP A 1 104 ? -0.971  1.906   8.875   1.00 18.77 ? 105 TRP B CE2 1 
ATOM   854  C  CE3 . TRP A 1 104 ? -0.605  -0.395  8.225   1.00 19.30 ? 105 TRP B CE3 1 
ATOM   855  C  CZ2 . TRP A 1 104 ? 0.329   2.264   8.524   1.00 18.48 ? 105 TRP B CZ2 1 
ATOM   856  C  CZ3 . TRP A 1 104 ? 0.678   -0.043  7.887   1.00 19.18 ? 105 TRP B CZ3 1 
ATOM   857  C  CH2 . TRP A 1 104 ? 1.131   1.291   8.032   1.00 18.79 ? 105 TRP B CH2 1 
ATOM   858  N  N   . GLN A 1 105 ? -6.445  1.634   9.113   1.00 29.99 ? 106 GLN B N   1 
ATOM   859  C  CA  . GLN A 1 105 ? -7.132  2.635   8.308   1.00 32.21 ? 106 GLN B CA  1 
ATOM   860  C  C   . GLN A 1 105 ? -6.224  3.834   8.033   1.00 31.59 ? 106 GLN B C   1 
ATOM   861  O  O   . GLN A 1 105 ? -5.707  4.440   8.963   1.00 32.95 ? 106 GLN B O   1 
ATOM   862  C  CB  . GLN A 1 105 ? -8.372  3.109   9.040   1.00 37.73 ? 106 GLN B CB  1 
ATOM   863  C  CG  . GLN A 1 105 ? -9.404  3.837   8.182   1.00 43.24 ? 106 GLN B CG  1 
ATOM   864  C  CD  . GLN A 1 105 ? -10.840 3.523   8.632   1.00 51.13 ? 106 GLN B CD  1 
ATOM   865  O  OE1 . GLN A 1 105 ? -11.248 2.345   8.717   1.00 56.01 ? 106 GLN B OE1 1 
ATOM   866  N  NE2 . GLN A 1 105 ? -11.612 4.572   8.928   1.00 51.52 ? 106 GLN B NE2 1 
ATOM   867  N  N   . SER A 1 106 ? -6.018  4.163   6.756   1.00 29.95 ? 107 SER B N   1 
ATOM   868  C  CA  . SER A 1 106 ? -5.229  5.323   6.365   1.00 29.41 ? 107 SER B CA  1 
ATOM   869  C  C   . SER A 1 106 ? -5.965  6.152   5.334   1.00 29.71 ? 107 SER B C   1 
ATOM   870  O  O   . SER A 1 106 ? -6.791  5.643   4.601   1.00 31.02 ? 107 SER B O   1 
ATOM   871  C  CB  . SER A 1 106 ? -3.878  4.914   5.785   1.00 29.39 ? 107 SER B CB  1 
ATOM   872  O  OG  . SER A 1 106 ? -3.080  4.268   6.736   1.00 31.60 ? 107 SER B OG  1 
ATOM   873  N  N   . LEU A 1 107 ? -5.624  7.428   5.281   1.00 31.57 ? 108 LEU B N   1 
ATOM   874  C  CA  . LEU A 1 107 ? -6.257  8.382   4.411   1.00 34.68 ? 108 LEU B CA  1 
ATOM   875  C  C   . LEU A 1 107 ? -5.255  8.858   3.355   1.00 33.12 ? 108 LEU B C   1 
ATOM   876  O  O   . LEU A 1 107 ? -4.156  9.271   3.683   1.00 30.34 ? 108 LEU B O   1 
ATOM   877  C  CB  . LEU A 1 107 ? -6.759  9.568   5.233   1.00 38.35 ? 108 LEU B CB  1 
ATOM   878  C  CG  . LEU A 1 107 ? -7.641  10.596  4.500   1.00 42.95 ? 108 LEU B CG  1 
ATOM   879  C  CD1 . LEU A 1 107 ? -9.042  10.033  4.256   1.00 41.73 ? 108 LEU B CD1 1 
ATOM   880  C  CD2 . LEU A 1 107 ? -7.704  11.908  5.291   1.00 43.38 ? 108 LEU B CD2 1 
ATOM   881  N  N   . ILE A 1 108 ? -5.649  8.773   2.087   1.00 33.13 ? 109 ILE B N   1 
ATOM   882  C  CA  . ILE A 1 108 ? -4.792  9.136   0.959   1.00 35.96 ? 109 ILE B CA  1 
ATOM   883  C  C   . ILE A 1 108 ? -5.317  10.414  0.267   1.00 37.45 ? 109 ILE B C   1 
ATOM   884  O  O   . ILE A 1 108 ? -6.465  10.473  -0.177  1.00 34.01 ? 109 ILE B O   1 
ATOM   885  C  CB  . ILE A 1 108 ? -4.706  7.961   -0.050  1.00 36.53 ? 109 ILE B CB  1 
ATOM   886  C  CG1 . ILE A 1 108 ? -4.099  6.732   0.620   1.00 37.59 ? 109 ILE B CG1 1 
ATOM   887  C  CG2 . ILE A 1 108 ? -3.893  8.346   -1.279  1.00 38.11 ? 109 ILE B CG2 1 
ATOM   888  C  CD1 . ILE A 1 108 ? -4.350  5.438   -0.122  1.00 38.44 ? 109 ILE B CD1 1 
ATOM   889  N  N   . GLU A 1 109 ? -4.466  11.432  0.218   1.00 44.67 ? 110 GLU B N   1 
ATOM   890  C  CA  . GLU A 1 109 ? -4.718  12.688  -0.487  1.00 51.82 ? 110 GLU B CA  1 
ATOM   891  C  C   . GLU A 1 109 ? -3.520  12.996  -1.401  1.00 56.58 ? 110 GLU B C   1 
ATOM   892  O  O   . GLU A 1 109 ? -2.361  12.950  -0.969  1.00 58.14 ? 110 GLU B O   1 
ATOM   893  C  CB  . GLU A 1 109 ? -4.897  13.815  0.530   1.00 56.02 ? 110 GLU B CB  1 
ATOM   894  C  CG  . GLU A 1 109 ? -6.265  13.840  1.196   1.00 63.51 ? 110 GLU B CG  1 
ATOM   895  C  CD  . GLU A 1 109 ? -6.290  14.563  2.543   1.00 68.50 ? 110 GLU B CD  1 
ATOM   896  O  OE1 . GLU A 1 109 ? -5.417  14.291  3.400   1.00 69.74 ? 110 GLU B OE1 1 
ATOM   897  O  OE2 . GLU A 1 109 ? -7.210  15.389  2.753   1.00 70.94 ? 110 GLU B OE2 1 
ATOM   898  N  N   . ALA A 1 110 ? -3.782  13.282  -2.672  1.00 64.61 ? 111 ALA B N   1 
ATOM   899  C  CA  . ALA A 1 110 ? -2.744  13.838  -3.544  1.00 65.41 ? 111 ALA B CA  1 
ATOM   900  C  C   . ALA A 1 110 ? -2.529  15.306  -3.152  1.00 62.57 ? 111 ALA B C   1 
ATOM   901  O  O   . ALA A 1 110 ? -3.408  15.926  -2.535  1.00 58.53 ? 111 ALA B O   1 
ATOM   902  C  CB  . ALA A 1 110 ? -3.127  13.713  -5.016  1.00 66.65 ? 111 ALA B CB  1 
ATOM   903  N  N   . ALA A 1 111 ? -1.358  15.847  -3.490  1.00 61.82 ? 112 ALA B N   1 
ATOM   904  C  CA  . ALA A 1 111 ? -1.033  17.248  -3.194  1.00 60.63 ? 112 ALA B CA  1 
ATOM   905  C  C   . ALA A 1 111 ? -2.131  18.143  -3.749  1.00 59.66 ? 112 ALA B C   1 
ATOM   906  O  O   . ALA A 1 111 ? -2.696  17.835  -4.802  1.00 58.65 ? 112 ALA B O   1 
ATOM   907  C  CB  . ALA A 1 111 ? 0.315   17.637  -3.786  1.00 58.39 ? 112 ALA B CB  1 
ATOM   908  N  N   . PRO A 1 112 ? -2.439  19.253  -3.049  1.00 63.64 ? 113 PRO B N   1 
ATOM   909  C  CA  . PRO A 1 112 ? -3.579  20.080  -3.478  1.00 62.73 ? 113 PRO B CA  1 
ATOM   910  C  C   . PRO A 1 112 ? -3.382  20.802  -4.835  1.00 60.75 ? 113 PRO B C   1 
ATOM   911  O  O   . PRO A 1 112 ? -4.367  20.975  -5.566  1.00 59.52 ? 113 PRO B O   1 
ATOM   912  C  CB  . PRO A 1 112 ? -3.763  21.071  -2.318  1.00 64.32 ? 113 PRO B CB  1 
ATOM   913  C  CG  . PRO A 1 112 ? -2.433  21.132  -1.625  1.00 65.89 ? 113 PRO B CG  1 
ATOM   914  C  CD  . PRO A 1 112 ? -1.688  19.857  -1.925  1.00 65.43 ? 113 PRO B CD  1 
ATOM   915  N  N   . GLU A 1 113 ? -2.150  21.187  -5.187  1.00 52.50 ? 114 GLU B N   1 
ATOM   916  C  CA  . GLU A 1 113 ? -1.910  21.851  -6.476  1.00 58.05 ? 114 GLU B CA  1 
ATOM   917  C  C   . GLU A 1 113 ? -1.649  20.883  -7.670  1.00 57.50 ? 114 GLU B C   1 
ATOM   918  O  O   . GLU A 1 113 ? -1.266  21.331  -8.749  1.00 57.13 ? 114 GLU B O   1 
ATOM   919  C  CB  . GLU A 1 113 ? -0.778  22.884  -6.351  1.00 55.72 ? 114 GLU B CB  1 
ATOM   920  N  N   . SER A 1 114 ? -1.872  19.577  -7.481  1.00 53.65 ? 115 SER B N   1 
ATOM   921  C  CA  . SER A 1 114 ? -1.711  18.568  -8.553  1.00 47.60 ? 115 SER B CA  1 
ATOM   922  C  C   . SER A 1 114 ? -3.037  18.344  -9.321  1.00 42.55 ? 115 SER B C   1 
ATOM   923  O  O   . SER A 1 114 ? -4.094  18.294  -8.713  1.00 40.78 ? 115 SER B O   1 
ATOM   924  C  CB  . SER A 1 114 ? -1.209  17.236  -7.965  1.00 41.65 ? 115 SER B CB  1 
ATOM   925  N  N   . GLN A 1 115 ? -2.954  18.231  -10.649 1.00 39.84 ? 116 GLN B N   1 
ATOM   926  C  CA  . GLN A 1 115 ? -4.102  17.887  -11.524 1.00 39.18 ? 116 GLN B CA  1 
ATOM   927  C  C   . GLN A 1 115 ? -3.884  16.503  -12.179 1.00 37.94 ? 116 GLN B C   1 
ATOM   928  O  O   . GLN A 1 115 ? -2.886  16.263  -12.874 1.00 38.98 ? 116 GLN B O   1 
ATOM   929  C  CB  . GLN A 1 115 ? -4.306  18.958  -12.609 1.00 36.11 ? 116 GLN B CB  1 
ATOM   930  N  N   . MET A 1 116 ? -4.840  15.609  -11.964 1.00 35.72 ? 117 MET B N   1 
ATOM   931  C  CA  . MET A 1 116 ? -4.729  14.227  -12.384 1.00 34.07 ? 117 MET B CA  1 
ATOM   932  C  C   . MET A 1 116 ? -4.773  14.082  -13.904 1.00 30.43 ? 117 MET B C   1 
ATOM   933  O  O   . MET A 1 116 ? -5.569  14.717  -14.568 1.00 29.84 ? 117 MET B O   1 
ATOM   934  C  CB  . MET A 1 116 ? -5.891  13.429  -11.788 1.00 36.82 ? 117 MET B CB  1 
ATOM   935  C  CG  . MET A 1 116 ? -5.957  13.407  -10.265 1.00 39.04 ? 117 MET B CG  1 
ATOM   936  S  SD  . MET A 1 116 ? -4.544  12.579  -9.509  1.00 42.37 ? 117 MET B SD  1 
ATOM   937  C  CE  . MET A 1 116 ? -3.444  13.975  -9.237  1.00 42.71 ? 117 MET B CE  1 
ATOM   938  N  N   . MET A 1 117 ? -3.915  13.222  -14.441 1.00 26.59 ? 118 MET B N   1 
ATOM   939  C  CA  . MET A 1 117 ? -3.991  12.835  -15.848 1.00 23.95 ? 118 MET B CA  1 
ATOM   940  C  C   . MET A 1 117 ? -5.217  11.951  -16.070 1.00 21.38 ? 118 MET B C   1 
ATOM   941  O  O   . MET A 1 117 ? -5.692  11.321  -15.148 1.00 19.26 ? 118 MET B O   1 
ATOM   942  C  CB  . MET A 1 117 ? -2.731  12.070  -16.263 1.00 23.27 ? 118 MET B CB  1 
ATOM   943  C  CG  . MET A 1 117 ? -1.567  12.968  -16.643 1.00 22.72 ? 118 MET B CG  1 
ATOM   944  S  SD  . MET A 1 117 ? -0.111  11.970  -17.001 1.00 23.52 ? 118 MET B SD  1 
ATOM   945  C  CE  . MET A 1 117 ? 0.543   11.738  -15.341 1.00 22.72 ? 118 MET B CE  1 
ATOM   946  N  N   . PRO A 1 118 ? -5.737  11.908  -17.306 1.00 19.47 ? 119 PRO B N   1 
ATOM   947  C  CA  . PRO A 1 118 ? -6.878  11.023  -17.561 1.00 17.34 ? 119 PRO B CA  1 
ATOM   948  C  C   . PRO A 1 118 ? -6.517  9.562   -17.335 1.00 16.73 ? 119 PRO B C   1 
ATOM   949  O  O   . PRO A 1 118 ? -5.359  9.158   -17.530 1.00 15.55 ? 119 PRO B O   1 
ATOM   950  C  CB  . PRO A 1 118 ? -7.216  11.267  -19.043 1.00 18.25 ? 119 PRO B CB  1 
ATOM   951  C  CG  . PRO A 1 118 ? -6.345  12.392  -19.524 1.00 18.09 ? 119 PRO B CG  1 
ATOM   952  C  CD  . PRO A 1 118 ? -5.283  12.645  -18.503 1.00 18.98 ? 119 PRO B CD  1 
ATOM   953  N  N   . ALA A 1 119 ? -7.524  8.787   -16.949 1.00 16.15 ? 120 ALA B N   1 
ATOM   954  C  CA  . ALA A 1 119 ? -7.403  7.359   -16.694 1.00 16.39 ? 120 ALA B CA  1 
ATOM   955  C  C   . ALA A 1 119 ? -6.813  6.656   -17.894 1.00 16.77 ? 120 ALA B C   1 
ATOM   956  O  O   . ALA A 1 119 ? -5.978  5.718   -17.764 1.00 18.43 ? 120 ALA B O   1 
ATOM   957  C  CB  . ALA A 1 119 ? -8.773  6.776   -16.387 1.00 16.45 ? 120 ALA B CB  1 
ATOM   958  N  N   . SER A 1 120 ? -7.230  7.119   -19.067 1.00 15.23 ? 121 SER B N   1 
ATOM   959  C  CA  . SER A 1 120 ? -6.843  6.468   -20.320 1.00 14.68 ? 121 SER B CA  1 
ATOM   960  C  C   . SER A 1 120 ? -5.325  6.554   -20.548 1.00 13.76 ? 121 SER B C   1 
ATOM   961  O  O   . SER A 1 120 ? -4.728  5.663   -21.088 1.00 13.57 ? 121 SER B O   1 
ATOM   962  C  CB  . SER A 1 120 ? -7.665  7.070   -21.501 1.00 14.08 ? 121 SER B CB  1 
ATOM   963  O  OG  . SER A 1 120 ? -7.201  8.371   -21.865 1.00 13.26 ? 121 SER B OG  1 
ATOM   964  N  N   . VAL A 1 121 ? -4.708  7.636   -20.117 1.00 14.08 ? 122 VAL B N   1 
ATOM   965  C  CA  . VAL A 1 121 ? -3.240  7.784   -20.163 1.00 14.00 ? 122 VAL B CA  1 
ATOM   966  C  C   . VAL A 1 121 ? -2.536  6.967   -19.075 1.00 14.66 ? 122 VAL B C   1 
ATOM   967  O  O   . VAL A 1 121 ? -1.469  6.355   -19.315 1.00 15.14 ? 122 VAL B O   1 
ATOM   968  C  CB  . VAL A 1 121 ? -2.862  9.269   -20.015 1.00 13.87 ? 122 VAL B CB  1 
ATOM   969  C  CG1 . VAL A 1 121 ? -1.356  9.477   -19.875 1.00 13.65 ? 122 VAL B CG1 1 
ATOM   970  C  CG2 . VAL A 1 121 ? -3.396  10.049  -21.210 1.00 14.07 ? 122 VAL B CG2 1 
ATOM   971  N  N   . LEU A 1 122 ? -3.127  6.979   -17.882 1.00 15.38 ? 123 LEU B N   1 
ATOM   972  C  CA  . LEU A 1 122 ? -2.535  6.377   -16.698 1.00 16.08 ? 123 LEU B CA  1 
ATOM   973  C  C   . LEU A 1 122 ? -2.570  4.859   -16.742 1.00 16.46 ? 123 LEU B C   1 
ATOM   974  O  O   . LEU A 1 122 ? -1.699  4.193   -16.207 1.00 17.16 ? 123 LEU B O   1 
ATOM   975  C  CB  . LEU A 1 122 ? -3.279  6.861   -15.437 1.00 16.66 ? 123 LEU B CB  1 
ATOM   976  C  CG  . LEU A 1 122 ? -3.055  8.321   -15.069 1.00 17.39 ? 123 LEU B CG  1 
ATOM   977  C  CD1 . LEU A 1 122 ? -3.989  8.710   -13.946 1.00 18.41 ? 123 LEU B CD1 1 
ATOM   978  C  CD2 . LEU A 1 122 ? -1.597  8.591   -14.686 1.00 17.51 ? 123 LEU B CD2 1 
ATOM   979  N  N   . THR A 1 123 ? -3.572  4.303   -17.396 1.00 16.92 ? 124 THR B N   1 
ATOM   980  C  CA  . THR A 1 123 ? -3.827  2.891   -17.233 1.00 17.00 ? 124 THR B CA  1 
ATOM   981  C  C   . THR A 1 123 ? -2.716  2.005   -17.789 1.00 16.44 ? 124 THR B C   1 
ATOM   982  O  O   . THR A 1 123 ? -2.314  2.126   -18.957 1.00 17.01 ? 124 THR B O   1 
ATOM   983  C  CB  . THR A 1 123 ? -5.233  2.507   -17.763 1.00 17.27 ? 124 THR B CB  1 
ATOM   984  O  OG1 . THR A 1 123 ? -5.536  1.175   -17.308 1.00 17.73 ? 124 THR B OG1 1 
ATOM   985  C  CG2 . THR A 1 123 ? -5.301  2.593   -19.272 1.00 17.36 ? 124 THR B CG2 1 
ATOM   986  N  N   . GLY A 1 124 ? -2.196  1.121   -16.940 1.00 15.45 ? 125 GLY B N   1 
ATOM   987  C  CA  . GLY A 1 124 ? -1.088  0.245   -17.316 1.00 14.02 ? 125 GLY B CA  1 
ATOM   988  C  C   . GLY A 1 124 ? 0.268   0.903   -17.123 1.00 14.21 ? 125 GLY B C   1 
ATOM   989  O  O   . GLY A 1 124 ? 1.299   0.244   -17.164 1.00 13.27 ? 125 GLY B O   1 
ATOM   990  N  N   . ASN A 1 125 ? 0.273   2.206   -16.887 1.00 14.43 ? 126 ASN B N   1 
ATOM   991  C  CA  . ASN A 1 125 ? 1.511   2.970   -16.735 1.00 15.32 ? 126 ASN B CA  1 
ATOM   992  C  C   . ASN A 1 125 ? 1.830   3.413   -15.307 1.00 15.47 ? 126 ASN B C   1 
ATOM   993  O  O   . ASN A 1 125 ? 2.853   4.043   -15.105 1.00 16.74 ? 126 ASN B O   1 
ATOM   994  C  CB  . ASN A 1 125 ? 1.447   4.217   -17.636 1.00 15.33 ? 126 ASN B CB  1 
ATOM   995  C  CG  . ASN A 1 125 ? 1.476   3.860   -19.110 1.00 15.37 ? 126 ASN B CG  1 
ATOM   996  O  OD1 . ASN A 1 125 ? 2.267   3.033   -19.539 1.00 15.60 ? 126 ASN B OD1 1 
ATOM   997  N  ND2 . ASN A 1 125 ? 0.596   4.461   -19.882 1.00 16.43 ? 126 ASN B ND2 1 
ATOM   998  N  N   . VAL A 1 126 ? 0.951   3.113   -14.347 1.00 14.97 ? 127 VAL B N   1 
ATOM   999  C  CA  . VAL A 1 126 ? 1.163   3.437   -12.951 1.00 14.89 ? 127 VAL B CA  1 
ATOM   1000 C  C   . VAL A 1 126 ? 1.637   2.180   -12.206 1.00 15.49 ? 127 VAL B C   1 
ATOM   1001 O  O   . VAL A 1 126 ? 0.983   1.129   -12.249 1.00 15.04 ? 127 VAL B O   1 
ATOM   1002 C  CB  . VAL A 1 126 ? -0.126  3.967   -12.281 1.00 15.05 ? 127 VAL B CB  1 
ATOM   1003 C  CG1 . VAL A 1 126 ? 0.100   4.228   -10.785 1.00 15.08 ? 127 VAL B CG1 1 
ATOM   1004 C  CG2 . VAL A 1 126 ? -0.608  5.237   -12.947 1.00 15.33 ? 127 VAL B CG2 1 
ATOM   1005 N  N   . ILE A 1 127 ? 2.780   2.296   -11.540 1.00 16.49 ? 128 ILE B N   1 
ATOM   1006 C  CA  . ILE A 1 127 ? 3.282   1.279   -10.620 1.00 17.70 ? 128 ILE B CA  1 
ATOM   1007 C  C   . ILE A 1 127 ? 3.253   1.926   -9.225  1.00 17.62 ? 128 ILE B C   1 
ATOM   1008 O  O   . ILE A 1 127 ? 3.715   3.085   -9.039  1.00 16.58 ? 128 ILE B O   1 
ATOM   1009 C  CB  . ILE A 1 127 ? 4.720   0.861   -10.959 1.00 19.17 ? 128 ILE B CB  1 
ATOM   1010 C  CG1 . ILE A 1 127 ? 4.788   0.021   -12.227 1.00 20.94 ? 128 ILE B CG1 1 
ATOM   1011 C  CG2 . ILE A 1 127 ? 5.328   0.040   -9.844  1.00 20.44 ? 128 ILE B CG2 1 
ATOM   1012 C  CD1 . ILE A 1 127 ? 4.382   -1.426  -12.019 1.00 22.02 ? 128 ILE B CD1 1 
ATOM   1013 N  N   . ILE A 1 128 ? 2.692   1.207   -8.254  1.00 17.33 ? 129 ILE B N   1 
ATOM   1014 C  CA  . ILE A 1 128 ? 2.820   1.621   -6.851  1.00 17.03 ? 129 ILE B CA  1 
ATOM   1015 C  C   . ILE A 1 128 ? 3.928   0.783   -6.235  1.00 18.08 ? 129 ILE B C   1 
ATOM   1016 O  O   . ILE A 1 128 ? 3.845   -0.449  -6.242  1.00 18.08 ? 129 ILE B O   1 
ATOM   1017 C  CB  . ILE A 1 128 ? 1.543   1.429   -6.033  1.00 16.41 ? 129 ILE B CB  1 
ATOM   1018 C  CG1 . ILE A 1 128 ? 0.323   1.930   -6.790  1.00 15.68 ? 129 ILE B CG1 1 
ATOM   1019 C  CG2 . ILE A 1 128 ? 1.686   2.140   -4.680  1.00 16.46 ? 129 ILE B CG2 1 
ATOM   1020 C  CD1 . ILE A 1 128 ? 0.354   3.407   -7.095  1.00 15.70 ? 129 ILE B CD1 1 
ATOM   1021 N  N   . GLU A 1 129 ? 4.976   1.433   -5.741  1.00 19.00 ? 130 GLU B N   1 
ATOM   1022 C  CA  . GLU A 1 129 ? 6.033   0.730   -5.023  1.00 20.92 ? 130 GLU B CA  1 
ATOM   1023 C  C   . GLU A 1 129 ? 5.814   0.893   -3.508  1.00 20.97 ? 130 GLU B C   1 
ATOM   1024 O  O   . GLU A 1 129 ? 5.815   2.012   -3.006  1.00 20.51 ? 130 GLU B O   1 
ATOM   1025 C  CB  . GLU A 1 129 ? 7.404   1.266   -5.421  1.00 22.69 ? 130 GLU B CB  1 
ATOM   1026 C  CG  . GLU A 1 129 ? 8.532   0.603   -4.658  1.00 25.91 ? 130 GLU B CG  1 
ATOM   1027 C  CD  . GLU A 1 129 ? 9.853   1.343   -4.781  1.00 28.85 ? 130 GLU B CD  1 
ATOM   1028 O  OE1 . GLU A 1 129 ? 10.018  2.411   -4.122  1.00 31.72 ? 130 GLU B OE1 1 
ATOM   1029 O  OE2 . GLU A 1 129 ? 10.727  0.833   -5.517  1.00 30.53 ? 130 GLU B OE2 1 
ATOM   1030 N  N   . THR A 1 130 ? 5.638   -0.218  -2.786  1.00 21.19 ? 131 THR B N   1 
ATOM   1031 C  CA  . THR A 1 130 ? 5.425   -0.175  -1.349  1.00 21.53 ? 131 THR B CA  1 
ATOM   1032 C  C   . THR A 1 130 ? 6.594   -0.809  -0.604  1.00 22.82 ? 131 THR B C   1 
ATOM   1033 O  O   . THR A 1 130 ? 6.968   -1.953  -0.873  1.00 24.08 ? 131 THR B O   1 
ATOM   1034 C  CB  . THR A 1 130 ? 4.131   -0.895  -0.976  1.00 21.62 ? 131 THR B CB  1 
ATOM   1035 O  OG1 . THR A 1 130 ? 3.036   -0.235  -1.612  1.00 20.72 ? 131 THR B OG1 1 
ATOM   1036 C  CG2 . THR A 1 130 ? 3.913   -0.872  0.531   1.00 23.07 ? 131 THR B CG2 1 
ATOM   1037 N  N   . LYS A 1 131 ? 7.169   -0.063  0.342   1.00 24.02 ? 132 LYS B N   1 
ATOM   1038 C  CA  . LYS A 1 131 ? 8.203   -0.597  1.239   1.00 22.25 ? 132 LYS B CA  1 
ATOM   1039 C  C   . LYS A 1 131 ? 7.649   -0.764  2.664   1.00 21.17 ? 132 LYS B C   1 
ATOM   1040 O  O   . LYS A 1 131 ? 7.062   0.163   3.221   1.00 18.39 ? 132 LYS B O   1 
ATOM   1041 C  CB  . LYS A 1 131 ? 9.388   0.330   1.270   1.00 23.51 ? 132 LYS B CB  1 
ATOM   1042 C  CG  . LYS A 1 131 ? 10.285  0.279   0.053   1.00 25.24 ? 132 LYS B CG  1 
ATOM   1043 C  CD  . LYS A 1 131 ? 11.421  1.273   0.261   1.00 28.56 ? 132 LYS B CD  1 
ATOM   1044 C  CE  . LYS A 1 131 ? 12.060  1.742   -1.039  1.00 32.76 ? 132 LYS B CE  1 
ATOM   1045 N  NZ  . LYS A 1 131 ? 12.814  0.611   -1.649  1.00 36.41 ? 132 LYS B NZ  1 
ATOM   1046 N  N   . PHE A 1 132 ? 7.842   -1.956  3.230   1.00 21.80 ? 133 PHE B N   1 
ATOM   1047 C  CA  . PHE A 1 132 ? 7.383   -2.299  4.579   1.00 22.59 ? 133 PHE B CA  1 
ATOM   1048 C  C   . PHE A 1 132 ? 8.566   -2.195  5.509   1.00 22.25 ? 133 PHE B C   1 
ATOM   1049 O  O   . PHE A 1 132 ? 9.609   -2.825  5.283   1.00 20.49 ? 133 PHE B O   1 
ATOM   1050 C  CB  . PHE A 1 132 ? 6.820   -3.732  4.661   1.00 23.51 ? 133 PHE B CB  1 
ATOM   1051 C  CG  . PHE A 1 132 ? 5.606   -3.944  3.808   1.00 24.85 ? 133 PHE B CG  1 
ATOM   1052 C  CD1 . PHE A 1 132 ? 5.720   -4.027  2.429   1.00 26.68 ? 133 PHE B CD1 1 
ATOM   1053 C  CD2 . PHE A 1 132 ? 4.341   -4.030  4.378   1.00 26.38 ? 133 PHE B CD2 1 
ATOM   1054 C  CE1 . PHE A 1 132 ? 4.588   -4.191  1.640   1.00 29.04 ? 133 PHE B CE1 1 
ATOM   1055 C  CE2 . PHE A 1 132 ? 3.212   -4.201  3.600   1.00 25.96 ? 133 PHE B CE2 1 
ATOM   1056 C  CZ  . PHE A 1 132 ? 3.328   -4.271  2.234   1.00 27.01 ? 133 PHE B CZ  1 
ATOM   1057 N  N   . PHE A 1 133 ? 8.396   -1.399  6.563   1.00 21.64 ? 134 PHE B N   1 
ATOM   1058 C  CA  . PHE A 1 133 ? 9.455   -1.194  7.530   1.00 21.75 ? 134 PHE B CA  1 
ATOM   1059 C  C   . PHE A 1 133 ? 8.991   -1.513  8.940   1.00 21.32 ? 134 PHE B C   1 
ATOM   1060 O  O   . PHE A 1 133 ? 7.847   -1.233  9.303   1.00 20.02 ? 134 PHE B O   1 
ATOM   1061 C  CB  . PHE A 1 133 ? 9.901   0.279   7.517   1.00 21.15 ? 134 PHE B CB  1 
ATOM   1062 C  CG  . PHE A 1 133 ? 10.767  0.680   6.349   1.00 20.04 ? 134 PHE B CG  1 
ATOM   1063 C  CD1 . PHE A 1 133 ? 12.139  0.586   6.431   1.00 20.41 ? 134 PHE B CD1 1 
ATOM   1064 C  CD2 . PHE A 1 133 ? 10.202  1.268   5.201   1.00 20.32 ? 134 PHE B CD2 1 
ATOM   1065 C  CE1 . PHE A 1 133 ? 12.969  1.013   5.376   1.00 20.33 ? 134 PHE B CE1 1 
ATOM   1066 C  CE2 . PHE A 1 133 ? 11.012  1.697   4.154   1.00 20.26 ? 134 PHE B CE2 1 
ATOM   1067 C  CZ  . PHE A 1 133 ? 12.399  1.568   4.238   1.00 20.40 ? 134 PHE B CZ  1 
ATOM   1068 N  N   . ASP A 1 134 ? 9.896   -2.072  9.736   1.00 23.01 ? 135 ASP B N   1 
ATOM   1069 C  CA  . ASP A 1 134 ? 9.829   -1.932  11.200  1.00 23.88 ? 135 ASP B CA  1 
ATOM   1070 C  C   . ASP A 1 134 ? 10.892  -0.906  11.518  1.00 24.66 ? 135 ASP B C   1 
ATOM   1071 O  O   . ASP A 1 134 ? 12.086  -1.210  11.438  1.00 23.12 ? 135 ASP B O   1 
ATOM   1072 C  CB  . ASP A 1 134 ? 10.146  -3.234  11.925  1.00 24.63 ? 135 ASP B CB  1 
ATOM   1073 C  CG  . ASP A 1 134 ? 10.065  -3.094  13.456  1.00 23.66 ? 135 ASP B CG  1 
ATOM   1074 O  OD1 . ASP A 1 134 ? 9.640   -2.022  13.924  1.00 22.91 ? 135 ASP B OD1 1 
ATOM   1075 O  OD2 . ASP A 1 134 ? 10.410  -4.060  14.172  1.00 22.01 ? 135 ASP B OD2 1 
ATOM   1076 N  N   . ASP A 1 135 ? 10.469  0.317   11.810  1.00 26.20 ? 136 ASP B N   1 
ATOM   1077 C  CA  . ASP A 1 135 ? 11.400  1.423   12.008  1.00 29.28 ? 136 ASP B CA  1 
ATOM   1078 C  C   . ASP A 1 135 ? 12.305  1.683   10.797  1.00 30.29 ? 136 ASP B C   1 
ATOM   1079 O  O   . ASP A 1 135 ? 11.828  2.167   9.775   1.00 26.97 ? 136 ASP B O   1 
ATOM   1080 C  CB  . ASP A 1 135 ? 12.208  1.217   13.301  1.00 33.22 ? 136 ASP B CB  1 
ATOM   1081 C  CG  . ASP A 1 135 ? 12.771  2.515   13.847  1.00 37.79 ? 136 ASP B CG  1 
ATOM   1082 O  OD1 . ASP A 1 135 ? 11.977  3.445   14.057  1.00 44.15 ? 136 ASP B OD1 1 
ATOM   1083 O  OD2 . ASP A 1 135 ? 13.994  2.614   14.074  1.00 43.20 ? 136 ASP B OD2 1 
ATOM   1084 N  N   . ASP A 1 136 ? 13.605  1.383   10.923  1.00 34.04 ? 137 ASP B N   1 
ATOM   1085 C  CA  . ASP A 1 136 ? 14.605  1.602   9.867   1.00 35.30 ? 137 ASP B CA  1 
ATOM   1086 C  C   . ASP A 1 136 ? 14.816  0.340   9.074   1.00 32.95 ? 137 ASP B C   1 
ATOM   1087 O  O   . ASP A 1 136 ? 15.511  0.337   8.078   1.00 32.99 ? 137 ASP B O   1 
ATOM   1088 C  CB  . ASP A 1 136 ? 15.961  1.994   10.474  1.00 40.77 ? 137 ASP B CB  1 
ATOM   1089 C  CG  . ASP A 1 136 ? 16.484  0.946   11.504  1.00 47.04 ? 137 ASP B CG  1 
ATOM   1090 O  OD1 . ASP A 1 136 ? 15.856  0.805   12.586  1.00 47.73 ? 137 ASP B OD1 1 
ATOM   1091 O  OD2 . ASP A 1 136 ? 17.514  0.260   11.239  1.00 51.89 ? 137 ASP B OD2 1 
ATOM   1092 N  N   . LEU A 1 137 ? 14.219  -0.745  9.539   1.00 31.91 ? 138 LEU B N   1 
ATOM   1093 C  CA  . LEU A 1 137 ? 14.464  -2.069  9.004   1.00 29.83 ? 138 LEU B CA  1 
ATOM   1094 C  C   . LEU A 1 137 ? 13.511  -2.364  7.857   1.00 28.77 ? 138 LEU B C   1 
ATOM   1095 O  O   . LEU A 1 137 ? 12.299  -2.413  8.067   1.00 26.33 ? 138 LEU B O   1 
ATOM   1096 C  CB  . LEU A 1 137 ? 14.217  -3.068  10.119  1.00 30.63 ? 138 LEU B CB  1 
ATOM   1097 C  CG  . LEU A 1 137 ? 14.789  -4.449  9.967   1.00 31.82 ? 138 LEU B CG  1 
ATOM   1098 C  CD1 . LEU A 1 137 ? 16.297  -4.374  10.108  1.00 31.89 ? 138 LEU B CD1 1 
ATOM   1099 C  CD2 . LEU A 1 137 ? 14.158  -5.320  11.051  1.00 32.00 ? 138 LEU B CD2 1 
ATOM   1100 N  N   . LEU A 1 138 ? 14.066  -2.552  6.654   1.00 29.48 ? 139 LEU B N   1 
ATOM   1101 C  CA  . LEU A 1 138 ? 13.281  -2.834  5.438   1.00 26.45 ? 139 LEU B CA  1 
ATOM   1102 C  C   . LEU A 1 138 ? 12.949  -4.303  5.381   1.00 25.10 ? 139 LEU B C   1 
ATOM   1103 O  O   . LEU A 1 138 ? 13.826  -5.153  5.325   1.00 24.38 ? 139 LEU B O   1 
ATOM   1104 C  CB  . LEU A 1 138 ? 14.035  -2.424  4.179   1.00 25.61 ? 139 LEU B CB  1 
ATOM   1105 C  CG  . LEU A 1 138 ? 13.392  -2.690  2.812   1.00 25.57 ? 139 LEU B CG  1 
ATOM   1106 C  CD1 . LEU A 1 138 ? 12.119  -1.879  2.619   1.00 24.54 ? 139 LEU B CD1 1 
ATOM   1107 C  CD2 . LEU A 1 138 ? 14.420  -2.342  1.748   1.00 25.87 ? 139 LEU B CD2 1 
ATOM   1108 N  N   . VAL A 1 139 ? 11.658  -4.586  5.372   1.00 24.38 ? 140 VAL B N   1 
ATOM   1109 C  CA  . VAL A 1 139 ? 11.153  -5.931  5.464   1.00 24.11 ? 140 VAL B CA  1 
ATOM   1110 C  C   . VAL A 1 139 ? 10.831  -6.494  4.082   1.00 25.72 ? 140 VAL B C   1 
ATOM   1111 O  O   . VAL A 1 139 ? 11.069  -7.669  3.800   1.00 28.48 ? 140 VAL B O   1 
ATOM   1112 C  CB  . VAL A 1 139 ? 9.905   -5.933  6.361   1.00 24.24 ? 140 VAL B CB  1 
ATOM   1113 C  CG1 . VAL A 1 139 ? 9.269   -7.309  6.446   1.00 24.36 ? 140 VAL B CG1 1 
ATOM   1114 C  CG2 . VAL A 1 139 ? 10.268  -5.423  7.754   1.00 24.61 ? 140 VAL B CG2 1 
ATOM   1115 N  N   . SER A 1 140 ? 10.293  -5.649  3.220   1.00 25.57 ? 141 SER B N   1 
ATOM   1116 C  CA  . SER A 1 140 ? 9.671   -6.087  1.995   1.00 24.27 ? 141 SER B CA  1 
ATOM   1117 C  C   . SER A 1 140 ? 9.528   -4.896  1.078   1.00 23.50 ? 141 SER B C   1 
ATOM   1118 O  O   . SER A 1 140 ? 9.199   -3.792  1.523   1.00 22.70 ? 141 SER B O   1 
ATOM   1119 C  CB  . SER A 1 140 ? 8.279   -6.631  2.298   1.00 25.10 ? 141 SER B CB  1 
ATOM   1120 O  OG  . SER A 1 140 ? 7.555   -6.931  1.104   1.00 27.14 ? 141 SER B OG  1 
ATOM   1121 N  N   . THR A 1 141 ? 9.771   -5.131  -0.199  1.00 23.06 ? 142 THR B N   1 
ATOM   1122 C  CA  . THR A 1 141 ? 9.454   -4.166  -1.248  1.00 23.12 ? 142 THR B CA  1 
ATOM   1123 C  C   . THR A 1 141 ? 8.578   -4.856  -2.291  1.00 22.54 ? 142 THR B C   1 
ATOM   1124 O  O   . THR A 1 141 ? 8.966   -5.891  -2.824  1.00 21.46 ? 142 THR B O   1 
ATOM   1125 C  CB  . THR A 1 141 ? 10.747  -3.615  -1.870  1.00 21.99 ? 142 THR B CB  1 
ATOM   1126 O  OG1 . THR A 1 141 ? 11.545  -3.074  -0.820  1.00 21.79 ? 142 THR B OG1 1 
ATOM   1127 C  CG2 . THR A 1 141 ? 10.449  -2.519  -2.844  1.00 22.35 ? 142 THR B CG2 1 
ATOM   1128 N  N   . SER A 1 142 ? 7.389   -4.296  -2.532  1.00 22.20 ? 143 SER B N   1 
ATOM   1129 C  CA  . SER A 1 142 ? 6.431   -4.860  -3.474  1.00 21.08 ? 143 SER B CA  1 
ATOM   1130 C  C   . SER A 1 142 ? 5.991   -3.818  -4.527  1.00 21.73 ? 143 SER B C   1 
ATOM   1131 O  O   . SER A 1 142 ? 6.062   -2.583  -4.303  1.00 20.44 ? 143 SER B O   1 
ATOM   1132 C  CB  . SER A 1 142 ? 5.225   -5.406  -2.719  1.00 21.50 ? 143 SER B CB  1 
ATOM   1133 O  OG  . SER A 1 142 ? 4.301   -4.384  -2.382  1.00 22.27 ? 143 SER B OG  1 
ATOM   1134 N  N   . ARG A 1 143 ? 5.559   -4.322  -5.676  1.00 21.77 ? 144 ARG B N   1 
ATOM   1135 C  CA  . ARG A 1 143 ? 5.091   -3.488  -6.786  1.00 23.20 ? 144 ARG B CA  1 
ATOM   1136 C  C   . ARG A 1 143 ? 3.734   -3.955  -7.284  1.00 20.76 ? 144 ARG B C   1 
ATOM   1137 O  O   . ARG A 1 143 ? 3.519   -5.149  -7.453  1.00 20.05 ? 144 ARG B O   1 
ATOM   1138 C  CB  . ARG A 1 143 ? 6.088   -3.544  -7.933  1.00 25.61 ? 144 ARG B CB  1 
ATOM   1139 C  CG  . ARG A 1 143 ? 7.326   -2.737  -7.656  1.00 28.89 ? 144 ARG B CG  1 
ATOM   1140 C  CD  . ARG A 1 143 ? 8.436   -2.977  -8.657  1.00 32.42 ? 144 ARG B CD  1 
ATOM   1141 N  NE  . ARG A 1 143 ? 9.603   -2.207  -8.218  1.00 40.69 ? 144 ARG B NE  1 
ATOM   1142 C  CZ  . ARG A 1 143 ? 10.473  -2.574  -7.260  1.00 43.90 ? 144 ARG B CZ  1 
ATOM   1143 N  NH1 . ARG A 1 143 ? 10.369  -3.743  -6.620  1.00 44.81 ? 144 ARG B NH1 1 
ATOM   1144 N  NH2 . ARG A 1 143 ? 11.475  -1.762  -6.941  1.00 46.03 ? 144 ARG B NH2 1 
ATOM   1145 N  N   . VAL A 1 144 ? 2.833   -3.014  -7.509  1.00 20.02 ? 145 VAL B N   1 
ATOM   1146 C  CA  . VAL A 1 144 ? 1.540   -3.292  -8.137  1.00 20.67 ? 145 VAL B CA  1 
ATOM   1147 C  C   . VAL A 1 144 ? 1.330   -2.387  -9.351  1.00 20.38 ? 145 VAL B C   1 
ATOM   1148 O  O   . VAL A 1 144 ? 1.449   -1.173  -9.234  1.00 19.20 ? 145 VAL B O   1 
ATOM   1149 C  CB  . VAL A 1 144 ? 0.349   -3.014  -7.197  1.00 20.93 ? 145 VAL B CB  1 
ATOM   1150 C  CG1 . VAL A 1 144 ? -0.920  -3.592  -7.820  1.00 21.41 ? 145 VAL B CG1 1 
ATOM   1151 C  CG2 . VAL A 1 144 ? 0.578   -3.615  -5.821  1.00 22.07 ? 145 VAL B CG2 1 
ATOM   1152 N  N   . ARG A 1 145 ? 0.990   -2.964  -10.500 1.00 20.87 ? 146 ARG B N   1 
ATOM   1153 C  CA  . ARG A 1 145 ? 0.641   -2.149  -11.660 1.00 20.55 ? 146 ARG B CA  1 
ATOM   1154 C  C   . ARG A 1 145 ? -0.863  -1.907  -11.641 1.00 19.33 ? 146 ARG B C   1 
ATOM   1155 O  O   . ARG A 1 145 ? -1.636  -2.816  -11.336 1.00 18.48 ? 146 ARG B O   1 
ATOM   1156 C  CB  . ARG A 1 145 ? 1.085   -2.826  -12.953 1.00 21.48 ? 146 ARG B CB  1 
ATOM   1157 C  CG  . ARG A 1 145 ? 0.848   -1.989  -14.216 1.00 22.78 ? 146 ARG B CG  1 
ATOM   1158 C  CD  . ARG A 1 145 ? 1.276   -2.738  -15.473 1.00 24.52 ? 146 ARG B CD  1 
ATOM   1159 N  NE  . ARG A 1 145 ? 2.704   -3.077  -15.414 1.00 26.28 ? 146 ARG B NE  1 
ATOM   1160 C  CZ  . ARG A 1 145 ? 3.705   -2.219  -15.677 1.00 28.26 ? 146 ARG B CZ  1 
ATOM   1161 N  NH1 . ARG A 1 145 ? 3.468   -0.938  -16.017 1.00 27.29 ? 146 ARG B NH1 1 
ATOM   1162 N  NH2 . ARG A 1 145 ? 4.965   -2.640  -15.589 1.00 28.42 ? 146 ARG B NH2 1 
ATOM   1163 N  N   . LEU A 1 146 ? -1.274  -0.681  -11.962 1.00 18.85 ? 147 LEU B N   1 
ATOM   1164 C  CA  . LEU A 1 146 ? -2.679  -0.300  -11.877 1.00 19.46 ? 147 LEU B CA  1 
ATOM   1165 C  C   . LEU A 1 146 ? -3.308  -0.093  -13.261 1.00 17.95 ? 147 LEU B C   1 
ATOM   1166 O  O   . LEU A 1 146 ? -2.687  0.411   -14.161 1.00 16.50 ? 147 LEU B O   1 
ATOM   1167 C  CB  . LEU A 1 146 ? -2.867  0.955   -11.015 1.00 21.23 ? 147 LEU B CB  1 
ATOM   1168 C  CG  . LEU A 1 146 ? -2.301  0.932   -9.584  1.00 23.41 ? 147 LEU B CG  1 
ATOM   1169 C  CD1 . LEU A 1 146 ? -2.740  2.162   -8.796  1.00 24.50 ? 147 LEU B CD1 1 
ATOM   1170 C  CD2 . LEU A 1 146 ? -2.758  -0.308  -8.849  1.00 24.39 ? 147 LEU B CD2 1 
ATOM   1171 N  N   . PHE A 1 147 ? -4.555  -0.524  -13.373 1.00 17.99 ? 148 PHE B N   1 
ATOM   1172 C  CA  . PHE A 1 147 ? -5.365  -0.371  -14.548 1.00 18.23 ? 148 PHE B CA  1 
ATOM   1173 C  C   . PHE A 1 147 ? -6.609  0.336   -14.039 1.00 18.41 ? 148 PHE B C   1 
ATOM   1174 O  O   . PHE A 1 147 ? -7.168  -0.032  -13.001 1.00 17.14 ? 148 PHE B O   1 
ATOM   1175 C  CB  . PHE A 1 147 ? -5.695  -1.744  -15.178 1.00 17.90 ? 148 PHE B CB  1 
ATOM   1176 C  CG  . PHE A 1 147 ? -4.469  -2.519  -15.612 1.00 18.39 ? 148 PHE B CG  1 
ATOM   1177 C  CD1 . PHE A 1 147 ? -3.743  -2.125  -16.732 1.00 18.15 ? 148 PHE B CD1 1 
ATOM   1178 C  CD2 . PHE A 1 147 ? -4.020  -3.629  -14.888 1.00 19.44 ? 148 PHE B CD2 1 
ATOM   1179 C  CE1 . PHE A 1 147 ? -2.595  -2.796  -17.130 1.00 17.69 ? 148 PHE B CE1 1 
ATOM   1180 C  CE2 . PHE A 1 147 ? -2.865  -4.324  -15.280 1.00 19.59 ? 148 PHE B CE2 1 
ATOM   1181 C  CZ  . PHE A 1 147 ? -2.151  -3.901  -16.404 1.00 19.51 ? 148 PHE B CZ  1 
ATOM   1182 N  N   . TYR A 1 148 ? -7.006  1.366   -14.765 1.00 19.81 ? 149 TYR B N   1 
ATOM   1183 C  CA  . TYR A 1 148 ? -8.151  2.194   -14.418 1.00 21.18 ? 149 TYR B CA  1 
ATOM   1184 C  C   . TYR A 1 148 ? -9.314  1.819   -15.361 1.00 23.00 ? 149 TYR B C   1 
ATOM   1185 O  O   . TYR A 1 148 ? -9.198  1.999   -16.567 1.00 24.03 ? 149 TYR B O   1 
ATOM   1186 C  CB  . TYR A 1 148 ? -7.744  3.683   -14.542 1.00 20.40 ? 149 TYR B CB  1 
ATOM   1187 C  CG  . TYR A 1 148 ? -6.633  4.086   -13.570 1.00 20.48 ? 149 TYR B CG  1 
ATOM   1188 C  CD1 . TYR A 1 148 ? -6.935  4.492   -12.254 1.00 20.71 ? 149 TYR B CD1 1 
ATOM   1189 C  CD2 . TYR A 1 148 ? -5.269  4.013   -13.942 1.00 20.39 ? 149 TYR B CD2 1 
ATOM   1190 C  CE1 . TYR A 1 148 ? -5.927  4.839   -11.352 1.00 20.52 ? 149 TYR B CE1 1 
ATOM   1191 C  CE2 . TYR A 1 148 ? -4.262  4.355   -13.043 1.00 19.69 ? 149 TYR B CE2 1 
ATOM   1192 C  CZ  . TYR A 1 148 ? -4.601  4.788   -11.753 1.00 20.39 ? 149 TYR B CZ  1 
ATOM   1193 O  OH  . TYR A 1 148 ? -3.623  5.134   -10.842 1.00 20.51 ? 149 TYR B OH  1 
ATOM   1194 N  N   . VAL A 1 149 ? -10.410 1.284   -14.811 1.00 24.91 ? 150 VAL B N   1 
ATOM   1195 C  CA  . VAL A 1 149 ? -11.446 0.590   -15.606 1.00 27.38 ? 150 VAL B CA  1 
ATOM   1196 C  C   . VAL A 1 149 ? -12.881 1.110   -15.445 1.00 27.27 ? 150 VAL B C   1 
ATOM   1197 O  O   . VAL A 1 149 ? -13.175 1.883   -14.535 1.00 30.70 ? 150 VAL B O   1 
ATOM   1198 C  CB  . VAL A 1 149 ? -11.451 -0.918  -15.310 1.00 27.77 ? 150 VAL B CB  1 
ATOM   1199 C  CG1 . VAL A 1 149 ? -10.046 -1.468  -15.426 1.00 28.68 ? 150 VAL B CG1 1 
ATOM   1200 C  CG2 . VAL A 1 149 ? -12.035 -1.202  -13.927 1.00 28.80 ? 150 VAL B CG2 1 
HETATM 1201 C  CBT . RRQ B 2 .   ? -0.109  12.283  -7.548  1.00 37.88 ? 201 RRQ B CBT 1 
HETATM 1202 N  NBP . RRQ B 2 .   ? -0.404  11.824  -8.923  1.00 37.93 ? 201 RRQ B NBP 1 
HETATM 1203 C  CBL . RRQ B 2 .   ? -1.241  10.784  -9.105  1.00 34.77 ? 201 RRQ B CBL 1 
HETATM 1204 C  CBK . RRQ B 2 .   ? -1.459  9.830   -8.103  1.00 34.61 ? 201 RRQ B CBK 1 
HETATM 1205 C  CBM . RRQ B 2 .   ? -1.891  10.676  -10.350 1.00 34.01 ? 201 RRQ B CBM 1 
HETATM 1206 C  CBQ . RRQ B 2 .   ? -1.726  11.615  -11.412 1.00 34.01 ? 201 RRQ B CBQ 1 
HETATM 1207 O  OBS . RRQ B 2 .   ? -2.301  11.471  -12.519 1.00 33.87 ? 201 RRQ B OBS 1 
HETATM 1208 O  OBR . RRQ B 2 .   ? -1.046  12.655  -11.262 1.00 32.97 ? 201 RRQ B OBR 1 
HETATM 1209 C  CBN . RRQ B 2 .   ? -2.753  9.584   -10.511 1.00 33.24 ? 201 RRQ B CBN 1 
HETATM 1210 C  CBO . RRQ B 2 .   ? -2.970  8.626   -9.513  1.00 33.03 ? 201 RRQ B CBO 1 
HETATM 1211 C  CBJ . RRQ B 2 .   ? -2.325  8.746   -8.284  1.00 34.73 ? 201 RRQ B CBJ 1 
HETATM 1212 C  CBB . RRQ B 2 .   ? -2.504  7.833   -7.249  1.00 33.96 ? 201 RRQ B CBB 1 
HETATM 1213 N  NAA . RRQ B 2 .   ? -3.964  7.806   -6.931  1.00 35.60 ? 201 RRQ B NAA 1 
HETATM 1214 C  CBC . RRQ B 2 .   ? -4.274  8.407   -5.615  1.00 40.30 ? 201 RRQ B CBC 1 
HETATM 1215 C  CBD . RRQ B 2 .   ? -5.571  9.228   -5.745  1.00 43.07 ? 201 RRQ B CBD 1 
HETATM 1216 C  CBE . RRQ B 2 .   ? -5.447  10.219  -6.895  1.00 43.80 ? 201 RRQ B CBE 1 
HETATM 1217 C  CBF . RRQ B 2 .   ? -6.789  10.972  -6.921  1.00 44.45 ? 201 RRQ B CBF 1 
HETATM 1218 N  NBG . RRQ B 2 .   ? -6.998  11.717  -5.670  1.00 44.10 ? 201 RRQ B NBG 1 
HETATM 1219 C  CBH . RRQ B 2 .   ? -7.103  10.774  -4.544  1.00 44.92 ? 201 RRQ B CBH 1 
HETATM 1220 C  CBI . RRQ B 2 .   ? -5.828  9.958   -4.416  1.00 43.21 ? 201 RRQ B CBI 1 
HETATM 1221 S  SAB . RRQ B 2 .   ? -4.762  6.261   -7.106  1.00 28.49 ? 201 RRQ B SAB 1 
HETATM 1222 O  OAC . RRQ B 2 .   ? -4.373  5.649   -8.439  1.00 31.83 ? 201 RRQ B OAC 1 
HETATM 1223 O  OAD . RRQ B 2 .   ? -6.235  6.482   -7.076  1.00 31.78 ? 201 RRQ B OAD 1 
HETATM 1224 C  CAE . RRQ B 2 .   ? -4.288  5.120   -5.786  1.00 28.73 ? 201 RRQ B CAE 1 
HETATM 1225 C  CAJ . RRQ B 2 .   ? -3.035  4.563   -5.837  1.00 25.21 ? 201 RRQ B CAJ 1 
HETATM 1226 C  CAI . RRQ B 2 .   ? -2.640  3.690   -4.869  1.00 25.64 ? 201 RRQ B CAI 1 
HETATM 1227 C  CAF . RRQ B 2 .   ? -5.154  4.803   -4.734  1.00 27.65 ? 201 RRQ B CAF 1 
HETATM 1228 C  CAG . RRQ B 2 .   ? -4.749  3.920   -3.747  1.00 26.12 ? 201 RRQ B CAG 1 
HETATM 1229 C  CAH . RRQ B 2 .   ? -3.488  3.364   -3.828  1.00 26.65 ? 201 RRQ B CAH 1 
HETATM 1230 S  SAK . RRQ B 2 .   ? -2.938  2.271   -2.665  1.00 26.28 ? 201 RRQ B SAK 1 
HETATM 1231 O  OAL . RRQ B 2 .   ? -3.805  2.461   -1.447  1.00 28.96 ? 201 RRQ B OAL 1 
HETATM 1232 O  OAM . RRQ B 2 .   ? -1.472  2.536   -2.292  1.00 27.63 ? 201 RRQ B OAM 1 
HETATM 1233 N  NAN . RRQ B 2 .   ? -3.063  0.476   -3.142  1.00 29.22 ? 201 RRQ B NAN 1 
HETATM 1234 C  CAQ . RRQ B 2 .   ? -4.261  -0.046  -3.853  1.00 29.18 ? 201 RRQ B CAQ 1 
HETATM 1235 C  CAR . RRQ B 2 .   ? -4.222  -1.549  -3.900  1.00 29.53 ? 201 RRQ B CAR 1 
HETATM 1236 C  CAS . RRQ B 2 .   ? -5.210  -1.835  -5.029  1.00 28.29 ? 201 RRQ B CAS 1 
HETATM 1237 C  CAT . RRQ B 2 .   ? -5.198  -0.649  -5.950  1.00 28.48 ? 201 RRQ B CAT 1 
HETATM 1238 C  CAU . RRQ B 2 .   ? -4.343  0.402   -5.320  1.00 28.68 ? 201 RRQ B CAU 1 
HETATM 1239 C  CAO . RRQ B 2 .   ? -1.769  -0.101  -3.609  1.00 29.17 ? 201 RRQ B CAO 1 
HETATM 1240 C  CAP . RRQ B 2 .   ? -1.225  -0.844  -2.543  1.00 30.64 ? 201 RRQ B CAP 1 
HETATM 1241 C  CAV . RRQ B 2 .   ? -0.153  -1.707  -2.748  1.00 30.77 ? 201 RRQ B CAV 1 
HETATM 1242 C  CAW . RRQ B 2 .   ? 0.380   -2.408  -1.676  1.00 31.10 ? 201 RRQ B CAW 1 
HETATM 1243 C  CAX . RRQ B 2 .   ? -0.158  -2.220  -0.410  1.00 34.20 ? 201 RRQ B CAX 1 
HETATM 1244 CL CL  . RRQ B 2 .   ? 0.427   -3.045  0.921   1.00 43.57 ? 201 RRQ B CL  1 
HETATM 1245 C  CAY . RRQ B 2 .   ? -1.208  -1.353  -0.189  1.00 31.76 ? 201 RRQ B CAY 1 
HETATM 1246 C  CAZ . RRQ B 2 .   ? -1.731  -0.675  -1.250  1.00 30.90 ? 201 RRQ B CAZ 1 
HETATM 1247 O  O   . HOH C 3 .   ? 5.848   -7.344  -5.616  1.00 14.78 ? 301 HOH B O   1 
HETATM 1248 O  O   . HOH C 3 .   ? -3.373  -14.435 7.927   1.00 29.92 ? 302 HOH B O   1 
HETATM 1249 O  O   . HOH C 3 .   ? -11.325 1.952   3.122   1.00 32.56 ? 303 HOH B O   1 
HETATM 1250 O  O   . HOH C 3 .   ? 9.676   -6.587  -5.136  1.00 27.58 ? 304 HOH B O   1 
HETATM 1251 O  O   . HOH C 3 .   ? 12.982  -9.263  4.237   1.00 32.84 ? 305 HOH B O   1 
HETATM 1252 O  O   . HOH C 3 .   ? -5.121  8.143   -23.392 1.00 21.76 ? 306 HOH B O   1 
HETATM 1253 O  O   . HOH C 3 .   ? -1.822  -9.615  -9.327  1.00 27.41 ? 307 HOH B O   1 
HETATM 1254 O  O   . HOH C 3 .   ? 5.759   -11.287 11.205  1.00 18.03 ? 308 HOH B O   1 
HETATM 1255 O  O   . HOH C 3 .   ? -4.277  -12.587 1.204   1.00 26.21 ? 309 HOH B O   1 
HETATM 1256 O  O   . HOH C 3 .   ? 10.988  -6.508  15.153  1.00 30.88 ? 310 HOH B O   1 
HETATM 1257 O  O   . HOH C 3 .   ? 2.969   -1.815  -4.082  1.00 23.84 ? 311 HOH B O   1 
HETATM 1258 O  O   . HOH C 3 .   ? 5.687   -13.743 3.840   1.00 23.44 ? 312 HOH B O   1 
HETATM 1259 O  O   . HOH C 3 .   ? 12.953  -5.317  -0.214  1.00 26.73 ? 313 HOH B O   1 
HETATM 1260 O  O   . HOH C 3 .   ? 5.534   -14.894 17.795  1.00 18.50 ? 314 HOH B O   1 
HETATM 1261 O  O   . HOH C 3 .   ? -11.686 -4.935  10.959  1.00 30.28 ? 315 HOH B O   1 
HETATM 1262 O  O   . HOH C 3 .   ? 6.941   5.600   6.795   1.00 25.20 ? 316 HOH B O   1 
HETATM 1263 O  O   . HOH C 3 .   ? -4.408  1.599   5.439   1.00 34.67 ? 317 HOH B O   1 
HETATM 1264 O  O   . HOH C 3 .   ? -0.927  -5.263  17.363  1.00 27.06 ? 318 HOH B O   1 
HETATM 1265 O  O   . HOH C 3 .   ? -1.884  6.144   8.395   1.00 28.29 ? 319 HOH B O   1 
HETATM 1266 O  O   . HOH C 3 .   ? 8.845   -15.752 11.213  1.00 33.76 ? 320 HOH B O   1 
HETATM 1267 O  O   . HOH C 3 .   ? 8.856   -11.429 17.253  1.00 11.83 ? 321 HOH B O   1 
HETATM 1268 O  O   . HOH C 3 .   ? -15.534 9.402   -8.030  1.00 33.23 ? 322 HOH B O   1 
HETATM 1269 O  O   . HOH C 3 .   ? -13.254 -5.195  2.105   1.00 48.10 ? 323 HOH B O   1 
HETATM 1270 O  O   . HOH C 3 .   ? -0.098  0.094   17.295  1.00 37.83 ? 324 HOH B O   1 
HETATM 1271 O  O   . HOH C 3 .   ? 0.414   13.535  -0.657  1.00 38.71 ? 325 HOH B O   1 
HETATM 1272 O  O   . HOH C 3 .   ? 0.809   -14.485 9.934   1.00 33.71 ? 326 HOH B O   1 
HETATM 1273 O  O   . HOH C 3 .   ? -9.575  9.335   -23.224 1.00 32.04 ? 327 HOH B O   1 
HETATM 1274 O  O   . HOH C 3 .   ? 5.909   13.454  -2.739  1.00 31.23 ? 328 HOH B O   1 
HETATM 1275 O  O   . HOH C 3 .   ? -7.978  -5.790  -8.744  1.00 14.48 ? 329 HOH B O   1 
HETATM 1276 O  O   . HOH C 3 .   ? -6.247  3.831   -22.826 1.00 19.14 ? 330 HOH B O   1 
HETATM 1277 O  O   . HOH C 3 .   ? -6.043  2.345   11.953  1.00 31.48 ? 331 HOH B O   1 
HETATM 1278 O  O   . HOH C 3 .   ? -9.803  8.540   -19.372 1.00 19.47 ? 332 HOH B O   1 
HETATM 1279 O  O   . HOH C 3 .   ? 11.952  -14.915 15.648  1.00 31.31 ? 333 HOH B O   1 
HETATM 1280 O  O   . HOH C 3 .   ? 0.014   7.361   9.219   1.00 20.44 ? 334 HOH B O   1 
HETATM 1281 O  O   . HOH C 3 .   ? 5.417   -18.572 7.960   1.00 24.44 ? 335 HOH B O   1 
HETATM 1282 O  O   . HOH C 3 .   ? -9.124  -10.341 -4.636  1.00 35.28 ? 336 HOH B O   1 
HETATM 1283 O  O   . HOH C 3 .   ? 5.954   3.302   -13.751 1.00 26.49 ? 337 HOH B O   1 
HETATM 1284 O  O   . HOH C 3 .   ? -13.196 -4.733  -6.026  1.00 28.90 ? 338 HOH B O   1 
HETATM 1285 O  O   . HOH C 3 .   ? -15.620 12.636  -3.735  1.00 41.70 ? 339 HOH B O   1 
HETATM 1286 O  O   . HOH C 3 .   ? 11.622  9.828   -10.441 1.00 33.58 ? 340 HOH B O   1 
HETATM 1287 O  O   . HOH C 3 .   ? -3.291  -13.938 14.680  1.00 43.06 ? 341 HOH B O   1 
HETATM 1288 O  O   . HOH C 3 .   ? 2.221   2.192   18.748  1.00 35.46 ? 342 HOH B O   1 
HETATM 1289 O  O   . HOH C 3 .   ? -10.256 9.957   -16.245 1.00 27.03 ? 343 HOH B O   1 
HETATM 1290 O  O   . HOH C 3 .   ? -7.559  16.681  -10.956 1.00 34.47 ? 344 HOH B O   1 
HETATM 1291 O  O   . HOH C 3 .   ? 10.257  4.854   -0.618  1.00 34.19 ? 345 HOH B O   1 
HETATM 1292 O  O   . HOH C 3 .   ? -15.575 4.357   -12.527 1.00 27.89 ? 346 HOH B O   1 
HETATM 1293 O  O   . HOH C 3 .   ? -1.456  -2.880  18.412  1.00 37.91 ? 347 HOH B O   1 
HETATM 1294 O  O   . HOH C 3 .   ? 11.774  -7.605  -0.643  1.00 25.16 ? 348 HOH B O   1 
HETATM 1295 O  O   . HOH C 3 .   ? 5.464   1.712   -15.817 1.00 26.84 ? 349 HOH B O   1 
HETATM 1296 O  O   . HOH C 3 .   ? -7.622  -9.196  16.895  1.00 37.72 ? 350 HOH B O   1 
HETATM 1297 O  O   . HOH C 3 .   ? 1.351   -12.679 22.343  1.00 37.72 ? 351 HOH B O   1 
HETATM 1298 O  O   . HOH C 3 .   ? -3.943  16.069  -17.468 1.00 37.35 ? 352 HOH B O   1 
HETATM 1299 O  O   . HOH C 3 .   ? 11.291  -8.656  19.153  1.00 22.06 ? 353 HOH B O   1 
HETATM 1300 O  O   . HOH C 3 .   ? 12.630  -13.276 17.750  1.00 30.40 ? 354 HOH B O   1 
HETATM 1301 O  O   . HOH C 3 .   ? 4.042   9.545   8.674   1.00 38.82 ? 355 HOH B O   1 
HETATM 1302 O  O   . HOH C 3 .   ? -5.550  -6.698  17.927  1.00 34.67 ? 356 HOH B O   1 
HETATM 1303 O  O   . HOH C 3 .   ? 16.244  -0.691  -0.602  1.00 38.20 ? 357 HOH B O   1 
HETATM 1304 O  O   . HOH C 3 .   ? -16.136 -3.963  -5.101  1.00 37.52 ? 358 HOH B O   1 
HETATM 1305 O  O   . HOH C 3 .   ? 9.483   1.191   -10.629 1.00 35.38 ? 359 HOH B O   1 
HETATM 1306 O  O   . HOH C 3 .   ? -10.359 -0.194  12.164  1.00 31.38 ? 360 HOH B O   1 
HETATM 1307 O  O   . HOH C 3 .   ? -0.139  -18.476 19.274  1.00 41.94 ? 361 HOH B O   1 
HETATM 1308 O  O   . HOH C 3 .   ? -3.541  -10.461 19.970  1.00 37.41 ? 362 HOH B O   1 
HETATM 1309 O  O   . HOH C 3 .   ? -11.890 13.309  4.889   1.00 38.93 ? 363 HOH B O   1 
# 
